data_1TJW
#
_entry.id   1TJW
#
_cell.length_a   93.996
_cell.length_b   98.806
_cell.length_c   106.387
_cell.angle_alpha   90.00
_cell.angle_beta   101.34
_cell.angle_gamma   90.00
#
_symmetry.space_group_name_H-M   'P 1 21 1'
#
loop_
_entity.id
_entity.type
_entity.pdbx_description
1 polymer 'Delta crystallin II'
2 non-polymer ARGININOSUCCINATE
3 water water
#
_entity_poly.entity_id   1
_entity_poly.type   'polypeptide(L)'
_entity_poly.pdbx_seq_one_letter_code
;MASEARGDKLWGGRFSGSTDPIMEKLNSSIAYDQRLSEVDIQGSMAYAKALEKAGILTKTELEKILSGLEKISEEWSKGV
FVVKQSDEDIHTANERRLKELIGDIAGKLHTGRSRNDQVVTDLKLFMKNSLSIISTHLLQLIKTLVERAAIEIDVILPGY
DHLQKAQPIRWSQFLLSHAVALTRDSERLGEVKKRINVLPLGSGALAGNPLDIDREMLRSELEFASISLNSMDAISERDF
VVEFLSFATLLMIHLSKMAEDLIIYSTSEFGFLTLSDAFSTGSSLMPQKKNPDSLELIRSKAGRVFGRLASILMVLKGLP
STYNKDLQEDKEAVFDVVDTLTAVLQVATGVISTLQISKENMEKALTPEMLATDLALYLVRKGVPFRQAHTASGKAVHLA
ETKGITINKLSLEDLKSISPQFSSDVSQVFNFVNSVEQYTALAGTAKSSVTTQIEQLRELMKKQKEQAHHHHHH
;
_entity_poly.pdbx_strand_id   A,B,C,D
#
loop_
_chem_comp.id
_chem_comp.type
_chem_comp.name
_chem_comp.formula
AS1 non-polymer ARGININOSUCCINATE 'C10 H18 N4 O6'
#
# COMPACT_ATOMS: atom_id res chain seq x y z
N THR A 19 9.01 -35.14 -6.09
CA THR A 19 7.98 -34.11 -5.82
C THR A 19 7.77 -33.87 -4.32
N ASP A 20 7.08 -32.77 -4.01
CA ASP A 20 6.76 -32.39 -2.64
C ASP A 20 5.29 -31.96 -2.66
N PRO A 21 4.42 -32.58 -1.84
CA PRO A 21 3.01 -32.20 -1.87
C PRO A 21 2.68 -30.73 -1.60
N ILE A 22 3.36 -30.12 -0.63
CA ILE A 22 3.11 -28.71 -0.31
C ILE A 22 3.50 -27.82 -1.51
N MET A 23 4.63 -28.12 -2.12
CA MET A 23 5.10 -27.38 -3.30
C MET A 23 4.10 -27.55 -4.44
N GLU A 24 3.68 -28.78 -4.68
CA GLU A 24 2.74 -29.02 -5.76
C GLU A 24 1.46 -28.23 -5.56
N LYS A 25 0.98 -28.19 -4.34
CA LYS A 25 -0.25 -27.47 -4.05
C LYS A 25 -0.04 -25.97 -4.26
N LEU A 26 1.07 -25.44 -3.75
CA LEU A 26 1.36 -24.01 -3.88
C LEU A 26 1.52 -23.57 -5.34
N ASN A 27 2.17 -24.41 -6.14
CA ASN A 27 2.43 -24.13 -7.55
C ASN A 27 1.19 -24.28 -8.44
N SER A 28 0.28 -25.17 -8.04
CA SER A 28 -0.94 -25.45 -8.79
C SER A 28 -1.92 -24.28 -8.83
N SER A 29 -2.49 -24.01 -10.00
CA SER A 29 -3.45 -22.89 -10.13
C SER A 29 -4.87 -23.33 -10.51
N ILE A 30 -5.05 -24.64 -10.73
CA ILE A 30 -6.35 -25.16 -11.16
C ILE A 30 -7.55 -24.77 -10.30
N ALA A 31 -7.34 -24.70 -8.99
CA ALA A 31 -8.43 -24.36 -8.07
C ALA A 31 -9.13 -23.04 -8.43
N TYR A 32 -8.35 -22.03 -8.80
CA TYR A 32 -8.96 -20.75 -9.16
C TYR A 32 -8.97 -20.47 -10.66
N ASP A 33 -7.97 -20.93 -11.41
CA ASP A 33 -7.97 -20.61 -12.83
C ASP A 33 -9.01 -21.35 -13.68
N GLN A 34 -9.76 -22.25 -13.05
CA GLN A 34 -10.84 -22.99 -13.72
C GLN A 34 -11.85 -21.97 -14.22
N ARG A 35 -11.83 -20.79 -13.64
CA ARG A 35 -12.76 -19.75 -14.03
C ARG A 35 -12.52 -19.32 -15.49
N LEU A 36 -11.33 -19.60 -15.99
CA LEU A 36 -10.98 -19.26 -17.38
C LEU A 36 -11.35 -20.39 -18.35
N SER A 37 -12.07 -21.41 -17.87
CA SER A 37 -12.43 -22.56 -18.72
C SER A 37 -12.97 -22.24 -20.10
N GLU A 38 -13.99 -21.39 -20.16
CA GLU A 38 -14.61 -21.03 -21.44
C GLU A 38 -13.73 -20.21 -22.35
N VAL A 39 -13.04 -19.20 -21.80
CA VAL A 39 -12.16 -18.37 -22.64
C VAL A 39 -10.96 -19.17 -23.10
N ASP A 40 -10.56 -20.16 -22.30
CA ASP A 40 -9.43 -21.02 -22.69
C ASP A 40 -9.85 -21.85 -23.92
N ILE A 41 -11.06 -22.42 -23.86
CA ILE A 41 -11.59 -23.20 -24.97
C ILE A 41 -11.69 -22.31 -26.22
N GLN A 42 -12.18 -21.09 -26.04
CA GLN A 42 -12.32 -20.16 -27.15
C GLN A 42 -10.96 -19.82 -27.76
N GLY A 43 -9.95 -19.67 -26.90
CA GLY A 43 -8.61 -19.37 -27.37
C GLY A 43 -8.04 -20.54 -28.16
N SER A 44 -8.36 -21.77 -27.74
CA SER A 44 -7.87 -22.96 -28.45
C SER A 44 -8.55 -23.17 -29.79
N MET A 45 -9.84 -22.83 -29.88
CA MET A 45 -10.56 -23.00 -31.14
C MET A 45 -9.97 -22.08 -32.21
N ALA A 46 -9.69 -20.84 -31.83
CA ALA A 46 -9.09 -19.88 -32.76
C ALA A 46 -7.70 -20.36 -33.18
N TYR A 47 -6.92 -20.83 -32.21
CA TYR A 47 -5.58 -21.30 -32.49
C TYR A 47 -5.66 -22.51 -33.41
N ALA A 48 -6.63 -23.38 -33.16
CA ALA A 48 -6.81 -24.57 -34.00
C ALA A 48 -7.03 -24.12 -35.44
N LYS A 49 -7.93 -23.17 -35.63
CA LYS A 49 -8.22 -22.68 -36.99
C LYS A 49 -6.99 -22.15 -37.70
N ALA A 50 -6.13 -21.45 -36.96
CA ALA A 50 -4.92 -20.88 -37.52
C ALA A 50 -3.88 -21.98 -37.84
N LEU A 51 -3.86 -23.04 -37.01
CA LEU A 51 -2.93 -24.15 -37.24
C LEU A 51 -3.31 -24.87 -38.53
N GLU A 52 -4.61 -24.97 -38.80
CA GLU A 52 -5.06 -25.62 -40.03
C GLU A 52 -4.62 -24.79 -41.23
N LYS A 53 -4.83 -23.48 -41.14
CA LYS A 53 -4.42 -22.59 -42.22
C LYS A 53 -2.91 -22.72 -42.43
N ALA A 54 -2.16 -23.03 -41.37
CA ALA A 54 -0.71 -23.16 -41.49
C ALA A 54 -0.27 -24.54 -41.95
N GLY A 55 -1.20 -25.47 -42.06
CA GLY A 55 -0.84 -26.82 -42.49
C GLY A 55 -0.39 -27.77 -41.39
N ILE A 56 -0.50 -27.35 -40.13
CA ILE A 56 -0.10 -28.20 -39.02
C ILE A 56 -1.23 -29.19 -38.74
N LEU A 57 -2.47 -28.77 -39.02
CA LEU A 57 -3.64 -29.63 -38.84
C LEU A 57 -4.32 -29.81 -40.19
N THR A 58 -4.96 -30.95 -40.41
CA THR A 58 -5.68 -31.13 -41.67
C THR A 58 -7.11 -30.68 -41.41
N LYS A 59 -7.87 -30.55 -42.49
CA LYS A 59 -9.27 -30.13 -42.39
C LYS A 59 -10.09 -31.01 -41.46
N THR A 60 -9.91 -32.31 -41.60
CA THR A 60 -10.64 -33.27 -40.79
C THR A 60 -10.19 -33.19 -39.35
N GLU A 61 -8.88 -33.07 -39.15
CA GLU A 61 -8.38 -32.93 -37.80
C GLU A 61 -9.01 -31.69 -37.17
N LEU A 62 -9.05 -30.60 -37.93
CA LEU A 62 -9.62 -29.35 -37.43
C LEU A 62 -11.08 -29.56 -37.01
N GLU A 63 -11.89 -30.16 -37.87
CA GLU A 63 -13.29 -30.40 -37.54
C GLU A 63 -13.46 -31.22 -36.26
N LYS A 64 -12.63 -32.26 -36.09
CA LYS A 64 -12.72 -33.10 -34.89
C LYS A 64 -12.26 -32.37 -33.65
N ILE A 65 -11.24 -31.54 -33.80
CA ILE A 65 -10.72 -30.77 -32.68
C ILE A 65 -11.77 -29.76 -32.21
N LEU A 66 -12.35 -29.03 -33.16
CA LEU A 66 -13.38 -28.03 -32.83
C LEU A 66 -14.60 -28.68 -32.17
N SER A 67 -15.04 -29.82 -32.70
CA SER A 67 -16.18 -30.52 -32.14
C SER A 67 -15.88 -30.95 -30.71
N GLY A 68 -14.63 -31.37 -30.48
CA GLY A 68 -14.22 -31.79 -29.15
C GLY A 68 -14.18 -30.64 -28.15
N LEU A 69 -13.63 -29.50 -28.58
CA LEU A 69 -13.54 -28.33 -27.71
C LEU A 69 -14.94 -27.83 -27.38
N GLU A 70 -15.83 -27.99 -28.35
CA GLU A 70 -17.22 -27.58 -28.23
C GLU A 70 -17.87 -28.47 -27.16
N LYS A 71 -17.49 -29.73 -27.12
CA LYS A 71 -18.00 -30.66 -26.12
C LYS A 71 -17.54 -30.21 -24.74
N ILE A 72 -16.24 -29.92 -24.62
CA ILE A 72 -15.66 -29.50 -23.34
C ILE A 72 -16.29 -28.21 -22.85
N SER A 73 -16.52 -27.27 -23.76
CA SER A 73 -17.14 -26.00 -23.41
C SER A 73 -18.49 -26.28 -22.74
N GLU A 74 -19.25 -27.24 -23.27
CA GLU A 74 -20.56 -27.57 -22.70
C GLU A 74 -20.45 -28.25 -21.33
N GLU A 75 -19.46 -29.14 -21.17
CA GLU A 75 -19.28 -29.80 -19.88
C GLU A 75 -19.08 -28.74 -18.78
N TRP A 76 -18.22 -27.75 -19.05
CA TRP A 76 -17.98 -26.70 -18.05
C TRP A 76 -19.25 -25.89 -17.84
N SER A 77 -19.95 -25.61 -18.93
CA SER A 77 -21.17 -24.83 -18.87
C SER A 77 -22.20 -25.49 -17.97
N LYS A 78 -22.40 -26.79 -18.14
CA LYS A 78 -23.38 -27.53 -17.34
C LYS A 78 -22.80 -27.95 -16.01
N GLY A 79 -21.56 -27.57 -15.75
CA GLY A 79 -20.93 -27.92 -14.48
C GLY A 79 -20.67 -29.40 -14.28
N VAL A 80 -20.48 -30.14 -15.37
CA VAL A 80 -20.21 -31.57 -15.26
C VAL A 80 -18.79 -31.92 -15.65
N PHE A 81 -17.93 -30.92 -15.81
CA PHE A 81 -16.55 -31.22 -16.18
C PHE A 81 -15.87 -31.82 -14.95
N VAL A 82 -15.09 -32.87 -15.16
CA VAL A 82 -14.43 -33.51 -14.03
C VAL A 82 -12.95 -33.22 -14.01
N VAL A 83 -12.54 -32.47 -12.98
CA VAL A 83 -11.14 -32.12 -12.79
C VAL A 83 -10.46 -33.31 -12.11
N LYS A 84 -9.27 -33.65 -12.59
CA LYS A 84 -8.48 -34.76 -12.03
C LYS A 84 -7.36 -34.24 -11.12
N GLN A 85 -6.93 -35.06 -10.16
CA GLN A 85 -5.86 -34.67 -9.24
C GLN A 85 -4.62 -34.23 -10.01
N SER A 86 -4.41 -34.83 -11.18
CA SER A 86 -3.23 -34.51 -11.97
C SER A 86 -3.24 -33.17 -12.70
N ASP A 87 -4.41 -32.55 -12.83
CA ASP A 87 -4.52 -31.27 -13.53
C ASP A 87 -3.87 -30.13 -12.74
N GLU A 88 -2.72 -29.63 -13.19
CA GLU A 88 -2.09 -28.54 -12.44
C GLU A 88 -2.78 -27.20 -12.71
N ASP A 89 -3.31 -27.04 -13.93
CA ASP A 89 -4.02 -25.82 -14.31
C ASP A 89 -5.16 -26.07 -15.29
N ILE A 90 -5.89 -25.02 -15.60
CA ILE A 90 -7.02 -25.12 -16.50
C ILE A 90 -6.59 -25.54 -17.92
N HIS A 91 -5.42 -25.07 -18.35
CA HIS A 91 -4.89 -25.39 -19.68
C HIS A 91 -4.65 -26.89 -19.80
N THR A 92 -4.08 -27.48 -18.76
CA THR A 92 -3.78 -28.91 -18.74
C THR A 92 -5.05 -29.74 -18.67
N ALA A 93 -6.03 -29.28 -17.91
CA ALA A 93 -7.28 -30.01 -17.77
C ALA A 93 -8.02 -30.09 -19.11
N ASN A 94 -8.06 -28.97 -19.82
CA ASN A 94 -8.73 -28.97 -21.12
C ASN A 94 -8.04 -29.85 -22.15
N GLU A 95 -6.71 -29.88 -22.15
CA GLU A 95 -5.99 -30.71 -23.10
C GLU A 95 -6.14 -32.21 -22.75
N ARG A 96 -6.17 -32.52 -21.46
CA ARG A 96 -6.36 -33.91 -21.04
C ARG A 96 -7.73 -34.36 -21.52
N ARG A 97 -8.75 -33.57 -21.21
CA ARG A 97 -10.11 -33.91 -21.61
C ARG A 97 -10.28 -34.00 -23.12
N LEU A 98 -9.62 -33.11 -23.89
CA LEU A 98 -9.74 -33.19 -25.34
C LEU A 98 -9.15 -34.51 -25.88
N LYS A 99 -8.07 -34.98 -25.25
CA LYS A 99 -7.45 -36.24 -25.66
C LYS A 99 -8.37 -37.41 -25.33
N GLU A 100 -9.03 -37.34 -24.17
CA GLU A 100 -9.95 -38.41 -23.77
C GLU A 100 -11.08 -38.50 -24.79
N LEU A 101 -11.48 -37.34 -25.30
CA LEU A 101 -12.57 -37.28 -26.27
C LEU A 101 -12.26 -37.64 -27.71
N ILE A 102 -11.13 -37.18 -28.23
CA ILE A 102 -10.83 -37.45 -29.64
C ILE A 102 -9.55 -38.22 -29.98
N GLY A 103 -8.81 -38.67 -28.97
CA GLY A 103 -7.58 -39.42 -29.28
C GLY A 103 -6.31 -38.63 -29.55
N ASP A 104 -5.36 -39.28 -30.23
CA ASP A 104 -4.05 -38.69 -30.54
C ASP A 104 -3.97 -37.32 -31.21
N ILE A 105 -4.88 -37.03 -32.13
CA ILE A 105 -4.82 -35.74 -32.82
C ILE A 105 -4.93 -34.54 -31.89
N ALA A 106 -5.52 -34.76 -30.71
CA ALA A 106 -5.66 -33.67 -29.76
C ALA A 106 -4.27 -33.08 -29.44
N GLY A 107 -3.26 -33.94 -29.41
CA GLY A 107 -1.92 -33.51 -29.08
C GLY A 107 -1.30 -32.50 -30.04
N LYS A 108 -1.89 -32.34 -31.22
CA LYS A 108 -1.33 -31.39 -32.18
C LYS A 108 -1.80 -29.95 -31.91
N LEU A 109 -2.76 -29.78 -31.01
CA LEU A 109 -3.30 -28.46 -30.72
C LEU A 109 -2.29 -27.47 -30.12
N HIS A 110 -1.42 -27.94 -29.24
CA HIS A 110 -0.46 -27.07 -28.60
C HIS A 110 0.80 -26.78 -29.41
N THR A 111 0.83 -27.24 -30.66
CA THR A 111 1.98 -27.00 -31.54
C THR A 111 2.28 -25.50 -31.70
N GLY A 112 3.47 -25.10 -31.26
CA GLY A 112 3.91 -23.72 -31.35
C GLY A 112 3.34 -22.76 -30.33
N ARG A 113 2.50 -23.27 -29.44
CA ARG A 113 1.86 -22.43 -28.41
C ARG A 113 2.54 -22.66 -27.07
N SER A 114 2.40 -21.69 -26.18
CA SER A 114 2.99 -21.78 -24.87
C SER A 114 1.95 -21.49 -23.81
N ARG A 115 2.16 -21.98 -22.59
CA ARG A 115 1.21 -21.66 -21.53
C ARG A 115 1.36 -20.15 -21.29
N ASN A 116 2.53 -19.62 -21.63
CA ASN A 116 2.79 -18.20 -21.42
C ASN A 116 1.88 -17.30 -22.24
N ASP A 117 1.76 -17.55 -23.55
CA ASP A 117 0.88 -16.68 -24.33
C ASP A 117 -0.59 -17.10 -24.24
N GLN A 118 -0.79 -18.37 -23.87
CA GLN A 118 -2.13 -18.88 -23.68
C GLN A 118 -2.81 -18.24 -22.46
N VAL A 119 -2.10 -18.17 -21.34
CA VAL A 119 -2.68 -17.62 -20.13
C VAL A 119 -3.04 -16.12 -20.20
N VAL A 120 -2.19 -15.28 -20.79
CA VAL A 120 -2.55 -13.86 -20.87
C VAL A 120 -3.68 -13.67 -21.89
N THR A 121 -3.77 -14.56 -22.88
CA THR A 121 -4.87 -14.44 -23.85
C THR A 121 -6.15 -14.73 -23.08
N ASP A 122 -6.15 -15.83 -22.33
CA ASP A 122 -7.32 -16.21 -21.55
C ASP A 122 -7.73 -15.10 -20.60
N LEU A 123 -6.76 -14.56 -19.85
CA LEU A 123 -7.06 -13.51 -18.89
C LEU A 123 -7.58 -12.23 -19.54
N LYS A 124 -7.04 -11.85 -20.70
CA LYS A 124 -7.52 -10.63 -21.35
C LYS A 124 -8.93 -10.83 -21.89
N LEU A 125 -9.21 -12.00 -22.46
CA LEU A 125 -10.56 -12.28 -22.95
C LEU A 125 -11.55 -12.25 -21.77
N PHE A 126 -11.14 -12.82 -20.64
CA PHE A 126 -11.99 -12.83 -19.45
C PHE A 126 -12.25 -11.41 -18.93
N MET A 127 -11.19 -10.62 -18.86
CA MET A 127 -11.33 -9.25 -18.37
C MET A 127 -12.13 -8.36 -19.33
N LYS A 128 -12.00 -8.59 -20.62
CA LYS A 128 -12.75 -7.79 -21.57
C LYS A 128 -14.26 -8.01 -21.33
N ASN A 129 -14.65 -9.28 -21.22
CA ASN A 129 -16.06 -9.60 -20.99
C ASN A 129 -16.50 -9.09 -19.61
N SER A 130 -15.61 -9.16 -18.63
CA SER A 130 -15.94 -8.67 -17.29
C SER A 130 -16.08 -7.14 -17.28
N LEU A 131 -15.21 -6.45 -18.00
CA LEU A 131 -15.28 -5.01 -18.05
C LEU A 131 -16.58 -4.54 -18.75
N SER A 132 -17.14 -5.37 -19.63
CA SER A 132 -18.38 -4.98 -20.29
C SER A 132 -19.51 -5.05 -19.25
N ILE A 133 -19.49 -6.10 -18.43
CA ILE A 133 -20.49 -6.27 -17.39
C ILE A 133 -20.39 -5.14 -16.37
N ILE A 134 -19.16 -4.83 -15.97
CA ILE A 134 -18.95 -3.76 -15.00
C ILE A 134 -19.44 -2.44 -15.56
N SER A 135 -19.14 -2.18 -16.82
CA SER A 135 -19.57 -0.94 -17.48
C SER A 135 -21.08 -0.80 -17.36
N THR A 136 -21.79 -1.89 -17.61
CA THR A 136 -23.25 -1.88 -17.54
C THR A 136 -23.77 -1.46 -16.16
N HIS A 137 -23.16 -1.98 -15.10
CA HIS A 137 -23.58 -1.65 -13.74
C HIS A 137 -23.15 -0.24 -13.32
N LEU A 138 -21.98 0.18 -13.78
CA LEU A 138 -21.49 1.51 -13.43
C LEU A 138 -22.41 2.57 -14.06
N LEU A 139 -22.71 2.39 -15.34
CA LEU A 139 -23.58 3.33 -16.03
C LEU A 139 -25.00 3.34 -15.42
N GLN A 140 -25.46 2.21 -14.90
CA GLN A 140 -26.79 2.18 -14.28
C GLN A 140 -26.80 2.99 -12.96
N LEU A 141 -25.72 2.89 -12.20
CA LEU A 141 -25.56 3.63 -10.94
C LEU A 141 -25.63 5.11 -11.29
N ILE A 142 -24.81 5.53 -12.25
CA ILE A 142 -24.78 6.93 -12.66
C ILE A 142 -26.17 7.38 -13.13
N LYS A 143 -26.81 6.58 -13.97
CA LYS A 143 -28.16 6.92 -14.43
C LYS A 143 -29.12 7.08 -13.24
N THR A 144 -29.01 6.18 -12.26
CA THR A 144 -29.89 6.21 -11.09
C THR A 144 -29.74 7.51 -10.30
N LEU A 145 -28.49 7.94 -10.09
CA LEU A 145 -28.21 9.19 -9.39
C LEU A 145 -28.76 10.36 -10.21
N VAL A 146 -28.45 10.39 -11.50
CA VAL A 146 -28.94 11.48 -12.34
C VAL A 146 -30.48 11.51 -12.37
N GLU A 147 -31.13 10.37 -12.53
CA GLU A 147 -32.60 10.38 -12.55
C GLU A 147 -33.17 10.92 -11.25
N ARG A 148 -32.56 10.57 -10.12
CA ARG A 148 -33.07 11.04 -8.85
C ARG A 148 -32.82 12.52 -8.67
N ALA A 149 -31.70 13.00 -9.20
CA ALA A 149 -31.38 14.42 -9.13
C ALA A 149 -32.40 15.20 -9.98
N ALA A 150 -32.81 14.61 -11.09
CA ALA A 150 -33.78 15.31 -11.93
C ALA A 150 -35.15 15.42 -11.23
N ILE A 151 -35.54 14.39 -10.49
CA ILE A 151 -36.83 14.38 -9.80
C ILE A 151 -36.95 15.17 -8.50
N GLU A 152 -35.86 15.18 -7.72
CA GLU A 152 -35.83 15.87 -6.43
C GLU A 152 -35.08 17.17 -6.53
N ILE A 153 -35.20 17.79 -7.70
CA ILE A 153 -34.52 19.02 -8.05
C ILE A 153 -34.83 20.27 -7.21
N ASP A 154 -35.96 20.32 -6.52
CA ASP A 154 -36.29 21.48 -5.69
C ASP A 154 -35.81 21.32 -4.24
N VAL A 155 -35.39 20.12 -3.84
CA VAL A 155 -34.95 19.88 -2.47
C VAL A 155 -33.68 20.65 -2.10
N ILE A 156 -33.75 21.39 -1.00
CA ILE A 156 -32.62 22.19 -0.53
C ILE A 156 -32.17 21.71 0.85
N LEU A 157 -30.86 21.67 1.07
CA LEU A 157 -30.33 21.23 2.37
C LEU A 157 -28.95 21.87 2.58
N PRO A 158 -28.35 21.64 3.75
CA PRO A 158 -27.03 22.22 4.00
C PRO A 158 -25.89 21.64 3.16
N GLY A 159 -24.97 22.50 2.77
CA GLY A 159 -23.77 22.08 2.06
C GLY A 159 -22.76 22.03 3.20
N TYR A 160 -21.86 21.06 3.18
CA TYR A 160 -20.88 20.94 4.27
C TYR A 160 -19.42 21.02 3.88
N ASP A 161 -18.63 21.58 4.81
CA ASP A 161 -17.19 21.68 4.68
C ASP A 161 -16.69 21.50 6.12
N HIS A 162 -15.72 20.60 6.30
CA HIS A 162 -15.22 20.31 7.64
C HIS A 162 -16.39 19.70 8.43
N LEU A 163 -17.34 19.14 7.68
CA LEU A 163 -18.54 18.52 8.22
C LEU A 163 -19.36 19.49 9.05
N GLN A 164 -19.20 20.78 8.76
CA GLN A 164 -19.95 21.84 9.46
C GLN A 164 -20.87 22.55 8.45
N LYS A 165 -22.08 22.90 8.88
CA LYS A 165 -23.04 23.57 8.01
C LYS A 165 -22.45 24.85 7.44
N ALA A 166 -22.41 24.96 6.12
CA ALA A 166 -21.83 26.13 5.47
C ALA A 166 -22.86 27.05 4.82
N GLN A 167 -23.52 26.55 3.78
CA GLN A 167 -24.50 27.35 3.06
C GLN A 167 -25.49 26.40 2.40
N PRO A 168 -26.66 26.93 2.02
CA PRO A 168 -27.66 26.07 1.37
C PRO A 168 -27.19 25.60 -0.02
N ILE A 169 -27.58 24.39 -0.40
CA ILE A 169 -27.28 23.85 -1.73
C ILE A 169 -28.44 22.94 -2.07
N ARG A 170 -28.58 22.60 -3.35
CA ARG A 170 -29.63 21.69 -3.77
C ARG A 170 -29.16 20.26 -3.53
N TRP A 171 -30.07 19.43 -3.01
CA TRP A 171 -29.80 18.02 -2.76
C TRP A 171 -29.32 17.39 -4.08
N SER A 172 -29.87 17.90 -5.18
CA SER A 172 -29.50 17.41 -6.51
C SER A 172 -28.06 17.71 -6.87
N GLN A 173 -27.55 18.85 -6.40
CA GLN A 173 -26.16 19.26 -6.66
C GLN A 173 -25.25 18.24 -5.93
N PHE A 174 -25.66 17.80 -4.75
CA PHE A 174 -24.91 16.80 -3.99
C PHE A 174 -24.91 15.47 -4.76
N LEU A 175 -26.08 15.05 -5.23
CA LEU A 175 -26.21 13.80 -5.98
C LEU A 175 -25.41 13.85 -7.27
N LEU A 176 -25.45 14.99 -7.95
CA LEU A 176 -24.70 15.11 -9.20
C LEU A 176 -23.19 15.15 -8.96
N SER A 177 -22.75 15.60 -7.79
CA SER A 177 -21.31 15.65 -7.54
C SER A 177 -20.76 14.23 -7.58
N HIS A 178 -21.53 13.26 -7.08
CA HIS A 178 -21.09 11.88 -7.11
C HIS A 178 -21.17 11.30 -8.51
N ALA A 179 -22.24 11.62 -9.25
CA ALA A 179 -22.38 11.11 -10.60
C ALA A 179 -21.23 11.57 -11.50
N VAL A 180 -20.83 12.83 -11.37
CA VAL A 180 -19.75 13.39 -12.18
C VAL A 180 -18.45 12.58 -11.96
N ALA A 181 -18.13 12.32 -10.69
CA ALA A 181 -16.93 11.56 -10.38
C ALA A 181 -17.03 10.13 -10.96
N LEU A 182 -18.20 9.52 -10.86
CA LEU A 182 -18.38 8.17 -11.38
C LEU A 182 -18.28 8.14 -12.91
N THR A 183 -18.60 9.27 -13.54
CA THR A 183 -18.50 9.37 -14.98
C THR A 183 -17.02 9.34 -15.41
N ARG A 184 -16.13 9.92 -14.61
CA ARG A 184 -14.70 9.88 -14.92
C ARG A 184 -14.26 8.42 -14.72
N ASP A 185 -14.85 7.75 -13.75
CA ASP A 185 -14.51 6.35 -13.54
C ASP A 185 -14.86 5.55 -14.80
N SER A 186 -16.01 5.86 -15.38
CA SER A 186 -16.44 5.17 -16.58
C SER A 186 -15.50 5.47 -17.76
N GLU A 187 -14.96 6.69 -17.82
CA GLU A 187 -14.04 7.06 -18.91
C GLU A 187 -12.74 6.27 -18.76
N ARG A 188 -12.27 6.14 -17.52
CA ARG A 188 -11.05 5.39 -17.27
C ARG A 188 -11.27 3.93 -17.64
N LEU A 189 -12.46 3.40 -17.34
CA LEU A 189 -12.77 2.01 -17.69
C LEU A 189 -12.58 1.80 -19.18
N GLY A 190 -13.08 2.74 -19.98
CA GLY A 190 -12.94 2.61 -21.42
C GLY A 190 -11.47 2.61 -21.85
N GLU A 191 -10.66 3.46 -21.24
CA GLU A 191 -9.24 3.52 -21.57
C GLU A 191 -8.52 2.20 -21.26
N VAL A 192 -8.83 1.62 -20.10
CA VAL A 192 -8.24 0.34 -19.70
C VAL A 192 -8.71 -0.76 -20.65
N LYS A 193 -10.00 -0.78 -20.96
CA LYS A 193 -10.54 -1.78 -21.86
C LYS A 193 -9.82 -1.78 -23.20
N LYS A 194 -9.50 -0.59 -23.72
CA LYS A 194 -8.79 -0.47 -25.00
C LYS A 194 -7.47 -1.23 -25.04
N ARG A 195 -6.63 -1.05 -24.01
CA ARG A 195 -5.34 -1.73 -23.98
C ARG A 195 -5.48 -3.22 -23.67
N ILE A 196 -6.59 -3.60 -23.05
CA ILE A 196 -6.85 -5.00 -22.76
C ILE A 196 -7.27 -5.73 -24.06
N ASN A 197 -7.93 -5.00 -24.96
CA ASN A 197 -8.43 -5.53 -26.23
C ASN A 197 -7.35 -5.65 -27.32
N VAL A 198 -6.19 -6.15 -26.92
CA VAL A 198 -5.03 -6.35 -27.79
C VAL A 198 -4.62 -7.80 -27.59
N LEU A 199 -4.59 -8.55 -28.69
CA LEU A 199 -4.24 -9.97 -28.72
C LEU A 199 -2.78 -10.31 -28.41
N PRO A 200 -2.53 -11.14 -27.36
CA PRO A 200 -1.17 -11.55 -26.99
C PRO A 200 -0.81 -12.96 -27.55
N LEU A 201 -1.82 -13.70 -27.99
CA LEU A 201 -1.60 -15.05 -28.51
C LEU A 201 -0.68 -15.01 -29.74
N GLY A 202 0.22 -15.98 -29.83
CA GLY A 202 1.15 -16.03 -30.94
C GLY A 202 2.47 -15.35 -30.57
N SER A 203 2.69 -15.22 -29.26
CA SER A 203 3.91 -14.63 -28.71
C SER A 203 4.81 -15.77 -28.24
N GLY A 204 4.25 -16.98 -28.20
CA GLY A 204 5.03 -18.14 -27.76
C GLY A 204 5.45 -18.05 -26.31
N ALA A 205 6.56 -18.69 -25.96
CA ALA A 205 7.06 -18.67 -24.59
C ALA A 205 7.73 -17.33 -24.28
N LEU A 206 8.32 -16.71 -25.29
CA LEU A 206 8.94 -15.40 -25.09
C LEU A 206 9.48 -14.76 -26.37
N ALA A 207 9.86 -15.58 -27.36
CA ALA A 207 10.45 -15.05 -28.58
C ALA A 207 9.52 -14.85 -29.76
N GLY A 208 8.27 -15.27 -29.61
CA GLY A 208 7.28 -15.17 -30.68
C GLY A 208 6.76 -16.57 -31.03
N ASN A 209 5.87 -16.68 -32.02
CA ASN A 209 5.38 -17.98 -32.46
C ASN A 209 6.41 -18.47 -33.49
N PRO A 210 6.85 -19.74 -33.40
CA PRO A 210 7.85 -20.27 -34.34
C PRO A 210 7.38 -20.79 -35.69
N LEU A 211 6.07 -20.89 -35.89
CA LEU A 211 5.55 -21.46 -37.13
C LEU A 211 4.80 -20.50 -38.07
N ASP A 212 5.13 -19.22 -37.98
CA ASP A 212 4.54 -18.17 -38.80
C ASP A 212 3.01 -18.17 -38.71
N ILE A 213 2.49 -18.44 -37.52
CA ILE A 213 1.05 -18.48 -37.29
C ILE A 213 0.48 -17.13 -37.77
N ASP A 214 -0.73 -17.16 -38.32
CA ASP A 214 -1.36 -15.94 -38.82
C ASP A 214 -2.04 -15.21 -37.66
N ARG A 215 -1.33 -14.25 -37.06
CA ARG A 215 -1.87 -13.53 -35.92
C ARG A 215 -3.08 -12.64 -36.26
N GLU A 216 -3.15 -12.15 -37.50
CA GLU A 216 -4.31 -11.34 -37.89
C GLU A 216 -5.55 -12.22 -37.86
N MET A 217 -5.42 -13.46 -38.30
CA MET A 217 -6.55 -14.39 -38.28
C MET A 217 -7.01 -14.65 -36.84
N LEU A 218 -6.05 -14.83 -35.94
CA LEU A 218 -6.35 -15.06 -34.51
C LEU A 218 -7.06 -13.83 -33.93
N ARG A 219 -6.61 -12.64 -34.33
CA ARG A 219 -7.23 -11.40 -33.83
C ARG A 219 -8.70 -11.33 -34.24
N SER A 220 -8.98 -11.59 -35.51
CA SER A 220 -10.35 -11.56 -36.02
C SER A 220 -11.24 -12.61 -35.35
N GLU A 221 -10.76 -13.85 -35.25
CA GLU A 221 -11.54 -14.92 -34.61
C GLU A 221 -11.87 -14.62 -33.15
N LEU A 222 -10.90 -14.10 -32.41
CA LEU A 222 -11.09 -13.81 -31.00
C LEU A 222 -11.73 -12.44 -30.73
N GLU A 223 -11.85 -11.64 -31.79
CA GLU A 223 -12.45 -10.32 -31.73
C GLU A 223 -11.69 -9.22 -30.98
N PHE A 224 -10.36 -9.34 -30.98
CA PHE A 224 -9.50 -8.31 -30.39
C PHE A 224 -9.38 -7.19 -31.42
N ALA A 225 -9.08 -5.99 -30.92
CA ALA A 225 -8.95 -4.82 -31.79
C ALA A 225 -7.64 -4.77 -32.58
N SER A 226 -6.56 -5.27 -32.00
CA SER A 226 -5.27 -5.27 -32.68
C SER A 226 -4.39 -6.36 -32.05
N ILE A 227 -3.15 -6.47 -32.48
CA ILE A 227 -2.28 -7.50 -31.91
C ILE A 227 -1.09 -6.91 -31.18
N SER A 228 -0.53 -7.69 -30.24
CA SER A 228 0.59 -7.21 -29.45
C SER A 228 1.81 -6.94 -30.32
N LEU A 229 2.55 -5.89 -29.99
CA LEU A 229 3.72 -5.48 -30.75
C LEU A 229 5.01 -6.28 -30.53
N ASN A 230 5.25 -6.74 -29.30
CA ASN A 230 6.49 -7.43 -28.92
C ASN A 230 6.22 -8.65 -28.04
N SER A 231 6.67 -9.83 -28.48
CA SER A 231 6.42 -11.07 -27.74
C SER A 231 6.91 -11.08 -26.30
N MET A 232 8.05 -10.46 -26.03
CA MET A 232 8.58 -10.47 -24.68
C MET A 232 7.70 -9.67 -23.73
N ASP A 233 7.31 -8.48 -24.18
CA ASP A 233 6.44 -7.62 -23.41
C ASP A 233 5.07 -8.29 -23.27
N ALA A 234 4.55 -8.84 -24.36
CA ALA A 234 3.21 -9.46 -24.30
C ALA A 234 3.08 -10.55 -23.25
N ILE A 235 4.12 -11.36 -23.10
CA ILE A 235 4.11 -12.46 -22.13
C ILE A 235 4.43 -12.05 -20.69
N SER A 236 5.27 -11.03 -20.53
CA SER A 236 5.70 -10.63 -19.21
C SER A 236 4.94 -9.50 -18.52
N GLU A 237 4.38 -8.58 -19.29
CA GLU A 237 3.68 -7.45 -18.68
C GLU A 237 2.33 -7.79 -18.08
N ARG A 238 2.02 -7.08 -17.01
CA ARG A 238 0.73 -7.22 -16.38
C ARG A 238 0.17 -5.79 -16.16
N ASP A 239 0.55 -4.86 -17.03
CA ASP A 239 0.04 -3.48 -17.01
C ASP A 239 -1.48 -3.50 -17.00
N PHE A 240 -2.04 -4.38 -17.83
CA PHE A 240 -3.50 -4.45 -17.95
C PHE A 240 -4.16 -4.85 -16.63
N VAL A 241 -3.45 -5.61 -15.81
CA VAL A 241 -3.99 -5.97 -14.51
C VAL A 241 -3.87 -4.76 -13.58
N VAL A 242 -2.67 -4.19 -13.51
CA VAL A 242 -2.44 -3.03 -12.65
C VAL A 242 -3.47 -1.94 -12.93
N GLU A 243 -3.59 -1.57 -14.20
CA GLU A 243 -4.52 -0.54 -14.69
C GLU A 243 -5.95 -0.75 -14.25
N PHE A 244 -6.39 -1.99 -14.40
CA PHE A 244 -7.74 -2.36 -14.03
C PHE A 244 -7.88 -2.16 -12.54
N LEU A 245 -6.87 -2.58 -11.78
CA LEU A 245 -6.92 -2.43 -10.34
C LEU A 245 -6.91 -0.95 -9.91
N SER A 246 -6.19 -0.08 -10.65
CA SER A 246 -6.15 1.35 -10.30
C SER A 246 -7.51 1.97 -10.60
N PHE A 247 -8.13 1.57 -11.70
CA PHE A 247 -9.44 2.06 -12.06
C PHE A 247 -10.44 1.64 -10.98
N ALA A 248 -10.40 0.36 -10.63
CA ALA A 248 -11.29 -0.17 -9.61
C ALA A 248 -11.10 0.48 -8.23
N THR A 249 -9.85 0.77 -7.87
CA THR A 249 -9.58 1.38 -6.57
C THR A 249 -10.11 2.82 -6.51
N LEU A 250 -9.86 3.63 -7.54
CA LEU A 250 -10.36 5.01 -7.51
C LEU A 250 -11.89 4.98 -7.50
N LEU A 251 -12.47 4.02 -8.20
CA LEU A 251 -13.94 3.88 -8.23
C LEU A 251 -14.43 3.59 -6.82
N MET A 252 -13.73 2.69 -6.11
CA MET A 252 -14.12 2.37 -4.75
C MET A 252 -13.94 3.58 -3.81
N ILE A 253 -12.94 4.41 -4.09
CA ILE A 253 -12.69 5.60 -3.27
C ILE A 253 -13.96 6.46 -3.36
N HIS A 254 -14.44 6.67 -4.59
CA HIS A 254 -15.63 7.48 -4.80
C HIS A 254 -16.82 6.93 -4.04
N LEU A 255 -17.01 5.62 -4.13
CA LEU A 255 -18.11 4.98 -3.45
C LEU A 255 -17.94 5.04 -1.93
N SER A 256 -16.69 5.08 -1.43
CA SER A 256 -16.50 5.14 0.03
C SER A 256 -16.87 6.53 0.53
N LYS A 257 -16.69 7.53 -0.33
CA LYS A 257 -17.00 8.89 0.03
C LYS A 257 -18.52 9.07 0.06
N MET A 258 -19.19 8.48 -0.94
CA MET A 258 -20.65 8.56 -1.03
C MET A 258 -21.25 7.76 0.12
N ALA A 259 -20.61 6.65 0.47
CA ALA A 259 -21.11 5.84 1.60
C ALA A 259 -20.98 6.63 2.91
N GLU A 260 -19.84 7.29 3.10
CA GLU A 260 -19.60 8.11 4.30
C GLU A 260 -20.69 9.19 4.41
N ASP A 261 -21.00 9.86 3.29
CA ASP A 261 -22.03 10.91 3.25
C ASP A 261 -23.41 10.39 3.69
N LEU A 262 -23.86 9.32 3.05
CA LEU A 262 -25.17 8.74 3.34
C LEU A 262 -25.25 8.16 4.74
N ILE A 263 -24.17 7.53 5.20
CA ILE A 263 -24.19 6.98 6.54
C ILE A 263 -24.44 8.11 7.55
N ILE A 264 -23.72 9.22 7.39
CA ILE A 264 -23.88 10.35 8.29
C ILE A 264 -25.27 10.98 8.16
N TYR A 265 -25.73 11.15 6.92
CA TYR A 265 -27.05 11.73 6.66
C TYR A 265 -28.17 10.86 7.18
N SER A 266 -27.91 9.57 7.33
CA SER A 266 -28.93 8.64 7.81
C SER A 266 -28.98 8.52 9.32
N THR A 267 -28.07 9.19 10.04
CA THR A 267 -28.07 9.14 11.51
C THR A 267 -29.33 9.86 12.01
N SER A 268 -29.76 9.58 13.23
CA SER A 268 -30.93 10.30 13.77
C SER A 268 -30.55 11.76 14.00
N GLU A 269 -29.30 12.02 14.34
CA GLU A 269 -28.84 13.38 14.58
C GLU A 269 -29.05 14.25 13.34
N PHE A 270 -28.62 13.76 12.19
CA PHE A 270 -28.80 14.51 10.94
C PHE A 270 -30.27 14.35 10.48
N GLY A 271 -30.73 13.11 10.43
CA GLY A 271 -32.11 12.82 10.03
C GLY A 271 -32.55 13.16 8.62
N PHE A 272 -31.61 13.26 7.70
CA PHE A 272 -31.94 13.62 6.32
C PHE A 272 -32.54 12.52 5.45
N LEU A 273 -32.25 11.27 5.77
CA LEU A 273 -32.74 10.16 4.97
C LEU A 273 -32.70 8.84 5.71
N THR A 274 -33.44 7.88 5.17
CA THR A 274 -33.53 6.55 5.75
C THR A 274 -33.41 5.49 4.65
N LEU A 275 -32.50 4.54 4.84
CA LEU A 275 -32.33 3.47 3.85
C LEU A 275 -33.54 2.53 3.95
N SER A 276 -33.81 1.80 2.88
CA SER A 276 -34.92 0.85 2.85
C SER A 276 -34.53 -0.39 3.66
N ASP A 277 -35.49 -1.23 3.97
CA ASP A 277 -35.22 -2.43 4.75
C ASP A 277 -34.27 -3.38 4.04
N ALA A 278 -34.37 -3.44 2.71
CA ALA A 278 -33.54 -4.34 1.90
C ALA A 278 -32.06 -4.07 2.06
N PHE A 279 -31.73 -2.80 2.28
CA PHE A 279 -30.34 -2.40 2.40
C PHE A 279 -29.88 -1.93 3.78
N SER A 280 -30.62 -2.31 4.81
CA SER A 280 -30.25 -1.96 6.18
C SER A 280 -30.67 -3.11 7.11
N THR A 281 -30.26 -3.03 8.37
CA THR A 281 -30.64 -4.05 9.33
C THR A 281 -31.20 -3.39 10.58
N GLY A 282 -32.04 -4.12 11.32
CA GLY A 282 -32.61 -3.56 12.52
C GLY A 282 -33.03 -4.58 13.56
N SER A 283 -33.54 -4.08 14.68
CA SER A 283 -33.99 -4.92 15.79
C SER A 283 -35.47 -4.62 16.05
N SER A 284 -36.22 -5.61 16.51
CA SER A 284 -37.65 -5.40 16.80
C SER A 284 -37.77 -4.62 18.11
N LEU A 285 -36.68 -4.60 18.88
CA LEU A 285 -36.68 -3.89 20.15
C LEU A 285 -36.53 -2.39 19.95
N MET A 286 -35.98 -2.01 18.81
CA MET A 286 -35.80 -0.60 18.44
C MET A 286 -36.12 -0.46 16.96
N PRO A 287 -37.39 -0.71 16.59
CA PRO A 287 -37.90 -0.64 15.21
C PRO A 287 -37.49 0.57 14.36
N GLN A 288 -37.28 1.72 14.99
CA GLN A 288 -36.90 2.92 14.25
C GLN A 288 -35.40 3.05 14.00
N LYS A 289 -34.63 2.09 14.50
CA LYS A 289 -33.17 2.10 14.34
C LYS A 289 -32.78 1.28 13.11
N LYS A 290 -32.25 1.94 12.09
CA LYS A 290 -31.82 1.27 10.88
C LYS A 290 -30.31 1.35 10.72
N ASN A 291 -29.65 0.19 10.73
CA ASN A 291 -28.20 0.16 10.58
C ASN A 291 -27.88 0.08 9.09
N PRO A 292 -27.06 1.02 8.59
CA PRO A 292 -26.71 1.04 7.16
C PRO A 292 -25.65 0.02 6.74
N ASP A 293 -25.93 -1.26 6.98
CA ASP A 293 -24.99 -2.33 6.64
C ASP A 293 -24.51 -2.27 5.19
N SER A 294 -25.41 -1.97 4.26
CA SER A 294 -25.03 -1.90 2.86
C SER A 294 -23.88 -0.93 2.56
N LEU A 295 -23.98 0.28 3.12
CA LEU A 295 -22.99 1.33 2.90
C LEU A 295 -21.67 1.06 3.60
N GLU A 296 -21.73 0.35 4.73
CA GLU A 296 -20.51 -0.01 5.46
C GLU A 296 -19.78 -1.11 4.68
N LEU A 297 -20.54 -2.02 4.07
CA LEU A 297 -19.93 -3.08 3.26
C LEU A 297 -19.20 -2.38 2.12
N ILE A 298 -19.92 -1.49 1.44
CA ILE A 298 -19.35 -0.74 0.31
C ILE A 298 -18.09 0.04 0.69
N ARG A 299 -18.14 0.77 1.80
CA ARG A 299 -17.00 1.57 2.23
C ARG A 299 -15.76 0.68 2.45
N SER A 300 -15.96 -0.46 3.09
CA SER A 300 -14.88 -1.39 3.41
C SER A 300 -14.22 -2.04 2.18
N LYS A 301 -14.97 -2.12 1.07
CA LYS A 301 -14.46 -2.73 -0.14
C LYS A 301 -13.38 -1.86 -0.79
N ALA A 302 -13.28 -0.61 -0.37
CA ALA A 302 -12.23 0.25 -0.92
C ALA A 302 -10.89 -0.37 -0.46
N GLY A 303 -10.83 -0.72 0.82
CA GLY A 303 -9.64 -1.33 1.37
C GLY A 303 -9.37 -2.67 0.71
N ARG A 304 -10.43 -3.48 0.50
CA ARG A 304 -10.28 -4.79 -0.13
C ARG A 304 -9.70 -4.67 -1.57
N VAL A 305 -10.21 -3.71 -2.33
CA VAL A 305 -9.74 -3.52 -3.70
C VAL A 305 -8.35 -2.91 -3.74
N PHE A 306 -8.12 -1.90 -2.92
CA PHE A 306 -6.80 -1.27 -2.84
C PHE A 306 -5.77 -2.33 -2.47
N GLY A 307 -6.14 -3.29 -1.62
CA GLY A 307 -5.21 -4.33 -1.23
C GLY A 307 -4.74 -5.16 -2.41
N ARG A 308 -5.64 -5.39 -3.37
CA ARG A 308 -5.25 -6.17 -4.55
C ARG A 308 -4.31 -5.34 -5.44
N LEU A 309 -4.56 -4.03 -5.51
CA LEU A 309 -3.70 -3.16 -6.32
C LEU A 309 -2.30 -3.13 -5.71
N ALA A 310 -2.20 -2.98 -4.39
CA ALA A 310 -0.90 -2.95 -3.72
C ALA A 310 -0.15 -4.28 -3.91
N SER A 311 -0.90 -5.38 -3.85
CA SER A 311 -0.34 -6.71 -4.03
C SER A 311 0.35 -6.88 -5.40
N ILE A 312 -0.37 -6.57 -6.46
CA ILE A 312 0.17 -6.76 -7.79
C ILE A 312 1.34 -5.83 -8.08
N LEU A 313 1.27 -4.61 -7.59
CA LEU A 313 2.38 -3.68 -7.80
C LEU A 313 3.64 -4.24 -7.13
N MET A 314 3.49 -4.76 -5.91
CA MET A 314 4.66 -5.33 -5.25
C MET A 314 5.15 -6.60 -5.98
N VAL A 315 4.22 -7.39 -6.51
CA VAL A 315 4.63 -8.62 -7.23
C VAL A 315 5.49 -8.27 -8.44
N LEU A 316 5.11 -7.23 -9.17
CA LEU A 316 5.83 -6.82 -10.38
C LEU A 316 7.12 -6.02 -10.18
N LYS A 317 7.18 -5.24 -9.11
CA LYS A 317 8.35 -4.42 -8.84
C LYS A 317 9.67 -5.20 -8.82
N GLY A 318 10.60 -4.81 -9.68
CA GLY A 318 11.90 -5.44 -9.69
C GLY A 318 12.05 -6.82 -10.29
N LEU A 319 11.01 -7.35 -10.95
CA LEU A 319 11.09 -8.67 -11.57
C LEU A 319 11.92 -8.62 -12.84
N PRO A 320 12.72 -9.66 -13.11
CA PRO A 320 13.50 -9.60 -14.34
C PRO A 320 12.64 -10.05 -15.53
N SER A 321 13.12 -9.83 -16.76
CA SER A 321 12.41 -10.29 -17.95
C SER A 321 12.77 -11.79 -17.99
N THR A 322 11.90 -12.66 -18.53
CA THR A 322 10.59 -12.30 -19.06
C THR A 322 9.54 -12.95 -18.16
N TYR A 323 9.17 -14.19 -18.45
CA TYR A 323 8.17 -14.84 -17.60
C TYR A 323 8.83 -15.39 -16.33
N ASN A 324 8.15 -15.20 -15.20
CA ASN A 324 8.59 -15.71 -13.90
C ASN A 324 7.30 -16.21 -13.26
N LYS A 325 7.38 -17.22 -12.40
CA LYS A 325 6.19 -17.75 -11.75
C LYS A 325 5.50 -16.71 -10.84
N ASP A 326 6.20 -15.63 -10.49
CA ASP A 326 5.58 -14.58 -9.66
C ASP A 326 4.28 -14.06 -10.28
N LEU A 327 4.24 -14.02 -11.60
CA LEU A 327 3.09 -13.51 -12.36
C LEU A 327 1.76 -14.22 -12.14
N GLN A 328 1.79 -15.45 -11.64
CA GLN A 328 0.56 -16.23 -11.40
C GLN A 328 -0.39 -15.60 -10.35
N GLU A 329 0.13 -14.66 -9.57
CA GLU A 329 -0.66 -13.97 -8.53
C GLU A 329 -1.73 -13.05 -9.11
N ASP A 330 -1.61 -12.74 -10.39
CA ASP A 330 -2.56 -11.84 -11.02
C ASP A 330 -4.00 -12.31 -11.02
N LYS A 331 -4.20 -13.61 -11.21
CA LYS A 331 -5.57 -14.11 -11.34
C LYS A 331 -6.51 -13.98 -10.15
N GLU A 332 -6.08 -14.37 -8.96
CA GLU A 332 -6.96 -14.24 -7.81
C GLU A 332 -7.28 -12.75 -7.52
N ALA A 333 -6.35 -11.85 -7.85
CA ALA A 333 -6.59 -10.43 -7.61
C ALA A 333 -7.67 -9.92 -8.58
N VAL A 334 -7.56 -10.30 -9.85
CA VAL A 334 -8.52 -9.88 -10.86
C VAL A 334 -9.93 -10.44 -10.56
N PHE A 335 -10.03 -11.75 -10.31
CA PHE A 335 -11.33 -12.36 -10.00
C PHE A 335 -12.02 -11.70 -8.82
N ASP A 336 -11.28 -11.48 -7.72
CA ASP A 336 -11.84 -10.83 -6.52
C ASP A 336 -12.38 -9.43 -6.83
N VAL A 337 -11.57 -8.64 -7.53
CA VAL A 337 -11.98 -7.28 -7.85
C VAL A 337 -13.17 -7.22 -8.80
N VAL A 338 -13.18 -8.07 -9.83
CA VAL A 338 -14.31 -8.10 -10.76
C VAL A 338 -15.59 -8.44 -9.98
N ASP A 339 -15.54 -9.47 -9.13
CA ASP A 339 -16.74 -9.86 -8.37
C ASP A 339 -17.16 -8.81 -7.35
N THR A 340 -16.17 -8.13 -6.78
CA THR A 340 -16.44 -7.09 -5.79
C THR A 340 -17.15 -5.89 -6.42
N LEU A 341 -16.67 -5.47 -7.57
CA LEU A 341 -17.25 -4.32 -8.25
C LEU A 341 -18.64 -4.62 -8.74
N THR A 342 -18.83 -5.80 -9.33
CA THR A 342 -20.13 -6.19 -9.83
C THR A 342 -21.22 -6.15 -8.75
N ALA A 343 -20.86 -6.66 -7.57
CA ALA A 343 -21.77 -6.69 -6.43
C ALA A 343 -21.99 -5.31 -5.85
N VAL A 344 -20.88 -4.63 -5.56
CA VAL A 344 -20.92 -3.30 -4.97
C VAL A 344 -21.70 -2.28 -5.80
N LEU A 345 -21.44 -2.25 -7.11
CA LEU A 345 -22.15 -1.31 -7.95
C LEU A 345 -23.67 -1.54 -7.94
N GLN A 346 -24.09 -2.80 -7.88
CA GLN A 346 -25.52 -3.10 -7.88
C GLN A 346 -26.19 -2.76 -6.57
N VAL A 347 -25.47 -2.95 -5.46
CA VAL A 347 -26.01 -2.62 -4.16
C VAL A 347 -26.12 -1.08 -4.05
N ALA A 348 -25.14 -0.37 -4.59
CA ALA A 348 -25.16 1.10 -4.55
C ALA A 348 -26.36 1.63 -5.36
N THR A 349 -26.62 1.04 -6.50
CA THR A 349 -27.75 1.47 -7.31
C THR A 349 -29.04 1.26 -6.50
N GLY A 350 -29.16 0.08 -5.90
CA GLY A 350 -30.32 -0.22 -5.07
C GLY A 350 -30.50 0.78 -3.93
N VAL A 351 -29.42 1.06 -3.22
CA VAL A 351 -29.44 2.00 -2.11
C VAL A 351 -29.92 3.37 -2.56
N ILE A 352 -29.35 3.86 -3.66
CA ILE A 352 -29.72 5.19 -4.15
C ILE A 352 -31.18 5.29 -4.65
N SER A 353 -31.64 4.27 -5.36
CA SER A 353 -33.01 4.30 -5.89
C SER A 353 -34.11 4.03 -4.85
N THR A 354 -33.79 3.28 -3.82
CA THR A 354 -34.80 2.93 -2.82
C THR A 354 -34.77 3.69 -1.50
N LEU A 355 -33.79 4.57 -1.29
CA LEU A 355 -33.76 5.28 -0.03
C LEU A 355 -34.87 6.34 0.03
N GLN A 356 -35.25 6.71 1.25
CA GLN A 356 -36.29 7.72 1.42
C GLN A 356 -35.70 8.94 2.10
N ILE A 357 -35.84 10.11 1.49
CA ILE A 357 -35.30 11.31 2.12
C ILE A 357 -36.42 12.00 2.89
N SER A 358 -36.03 12.91 3.77
CA SER A 358 -36.99 13.69 4.55
C SER A 358 -36.81 15.13 4.11
N LYS A 359 -37.65 15.55 3.17
CA LYS A 359 -37.57 16.91 2.67
C LYS A 359 -37.73 17.91 3.81
N GLU A 360 -38.60 17.57 4.76
CA GLU A 360 -38.88 18.42 5.92
C GLU A 360 -37.62 18.59 6.79
N ASN A 361 -36.98 17.49 7.12
CA ASN A 361 -35.80 17.59 7.94
C ASN A 361 -34.70 18.32 7.20
N MET A 362 -34.60 18.10 5.90
CA MET A 362 -33.57 18.77 5.13
C MET A 362 -33.77 20.28 5.13
N GLU A 363 -35.00 20.73 4.93
CA GLU A 363 -35.27 22.16 4.90
C GLU A 363 -35.18 22.78 6.30
N LYS A 364 -35.58 22.01 7.31
CA LYS A 364 -35.53 22.49 8.69
C LYS A 364 -34.09 22.74 9.12
N ALA A 365 -33.15 22.04 8.49
CA ALA A 365 -31.73 22.19 8.82
C ALA A 365 -31.14 23.52 8.32
N LEU A 366 -31.83 24.18 7.42
CA LEU A 366 -31.35 25.46 6.88
C LEU A 366 -31.61 26.57 7.90
N THR A 367 -30.56 27.29 8.29
CA THR A 367 -30.71 28.35 9.28
C THR A 367 -30.34 29.73 8.73
N PRO A 368 -30.89 30.80 9.34
CA PRO A 368 -30.64 32.20 8.95
C PRO A 368 -29.16 32.56 9.03
N GLU A 369 -28.48 31.99 10.01
CA GLU A 369 -27.06 32.23 10.21
C GLU A 369 -26.24 31.90 8.96
N MET A 370 -26.74 30.97 8.17
CA MET A 370 -26.07 30.54 6.94
C MET A 370 -26.18 31.57 5.82
N LEU A 371 -26.97 32.63 6.02
CA LEU A 371 -27.14 33.65 4.99
C LEU A 371 -26.33 34.91 5.22
N ALA A 372 -25.43 34.88 6.18
CA ALA A 372 -24.58 36.04 6.47
C ALA A 372 -23.64 36.35 5.30
N THR A 373 -23.21 35.32 4.58
CA THR A 373 -22.33 35.53 3.44
C THR A 373 -23.14 36.15 2.30
N ASP A 374 -24.39 35.72 2.16
CA ASP A 374 -25.29 36.23 1.13
C ASP A 374 -25.60 37.71 1.39
N LEU A 375 -25.65 38.07 2.67
CA LEU A 375 -25.91 39.45 3.05
C LEU A 375 -24.73 40.31 2.59
N ALA A 376 -23.52 39.79 2.73
CA ALA A 376 -22.34 40.53 2.29
C ALA A 376 -22.31 40.62 0.76
N LEU A 377 -22.77 39.56 0.10
CA LEU A 377 -22.81 39.57 -1.36
C LEU A 377 -23.87 40.57 -1.81
N TYR A 378 -24.92 40.70 -1.01
CA TYR A 378 -25.98 41.66 -1.29
C TYR A 378 -25.33 43.04 -1.47
N LEU A 379 -24.51 43.44 -0.50
CA LEU A 379 -23.83 44.73 -0.55
C LEU A 379 -22.81 44.76 -1.68
N VAL A 380 -22.10 43.65 -1.87
CA VAL A 380 -21.10 43.57 -2.94
C VAL A 380 -21.76 43.93 -4.28
N ARG A 381 -22.94 43.39 -4.52
CA ARG A 381 -23.63 43.66 -5.77
C ARG A 381 -24.13 45.11 -5.86
N LYS A 382 -23.87 45.90 -4.83
CA LYS A 382 -24.29 47.30 -4.85
C LYS A 382 -23.10 48.24 -4.94
N GLY A 383 -21.92 47.68 -5.16
CA GLY A 383 -20.73 48.51 -5.28
C GLY A 383 -19.87 48.64 -4.04
N VAL A 384 -20.29 48.02 -2.95
CA VAL A 384 -19.53 48.09 -1.72
C VAL A 384 -18.31 47.15 -1.80
N PRO A 385 -17.10 47.67 -1.54
CA PRO A 385 -15.89 46.86 -1.60
C PRO A 385 -16.01 45.60 -0.74
N PHE A 386 -15.50 44.49 -1.26
CA PHE A 386 -15.55 43.21 -0.57
C PHE A 386 -15.31 43.27 0.95
N ARG A 387 -14.15 43.79 1.36
CA ARG A 387 -13.79 43.91 2.77
C ARG A 387 -14.85 44.65 3.62
N GLN A 388 -15.26 45.83 3.15
CA GLN A 388 -16.25 46.64 3.86
C GLN A 388 -17.60 45.93 3.96
N ALA A 389 -18.02 45.29 2.88
CA ALA A 389 -19.29 44.59 2.89
C ALA A 389 -19.19 43.41 3.85
N HIS A 390 -18.00 42.81 3.91
CA HIS A 390 -17.77 41.69 4.81
C HIS A 390 -17.84 42.22 6.24
N THR A 391 -17.25 43.39 6.47
CA THR A 391 -17.26 44.01 7.80
C THR A 391 -18.69 44.34 8.22
N ALA A 392 -19.46 44.88 7.27
CA ALA A 392 -20.84 45.25 7.52
C ALA A 392 -21.72 44.05 7.88
N SER A 393 -21.55 42.94 7.17
CA SER A 393 -22.34 41.76 7.46
C SER A 393 -22.02 41.28 8.87
N GLY A 394 -20.74 41.41 9.25
CA GLY A 394 -20.31 41.01 10.57
C GLY A 394 -20.98 41.85 11.64
N LYS A 395 -21.15 43.15 11.37
CA LYS A 395 -21.79 44.05 12.31
C LYS A 395 -23.24 43.63 12.50
N ALA A 396 -23.92 43.33 11.39
CA ALA A 396 -25.31 42.89 11.47
C ALA A 396 -25.37 41.61 12.29
N VAL A 397 -24.49 40.65 12.01
CA VAL A 397 -24.49 39.40 12.76
C VAL A 397 -24.32 39.69 14.28
N HIS A 398 -23.40 40.60 14.62
CA HIS A 398 -23.15 40.97 16.02
C HIS A 398 -24.36 41.69 16.62
N LEU A 399 -24.90 42.67 15.91
CA LEU A 399 -26.06 43.41 16.39
C LEU A 399 -27.19 42.45 16.73
N ALA A 400 -27.45 41.50 15.82
CA ALA A 400 -28.50 40.51 16.01
C ALA A 400 -28.22 39.68 17.25
N GLU A 401 -26.95 39.40 17.50
CA GLU A 401 -26.54 38.60 18.65
C GLU A 401 -26.88 39.29 19.98
N THR A 402 -26.44 40.54 20.14
CA THR A 402 -26.69 41.30 21.36
C THR A 402 -28.16 41.55 21.61
N LYS A 403 -28.98 41.37 20.58
CA LYS A 403 -30.42 41.57 20.68
C LYS A 403 -31.19 40.26 20.79
N GLY A 404 -30.47 39.15 20.85
CA GLY A 404 -31.12 37.85 20.94
C GLY A 404 -32.11 37.58 19.82
N ILE A 405 -31.71 37.90 18.60
CA ILE A 405 -32.56 37.68 17.43
C ILE A 405 -31.73 37.17 16.26
N THR A 406 -32.38 36.52 15.31
CA THR A 406 -31.70 36.01 14.13
C THR A 406 -31.52 37.21 13.18
N ILE A 407 -30.53 37.15 12.29
CA ILE A 407 -30.29 38.26 11.39
C ILE A 407 -31.43 38.61 10.43
N ASN A 408 -32.29 37.64 10.10
CA ASN A 408 -33.42 37.94 9.21
C ASN A 408 -34.49 38.70 9.98
N LYS A 409 -34.21 39.00 11.24
CA LYS A 409 -35.16 39.73 12.08
C LYS A 409 -34.69 41.15 12.40
N LEU A 410 -33.48 41.50 11.98
CA LEU A 410 -32.97 42.84 12.22
C LEU A 410 -33.81 43.81 11.39
N SER A 411 -34.16 44.96 11.96
CA SER A 411 -34.97 45.96 11.26
C SER A 411 -34.17 46.68 10.19
N LEU A 412 -34.88 47.24 9.21
CA LEU A 412 -34.23 47.98 8.13
C LEU A 412 -33.46 49.16 8.70
N GLU A 413 -34.04 49.80 9.72
CA GLU A 413 -33.37 50.93 10.35
C GLU A 413 -32.08 50.44 10.98
N ASP A 414 -32.15 49.26 11.60
CA ASP A 414 -30.97 48.68 12.22
C ASP A 414 -29.90 48.45 11.17
N LEU A 415 -30.28 47.83 10.05
CA LEU A 415 -29.32 47.56 8.98
C LEU A 415 -28.74 48.85 8.42
N LYS A 416 -29.61 49.85 8.25
CA LYS A 416 -29.17 51.14 7.73
C LYS A 416 -28.14 51.81 8.64
N SER A 417 -28.23 51.57 9.95
CA SER A 417 -27.28 52.14 10.89
C SER A 417 -25.92 51.54 10.61
N ILE A 418 -25.94 50.33 10.04
CA ILE A 418 -24.71 49.60 9.70
C ILE A 418 -24.19 50.10 8.36
N SER A 419 -25.06 50.08 7.35
CA SER A 419 -24.69 50.51 6.02
C SER A 419 -25.88 51.15 5.30
N PRO A 420 -25.66 52.31 4.66
CA PRO A 420 -26.75 53.00 3.95
C PRO A 420 -27.18 52.27 2.67
N GLN A 421 -26.36 51.33 2.22
CA GLN A 421 -26.69 50.59 1.01
C GLN A 421 -27.67 49.42 1.24
N PHE A 422 -28.13 49.27 2.48
CA PHE A 422 -29.12 48.24 2.79
C PHE A 422 -30.47 48.89 2.51
N SER A 423 -31.20 48.35 1.53
CA SER A 423 -32.51 48.86 1.15
C SER A 423 -33.53 47.81 1.55
N SER A 424 -34.81 48.13 1.41
CA SER A 424 -35.86 47.18 1.79
C SER A 424 -35.83 45.86 1.02
N ASP A 425 -35.27 45.89 -0.18
CA ASP A 425 -35.23 44.66 -0.97
C ASP A 425 -34.27 43.66 -0.34
N VAL A 426 -33.61 44.05 0.73
CA VAL A 426 -32.67 43.16 1.40
C VAL A 426 -33.39 41.95 2.01
N SER A 427 -34.71 42.04 2.14
CA SER A 427 -35.48 40.94 2.70
C SER A 427 -35.42 39.68 1.82
N GLN A 428 -35.14 39.85 0.53
CA GLN A 428 -35.06 38.71 -0.39
C GLN A 428 -33.81 37.87 -0.15
N VAL A 429 -32.86 38.41 0.60
CA VAL A 429 -31.63 37.68 0.94
C VAL A 429 -31.99 36.51 1.86
N PHE A 430 -32.96 36.75 2.73
CA PHE A 430 -33.38 35.75 3.71
C PHE A 430 -34.42 34.82 3.15
N ASN A 431 -33.98 34.04 2.17
CA ASN A 431 -34.82 33.08 1.49
C ASN A 431 -33.81 32.06 0.97
N PHE A 432 -33.97 30.81 1.35
CA PHE A 432 -33.02 29.79 0.92
C PHE A 432 -33.04 29.48 -0.58
N VAL A 433 -34.21 29.61 -1.20
CA VAL A 433 -34.30 29.37 -2.65
C VAL A 433 -33.47 30.46 -3.31
N ASN A 434 -33.66 31.70 -2.88
CA ASN A 434 -32.90 32.81 -3.45
C ASN A 434 -31.40 32.58 -3.23
N SER A 435 -31.06 31.98 -2.11
CA SER A 435 -29.65 31.69 -1.83
C SER A 435 -29.02 30.82 -2.91
N VAL A 436 -29.59 29.65 -3.16
CA VAL A 436 -29.01 28.73 -4.14
C VAL A 436 -29.10 29.25 -5.57
N GLU A 437 -30.09 30.09 -5.83
CA GLU A 437 -30.25 30.65 -7.15
C GLU A 437 -29.19 31.69 -7.52
N GLN A 438 -28.29 31.99 -6.59
CA GLN A 438 -27.20 32.93 -6.90
C GLN A 438 -26.18 32.25 -7.81
N TYR A 439 -26.06 30.94 -7.66
CA TYR A 439 -25.06 30.17 -8.38
C TYR A 439 -25.41 29.64 -9.77
N THR A 440 -25.64 30.60 -10.68
CA THR A 440 -25.99 30.33 -12.06
C THR A 440 -24.77 30.09 -12.92
N ALA A 441 -23.59 30.50 -12.45
CA ALA A 441 -22.37 30.27 -13.21
C ALA A 441 -22.28 28.76 -13.42
N LEU A 442 -21.82 28.35 -14.61
CA LEU A 442 -21.71 26.94 -14.96
C LEU A 442 -21.14 26.09 -13.84
N ALA A 443 -21.84 24.99 -13.53
CA ALA A 443 -21.45 24.05 -12.50
C ALA A 443 -21.94 24.38 -11.09
N GLY A 444 -22.57 25.55 -10.93
CA GLY A 444 -23.08 25.96 -9.63
C GLY A 444 -24.35 25.25 -9.22
N THR A 445 -24.86 25.54 -8.02
CA THR A 445 -26.06 24.89 -7.54
C THR A 445 -27.41 25.50 -7.95
N ALA A 446 -27.42 26.50 -8.83
CA ALA A 446 -28.71 27.06 -9.24
C ALA A 446 -29.47 25.99 -10.05
N LYS A 447 -30.80 26.06 -10.08
CA LYS A 447 -31.58 25.07 -10.81
C LYS A 447 -31.17 24.94 -12.28
N SER A 448 -30.91 26.06 -12.95
CA SER A 448 -30.54 26.01 -14.36
C SER A 448 -29.19 25.30 -14.57
N SER A 449 -28.28 25.45 -13.61
CA SER A 449 -26.99 24.79 -13.71
C SER A 449 -27.17 23.30 -13.50
N VAL A 450 -28.02 22.93 -12.56
CA VAL A 450 -28.30 21.52 -12.28
C VAL A 450 -28.94 20.88 -13.51
N THR A 451 -29.85 21.61 -14.14
CA THR A 451 -30.51 21.10 -15.33
C THR A 451 -29.46 20.86 -16.41
N THR A 452 -28.55 21.81 -16.57
CA THR A 452 -27.48 21.70 -17.56
C THR A 452 -26.64 20.45 -17.28
N GLN A 453 -26.22 20.28 -16.02
CA GLN A 453 -25.42 19.13 -15.65
C GLN A 453 -26.08 17.81 -16.01
N ILE A 454 -27.39 17.72 -15.76
CA ILE A 454 -28.15 16.52 -16.05
C ILE A 454 -28.04 16.23 -17.54
N GLU A 455 -28.17 17.28 -18.34
CA GLU A 455 -28.08 17.15 -19.79
C GLU A 455 -26.67 16.69 -20.22
N GLN A 456 -25.65 17.30 -19.63
CA GLN A 456 -24.28 16.97 -19.97
C GLN A 456 -23.91 15.53 -19.62
N LEU A 457 -24.27 15.10 -18.42
CA LEU A 457 -23.98 13.74 -17.98
C LEU A 457 -24.66 12.71 -18.89
N ARG A 458 -25.90 13.00 -19.26
CA ARG A 458 -26.62 12.08 -20.15
C ARG A 458 -25.93 12.00 -21.53
N GLU A 459 -25.41 13.13 -22.01
CA GLU A 459 -24.73 13.12 -23.29
C GLU A 459 -23.42 12.35 -23.16
N LEU A 460 -22.73 12.50 -22.03
CA LEU A 460 -21.49 11.79 -21.79
C LEU A 460 -21.75 10.28 -21.75
N MET A 461 -22.78 9.86 -21.01
CA MET A 461 -23.10 8.45 -20.91
C MET A 461 -23.43 7.86 -22.27
N LYS A 462 -24.09 8.66 -23.12
CA LYS A 462 -24.45 8.21 -24.45
C LYS A 462 -23.18 7.85 -25.23
N LYS A 463 -22.16 8.69 -25.12
CA LYS A 463 -20.90 8.46 -25.82
C LYS A 463 -20.19 7.23 -25.27
N GLN A 464 -20.01 7.19 -23.95
CA GLN A 464 -19.35 6.07 -23.30
C GLN A 464 -20.03 4.74 -23.58
N LYS A 465 -21.35 4.76 -23.73
CA LYS A 465 -22.06 3.51 -23.99
C LYS A 465 -21.94 3.11 -25.46
N GLU A 466 -21.87 4.09 -26.35
CA GLU A 466 -21.76 3.82 -27.78
C GLU A 466 -20.29 3.74 -28.20
N GLN A 467 -19.44 3.41 -27.23
CA GLN A 467 -18.01 3.29 -27.52
C GLN A 467 -17.46 2.04 -26.87
N ASP B 20 27.61 13.20 -14.52
CA ASP B 20 26.29 13.74 -14.95
C ASP B 20 25.66 14.52 -13.80
N PRO B 21 25.28 15.79 -14.03
CA PRO B 21 24.68 16.58 -12.94
C PRO B 21 23.40 15.96 -12.38
N ILE B 22 22.55 15.43 -13.24
CA ILE B 22 21.31 14.83 -12.75
C ILE B 22 21.65 13.62 -11.88
N MET B 23 22.56 12.79 -12.37
CA MET B 23 22.97 11.60 -11.63
C MET B 23 23.58 11.98 -10.30
N GLU B 24 24.46 12.99 -10.33
CA GLU B 24 25.11 13.42 -9.09
C GLU B 24 24.08 13.90 -8.07
N LYS B 25 23.11 14.68 -8.51
CA LYS B 25 22.10 15.21 -7.62
C LYS B 25 21.22 14.10 -7.03
N LEU B 26 20.84 13.15 -7.88
CA LEU B 26 20.00 12.04 -7.47
C LEU B 26 20.72 11.12 -6.47
N ASN B 27 21.99 10.85 -6.73
CA ASN B 27 22.76 9.97 -5.86
C ASN B 27 23.06 10.63 -4.52
N SER B 28 23.28 11.94 -4.54
CA SER B 28 23.58 12.73 -3.35
C SER B 28 22.52 12.67 -2.28
N SER B 29 22.96 12.52 -1.03
CA SER B 29 22.03 12.46 0.11
C SER B 29 22.27 13.57 1.14
N ILE B 30 23.26 14.40 0.88
CA ILE B 30 23.64 15.49 1.79
C ILE B 30 22.49 16.43 2.18
N ALA B 31 21.63 16.77 1.22
CA ALA B 31 20.51 17.67 1.47
C ALA B 31 19.65 17.23 2.67
N TYR B 32 19.42 15.93 2.82
CA TYR B 32 18.61 15.47 3.94
C TYR B 32 19.36 14.72 5.04
N ASP B 33 20.40 13.97 4.69
CA ASP B 33 21.11 13.23 5.72
C ASP B 33 21.97 14.10 6.66
N GLN B 34 22.07 15.39 6.37
CA GLN B 34 22.85 16.25 7.25
C GLN B 34 22.15 16.38 8.60
N ARG B 35 20.91 15.91 8.67
CA ARG B 35 20.18 15.96 9.94
C ARG B 35 20.83 14.99 10.93
N LEU B 36 21.62 14.06 10.40
CA LEU B 36 22.34 13.09 11.23
C LEU B 36 23.71 13.65 11.62
N SER B 37 23.91 14.94 11.40
CA SER B 37 25.20 15.58 11.70
C SER B 37 25.76 15.27 13.09
N GLU B 38 24.95 15.41 14.13
CA GLU B 38 25.42 15.17 15.49
C GLU B 38 25.70 13.71 15.81
N VAL B 39 24.74 12.83 15.53
CA VAL B 39 24.95 11.42 15.81
C VAL B 39 26.13 10.89 14.97
N ASP B 40 26.36 11.48 13.80
CA ASP B 40 27.48 11.04 12.97
C ASP B 40 28.76 11.34 13.74
N ILE B 41 28.82 12.54 14.32
CA ILE B 41 29.97 12.92 15.10
C ILE B 41 30.17 12.00 16.32
N GLN B 42 29.11 11.78 17.10
CA GLN B 42 29.19 10.89 18.27
C GLN B 42 29.68 9.51 17.84
N GLY B 43 29.26 9.06 16.66
CA GLY B 43 29.68 7.76 16.17
C GLY B 43 31.18 7.75 15.91
N SER B 44 31.68 8.83 15.31
CA SER B 44 33.10 8.95 15.00
C SER B 44 33.97 9.06 16.26
N MET B 45 33.47 9.73 17.29
CA MET B 45 34.23 9.88 18.52
C MET B 45 34.39 8.51 19.15
N ALA B 46 33.29 7.78 19.24
CA ALA B 46 33.31 6.45 19.82
C ALA B 46 34.25 5.58 19.00
N TYR B 47 34.15 5.67 17.67
CA TYR B 47 35.03 4.87 16.81
C TYR B 47 36.49 5.23 17.07
N ALA B 48 36.79 6.53 17.13
CA ALA B 48 38.14 7.04 17.36
C ALA B 48 38.74 6.42 18.62
N LYS B 49 37.98 6.43 19.71
CA LYS B 49 38.43 5.86 20.97
C LYS B 49 38.75 4.38 20.82
N ALA B 50 37.94 3.67 20.05
CA ALA B 50 38.18 2.24 19.83
C ALA B 50 39.47 2.03 19.02
N LEU B 51 39.72 2.90 18.05
CA LEU B 51 40.93 2.81 17.23
C LEU B 51 42.18 3.01 18.10
N GLU B 52 42.09 3.93 19.05
CA GLU B 52 43.23 4.19 19.93
C GLU B 52 43.52 2.94 20.76
N LYS B 53 42.47 2.32 21.30
CA LYS B 53 42.63 1.12 22.10
C LYS B 53 43.25 -0.03 21.30
N ALA B 54 42.90 -0.12 20.01
CA ALA B 54 43.43 -1.17 19.15
C ALA B 54 44.82 -0.83 18.66
N GLY B 55 45.28 0.38 18.99
CA GLY B 55 46.61 0.81 18.59
C GLY B 55 46.72 1.44 17.22
N ILE B 56 45.59 1.73 16.60
CA ILE B 56 45.59 2.36 15.27
C ILE B 56 45.90 3.85 15.41
N LEU B 57 45.53 4.42 16.54
CA LEU B 57 45.76 5.84 16.84
C LEU B 57 46.53 5.95 18.15
N THR B 58 47.39 6.97 18.27
CA THR B 58 48.11 7.21 19.51
C THR B 58 47.20 8.05 20.39
N LYS B 59 47.47 8.05 21.69
CA LYS B 59 46.65 8.83 22.58
C LYS B 59 46.64 10.28 22.13
N THR B 60 47.77 10.76 21.61
CA THR B 60 47.83 12.15 21.18
C THR B 60 47.05 12.36 19.87
N GLU B 61 47.04 11.35 19.01
CA GLU B 61 46.29 11.46 17.76
C GLU B 61 44.81 11.48 18.10
N LEU B 62 44.45 10.73 19.14
CA LEU B 62 43.06 10.66 19.60
C LEU B 62 42.59 12.00 20.17
N GLU B 63 43.45 12.65 20.93
CA GLU B 63 43.09 13.93 21.54
C GLU B 63 42.79 15.01 20.50
N LYS B 64 43.58 15.03 19.43
CA LYS B 64 43.38 16.02 18.37
C LYS B 64 42.16 15.68 17.51
N ILE B 65 41.89 14.39 17.31
CA ILE B 65 40.74 14.00 16.51
C ILE B 65 39.47 14.37 17.25
N LEU B 66 39.40 14.03 18.54
CA LEU B 66 38.23 14.34 19.35
C LEU B 66 38.02 15.84 19.49
N SER B 67 39.11 16.60 19.44
CA SER B 67 39.00 18.04 19.58
C SER B 67 38.39 18.63 18.31
N GLY B 68 38.79 18.10 17.17
CA GLY B 68 38.24 18.58 15.90
C GLY B 68 36.79 18.16 15.70
N LEU B 69 36.43 16.97 16.18
CA LEU B 69 35.06 16.48 16.04
C LEU B 69 34.14 17.32 16.93
N GLU B 70 34.69 17.75 18.06
CA GLU B 70 33.97 18.59 19.01
C GLU B 70 33.65 19.92 18.33
N LYS B 71 34.65 20.50 17.66
CA LYS B 71 34.43 21.78 16.97
C LYS B 71 33.39 21.65 15.86
N ILE B 72 33.43 20.54 15.14
CA ILE B 72 32.47 20.31 14.04
C ILE B 72 31.09 20.19 14.66
N SER B 73 31.02 19.56 15.84
CA SER B 73 29.77 19.39 16.56
C SER B 73 29.16 20.77 16.87
N GLU B 74 30.00 21.71 17.25
CA GLU B 74 29.56 23.07 17.56
C GLU B 74 29.13 23.84 16.30
N GLU B 75 29.91 23.74 15.23
CA GLU B 75 29.56 24.43 13.99
C GLU B 75 28.13 24.08 13.56
N TRP B 76 27.76 22.80 13.63
CA TRP B 76 26.41 22.38 13.27
C TRP B 76 25.40 22.95 14.25
N SER B 77 25.73 22.89 15.54
CA SER B 77 24.84 23.41 16.59
C SER B 77 24.55 24.88 16.38
N LYS B 78 25.60 25.64 16.10
CA LYS B 78 25.48 27.08 15.89
C LYS B 78 24.95 27.40 14.51
N GLY B 79 24.76 26.37 13.70
CA GLY B 79 24.24 26.56 12.36
C GLY B 79 25.20 27.28 11.41
N VAL B 80 26.51 27.12 11.64
CA VAL B 80 27.50 27.77 10.80
C VAL B 80 28.32 26.80 9.96
N PHE B 81 27.99 25.52 10.04
CA PHE B 81 28.72 24.54 9.24
C PHE B 81 28.50 24.86 7.77
N VAL B 82 29.58 24.92 7.00
CA VAL B 82 29.44 25.22 5.59
C VAL B 82 29.52 23.94 4.75
N VAL B 83 28.40 23.62 4.09
CA VAL B 83 28.33 22.44 3.24
C VAL B 83 28.91 22.84 1.90
N LYS B 84 29.69 21.96 1.28
CA LYS B 84 30.29 22.27 0.00
C LYS B 84 29.75 21.40 -1.14
N GLN B 85 29.65 22.01 -2.33
CA GLN B 85 29.18 21.28 -3.50
C GLN B 85 29.78 19.90 -3.69
N SER B 86 30.99 19.69 -3.19
CA SER B 86 31.64 18.38 -3.31
C SER B 86 31.15 17.33 -2.31
N ASP B 87 30.50 17.77 -1.23
CA ASP B 87 29.98 16.84 -0.21
C ASP B 87 28.86 15.93 -0.72
N GLU B 88 29.14 14.62 -0.82
CA GLU B 88 28.14 13.66 -1.30
C GLU B 88 27.11 13.37 -0.20
N ASP B 89 27.57 13.32 1.04
CA ASP B 89 26.73 13.03 2.20
C ASP B 89 27.33 13.61 3.48
N ILE B 90 26.61 13.43 4.58
CA ILE B 90 27.05 13.95 5.88
C ILE B 90 28.38 13.39 6.36
N HIS B 91 28.62 12.11 6.07
CA HIS B 91 29.86 11.43 6.46
C HIS B 91 31.05 12.09 5.77
N THR B 92 30.89 12.40 4.48
CA THR B 92 31.94 13.02 3.70
C THR B 92 32.16 14.44 4.20
N ALA B 93 31.05 15.17 4.40
CA ALA B 93 31.12 16.55 4.87
C ALA B 93 31.86 16.70 6.19
N ASN B 94 31.65 15.77 7.12
CA ASN B 94 32.33 15.87 8.40
C ASN B 94 33.80 15.51 8.27
N GLU B 95 34.11 14.47 7.51
CA GLU B 95 35.51 14.10 7.34
C GLU B 95 36.28 15.20 6.63
N ARG B 96 35.63 15.88 5.67
CA ARG B 96 36.27 16.97 4.93
C ARG B 96 36.63 18.06 5.92
N ARG B 97 35.63 18.52 6.67
CA ARG B 97 35.86 19.57 7.64
C ARG B 97 36.90 19.15 8.69
N LEU B 98 36.86 17.89 9.10
CA LEU B 98 37.81 17.42 10.10
C LEU B 98 39.24 17.59 9.57
N LYS B 99 39.46 17.29 8.30
CA LYS B 99 40.79 17.43 7.71
C LYS B 99 41.15 18.91 7.65
N GLU B 100 40.17 19.74 7.28
CA GLU B 100 40.41 21.18 7.20
C GLU B 100 40.86 21.69 8.55
N LEU B 101 40.27 21.16 9.61
CA LEU B 101 40.60 21.59 10.96
C LEU B 101 41.88 21.03 11.55
N ILE B 102 42.14 19.73 11.38
CA ILE B 102 43.33 19.17 12.00
C ILE B 102 44.39 18.58 11.08
N GLY B 103 44.18 18.66 9.78
CA GLY B 103 45.17 18.12 8.85
C GLY B 103 45.07 16.63 8.58
N ASP B 104 46.18 16.07 8.10
CA ASP B 104 46.29 14.66 7.73
C ASP B 104 45.86 13.59 8.73
N ILE B 105 46.02 13.85 10.02
CA ILE B 105 45.64 12.85 11.01
C ILE B 105 44.17 12.47 10.84
N ALA B 106 43.40 13.38 10.28
CA ALA B 106 41.98 13.17 10.05
C ALA B 106 41.71 11.87 9.29
N GLY B 107 42.53 11.60 8.28
CA GLY B 107 42.35 10.42 7.46
C GLY B 107 42.42 9.05 8.14
N LYS B 108 42.96 8.99 9.35
CA LYS B 108 43.06 7.70 10.05
C LYS B 108 41.76 7.27 10.70
N LEU B 109 40.85 8.22 10.88
CA LEU B 109 39.56 7.95 11.52
C LEU B 109 38.69 6.87 10.87
N HIS B 110 38.65 6.84 9.54
CA HIS B 110 37.82 5.87 8.83
C HIS B 110 38.45 4.48 8.70
N THR B 111 39.63 4.30 9.30
CA THR B 111 40.34 3.03 9.23
C THR B 111 39.48 1.85 9.69
N GLY B 112 39.25 0.91 8.78
CA GLY B 112 38.45 -0.26 9.10
C GLY B 112 36.94 -0.04 9.14
N ARG B 113 36.52 1.22 8.93
CA ARG B 113 35.10 1.56 8.93
C ARG B 113 34.56 1.73 7.52
N SER B 114 33.26 1.51 7.35
CA SER B 114 32.63 1.64 6.06
C SER B 114 31.47 2.63 6.19
N ARG B 115 31.08 3.26 5.08
CA ARG B 115 29.94 4.16 5.14
C ARG B 115 28.74 3.26 5.40
N ASN B 116 28.89 1.97 5.11
CA ASN B 116 27.81 1.02 5.30
C ASN B 116 27.44 0.79 6.77
N ASP B 117 28.42 0.54 7.63
CA ASP B 117 28.07 0.35 9.03
C ASP B 117 27.97 1.69 9.74
N GLN B 118 28.62 2.70 9.16
CA GLN B 118 28.56 4.03 9.74
C GLN B 118 27.15 4.64 9.59
N VAL B 119 26.56 4.52 8.40
CA VAL B 119 25.22 5.11 8.23
C VAL B 119 24.12 4.43 9.08
N VAL B 120 24.16 3.10 9.21
CA VAL B 120 23.11 2.48 10.02
C VAL B 120 23.28 2.77 11.49
N THR B 121 24.54 2.98 11.91
CA THR B 121 24.80 3.33 13.30
C THR B 121 24.16 4.69 13.58
N ASP B 122 24.41 5.65 12.69
CA ASP B 122 23.85 7.00 12.86
C ASP B 122 22.32 6.96 12.88
N LEU B 123 21.71 6.26 11.93
CA LEU B 123 20.26 6.21 11.91
C LEU B 123 19.65 5.57 13.19
N LYS B 124 20.26 4.53 13.73
CA LYS B 124 19.72 3.91 14.93
C LYS B 124 19.89 4.82 16.14
N LEU B 125 21.00 5.54 16.20
CA LEU B 125 21.23 6.47 17.30
C LEU B 125 20.15 7.55 17.26
N PHE B 126 19.92 8.09 16.07
CA PHE B 126 18.93 9.13 15.86
C PHE B 126 17.53 8.63 16.21
N MET B 127 17.17 7.45 15.69
CA MET B 127 15.87 6.87 15.97
C MET B 127 15.69 6.56 17.46
N LYS B 128 16.76 6.18 18.14
CA LYS B 128 16.66 5.88 19.56
C LYS B 128 16.32 7.17 20.31
N ASN B 129 16.96 8.27 19.92
CA ASN B 129 16.67 9.54 20.58
C ASN B 129 15.23 9.95 20.24
N SER B 130 14.84 9.78 18.97
CA SER B 130 13.50 10.15 18.53
C SER B 130 12.42 9.36 19.26
N LEU B 131 12.62 8.06 19.41
CA LEU B 131 11.63 7.24 20.08
C LEU B 131 11.45 7.64 21.55
N SER B 132 12.50 8.17 22.16
CA SER B 132 12.41 8.62 23.55
C SER B 132 11.47 9.81 23.65
N ILE B 133 11.57 10.70 22.67
CA ILE B 133 10.71 11.89 22.64
C ILE B 133 9.28 11.50 22.27
N ILE B 134 9.14 10.58 21.32
CA ILE B 134 7.80 10.14 20.90
C ILE B 134 7.09 9.50 22.08
N SER B 135 7.80 8.63 22.80
CA SER B 135 7.24 7.96 23.97
C SER B 135 6.67 8.98 24.97
N THR B 136 7.43 10.03 25.22
CA THR B 136 6.97 11.06 26.17
C THR B 136 5.65 11.67 25.72
N HIS B 137 5.57 12.09 24.46
CA HIS B 137 4.33 12.69 23.98
C HIS B 137 3.16 11.68 23.98
N LEU B 138 3.45 10.44 23.62
CA LEU B 138 2.42 9.39 23.57
C LEU B 138 1.87 9.13 24.98
N LEU B 139 2.76 8.99 25.96
CA LEU B 139 2.32 8.75 27.33
C LEU B 139 1.54 9.95 27.87
N GLN B 140 1.91 11.15 27.45
CA GLN B 140 1.20 12.36 27.90
C GLN B 140 -0.22 12.37 27.30
N LEU B 141 -0.36 11.92 26.05
CA LEU B 141 -1.68 11.85 25.39
C LEU B 141 -2.54 10.85 26.18
N ILE B 142 -1.96 9.68 26.47
CA ILE B 142 -2.69 8.66 27.22
C ILE B 142 -3.12 9.18 28.59
N LYS B 143 -2.21 9.85 29.28
CA LYS B 143 -2.53 10.41 30.60
C LYS B 143 -3.65 11.44 30.52
N THR B 144 -3.59 12.28 29.50
CA THR B 144 -4.60 13.32 29.31
C THR B 144 -5.98 12.67 29.17
N LEU B 145 -6.07 11.61 28.38
CA LEU B 145 -7.34 10.92 28.19
C LEU B 145 -7.82 10.28 29.49
N VAL B 146 -6.93 9.55 30.16
CA VAL B 146 -7.25 8.87 31.40
C VAL B 146 -7.71 9.81 32.52
N GLU B 147 -6.96 10.90 32.74
CA GLU B 147 -7.32 11.83 33.81
C GLU B 147 -8.62 12.58 33.54
N ARG B 148 -8.93 12.85 32.27
CA ARG B 148 -10.17 13.53 31.99
C ARG B 148 -11.30 12.54 32.26
N ALA B 149 -11.07 11.27 31.95
CA ALA B 149 -12.05 10.21 32.18
C ALA B 149 -12.41 10.10 33.65
N ALA B 150 -11.42 10.28 34.50
CA ALA B 150 -11.66 10.19 35.94
C ALA B 150 -12.50 11.38 36.36
N ILE B 151 -12.14 12.56 35.89
CA ILE B 151 -12.86 13.77 36.24
C ILE B 151 -14.30 13.83 35.72
N GLU B 152 -14.53 13.38 34.49
CA GLU B 152 -15.89 13.43 33.91
C GLU B 152 -16.60 12.08 33.98
N ILE B 153 -16.24 11.29 34.99
CA ILE B 153 -16.80 9.96 35.18
C ILE B 153 -18.33 9.84 35.27
N ASP B 154 -19.02 10.91 35.66
CA ASP B 154 -20.48 10.81 35.78
C ASP B 154 -21.25 11.09 34.49
N VAL B 155 -20.58 11.67 33.50
CA VAL B 155 -21.24 12.01 32.23
C VAL B 155 -21.69 10.79 31.42
N ILE B 156 -22.96 10.79 31.01
CA ILE B 156 -23.48 9.69 30.20
C ILE B 156 -23.99 10.21 28.86
N LEU B 157 -23.76 9.42 27.81
CA LEU B 157 -24.21 9.80 26.47
C LEU B 157 -24.49 8.51 25.67
N PRO B 158 -24.99 8.64 24.43
CA PRO B 158 -25.27 7.43 23.65
C PRO B 158 -24.00 6.71 23.18
N GLY B 159 -24.11 5.39 23.07
CA GLY B 159 -23.01 4.57 22.55
C GLY B 159 -23.46 4.24 21.14
N TYR B 160 -22.54 4.21 20.18
CA TYR B 160 -22.92 3.92 18.79
C TYR B 160 -22.30 2.69 18.14
N ASP B 161 -23.08 2.08 17.26
CA ASP B 161 -22.63 0.97 16.43
C ASP B 161 -23.36 1.26 15.11
N HIS B 162 -22.61 1.24 14.00
CA HIS B 162 -23.19 1.55 12.69
C HIS B 162 -23.60 3.03 12.72
N LEU B 163 -22.94 3.78 13.59
CA LEU B 163 -23.21 5.20 13.78
C LEU B 163 -24.69 5.47 14.11
N GLN B 164 -25.33 4.50 14.77
CA GLN B 164 -26.72 4.63 15.20
C GLN B 164 -26.72 4.49 16.74
N LYS B 165 -27.56 5.29 17.41
CA LYS B 165 -27.66 5.26 18.87
C LYS B 165 -28.11 3.88 19.36
N ALA B 166 -27.26 3.24 20.16
CA ALA B 166 -27.59 1.91 20.66
C ALA B 166 -28.08 1.86 22.11
N GLN B 167 -27.24 2.28 23.04
CA GLN B 167 -27.57 2.23 24.45
C GLN B 167 -26.76 3.27 25.21
N PRO B 168 -27.18 3.62 26.43
CA PRO B 168 -26.45 4.62 27.23
C PRO B 168 -25.10 4.03 27.69
N ILE B 169 -24.06 4.85 27.69
CA ILE B 169 -22.74 4.43 28.15
C ILE B 169 -22.10 5.66 28.77
N ARG B 170 -21.01 5.47 29.50
CA ARG B 170 -20.35 6.63 30.10
C ARG B 170 -19.35 7.26 29.11
N TRP B 171 -19.32 8.58 29.09
CA TRP B 171 -18.39 9.32 28.25
C TRP B 171 -16.97 8.80 28.55
N SER B 172 -16.69 8.56 29.84
CA SER B 172 -15.39 8.07 30.26
C SER B 172 -15.03 6.72 29.64
N GLN B 173 -16.03 5.88 29.42
CA GLN B 173 -15.79 4.57 28.81
C GLN B 173 -15.27 4.82 27.38
N PHE B 174 -15.83 5.84 26.73
CA PHE B 174 -15.42 6.23 25.37
C PHE B 174 -13.98 6.75 25.38
N LEU B 175 -13.66 7.65 26.32
CA LEU B 175 -12.31 8.19 26.40
C LEU B 175 -11.30 7.08 26.65
N LEU B 176 -11.63 6.19 27.59
CA LEU B 176 -10.75 5.09 27.92
C LEU B 176 -10.59 4.07 26.79
N SER B 177 -11.57 3.97 25.89
CA SER B 177 -11.44 2.99 24.80
C SER B 177 -10.25 3.44 23.95
N HIS B 178 -10.11 4.74 23.75
CA HIS B 178 -8.99 5.26 23.00
C HIS B 178 -7.68 5.17 23.78
N ALA B 179 -7.76 5.38 25.09
CA ALA B 179 -6.55 5.31 25.93
C ALA B 179 -5.99 3.89 25.90
N VAL B 180 -6.85 2.89 25.92
CA VAL B 180 -6.40 1.50 25.91
C VAL B 180 -5.66 1.17 24.60
N ALA B 181 -6.23 1.57 23.46
CA ALA B 181 -5.57 1.29 22.19
C ALA B 181 -4.20 1.96 22.12
N LEU B 182 -4.15 3.20 22.60
CA LEU B 182 -2.91 3.97 22.59
C LEU B 182 -1.85 3.34 23.50
N THR B 183 -2.30 2.63 24.53
CA THR B 183 -1.35 1.98 25.44
C THR B 183 -0.70 0.79 24.71
N ARG B 184 -1.41 0.21 23.75
CA ARG B 184 -0.84 -0.90 23.00
C ARG B 184 0.23 -0.34 22.04
N ASP B 185 -0.03 0.84 21.47
CA ASP B 185 0.95 1.48 20.58
C ASP B 185 2.23 1.74 21.38
N SER B 186 2.06 2.14 22.64
CA SER B 186 3.20 2.43 23.53
C SER B 186 4.00 1.14 23.77
N GLU B 187 3.30 0.04 23.98
CA GLU B 187 3.96 -1.25 24.21
C GLU B 187 4.76 -1.62 22.95
N ARG B 188 4.15 -1.44 21.77
CA ARG B 188 4.85 -1.72 20.51
C ARG B 188 6.07 -0.83 20.34
N LEU B 189 5.96 0.43 20.75
CA LEU B 189 7.08 1.36 20.65
C LEU B 189 8.26 0.81 21.44
N GLY B 190 7.95 0.32 22.65
CA GLY B 190 8.99 -0.24 23.50
C GLY B 190 9.65 -1.45 22.88
N GLU B 191 8.87 -2.24 22.16
CA GLU B 191 9.39 -3.43 21.50
C GLU B 191 10.32 -3.02 20.37
N VAL B 192 9.88 -2.06 19.55
CA VAL B 192 10.70 -1.60 18.43
C VAL B 192 12.00 -0.95 18.95
N LYS B 193 11.90 -0.18 20.02
CA LYS B 193 13.07 0.48 20.59
C LYS B 193 14.16 -0.54 20.95
N LYS B 194 13.76 -1.66 21.53
CA LYS B 194 14.69 -2.70 21.93
C LYS B 194 15.54 -3.20 20.78
N ARG B 195 14.92 -3.42 19.63
CA ARG B 195 15.66 -3.92 18.47
C ARG B 195 16.49 -2.83 17.80
N ILE B 196 16.12 -1.57 18.03
CA ILE B 196 16.89 -0.47 17.47
C ILE B 196 18.14 -0.24 18.32
N ASN B 197 18.03 -0.59 19.61
CA ASN B 197 19.09 -0.41 20.60
C ASN B 197 20.19 -1.48 20.52
N VAL B 198 20.55 -1.85 19.28
CA VAL B 198 21.57 -2.86 19.01
C VAL B 198 22.62 -2.24 18.09
N LEU B 199 23.87 -2.27 18.55
CA LEU B 199 25.01 -1.70 17.82
C LEU B 199 25.39 -2.39 16.52
N PRO B 200 25.38 -1.65 15.40
CA PRO B 200 25.76 -2.22 14.10
C PRO B 200 27.22 -1.85 13.71
N LEU B 201 27.75 -0.79 14.33
CA LEU B 201 29.12 -0.33 14.07
C LEU B 201 30.09 -1.49 14.30
N GLY B 202 31.04 -1.65 13.40
CA GLY B 202 31.97 -2.77 13.53
C GLY B 202 31.58 -3.93 12.65
N SER B 203 30.72 -3.65 11.66
CA SER B 203 30.27 -4.66 10.71
C SER B 203 31.06 -4.50 9.41
N GLY B 204 31.75 -3.37 9.29
CA GLY B 204 32.52 -3.10 8.09
C GLY B 204 31.60 -2.90 6.90
N ALA B 205 32.12 -3.17 5.69
CA ALA B 205 31.33 -3.00 4.46
C ALA B 205 30.32 -4.14 4.33
N LEU B 206 30.69 -5.33 4.82
CA LEU B 206 29.77 -6.45 4.77
C LEU B 206 30.26 -7.70 5.48
N ALA B 207 31.58 -7.87 5.56
CA ALA B 207 32.16 -9.06 6.18
C ALA B 207 32.51 -8.92 7.67
N GLY B 208 32.40 -7.71 8.21
CA GLY B 208 32.73 -7.46 9.61
C GLY B 208 33.85 -6.44 9.68
N ASN B 209 34.33 -6.14 10.87
CA ASN B 209 35.43 -5.18 11.01
C ASN B 209 36.71 -6.01 10.90
N PRO B 210 37.67 -5.57 10.05
CA PRO B 210 38.94 -6.30 9.84
C PRO B 210 40.09 -6.11 10.84
N LEU B 211 39.96 -5.20 11.80
CA LEU B 211 41.07 -4.97 12.71
C LEU B 211 40.84 -5.35 14.17
N ASP B 212 39.91 -6.26 14.40
CA ASP B 212 39.60 -6.71 15.76
C ASP B 212 39.28 -5.52 16.66
N ILE B 213 38.42 -4.63 16.15
CA ILE B 213 37.97 -3.46 16.91
C ILE B 213 37.19 -4.01 18.11
N ASP B 214 37.23 -3.31 19.23
CA ASP B 214 36.52 -3.78 20.42
C ASP B 214 35.06 -3.33 20.31
N ARG B 215 34.19 -4.20 19.80
CA ARG B 215 32.79 -3.83 19.66
C ARG B 215 32.09 -3.61 21.00
N GLU B 216 32.48 -4.34 22.04
CA GLU B 216 31.86 -4.15 23.36
C GLU B 216 32.12 -2.72 23.83
N MET B 217 33.32 -2.22 23.53
CA MET B 217 33.70 -0.86 23.91
C MET B 217 32.85 0.13 23.12
N LEU B 218 32.68 -0.11 21.81
CA LEU B 218 31.87 0.77 20.99
C LEU B 218 30.44 0.79 21.57
N ARG B 219 29.95 -0.39 21.92
CA ARG B 219 28.61 -0.51 22.50
C ARG B 219 28.44 0.36 23.74
N SER B 220 29.37 0.22 24.69
CA SER B 220 29.32 1.00 25.93
C SER B 220 29.42 2.49 25.68
N GLU B 221 30.37 2.90 24.85
CA GLU B 221 30.54 4.33 24.53
C GLU B 221 29.28 4.94 23.92
N LEU B 222 28.64 4.22 22.99
CA LEU B 222 27.45 4.73 22.33
C LEU B 222 26.16 4.42 23.10
N GLU B 223 26.30 3.64 24.15
CA GLU B 223 25.19 3.27 25.02
C GLU B 223 24.10 2.41 24.40
N PHE B 224 24.51 1.45 23.59
CA PHE B 224 23.56 0.51 22.98
C PHE B 224 23.47 -0.61 24.01
N ALA B 225 22.41 -1.41 23.92
CA ALA B 225 22.21 -2.50 24.88
C ALA B 225 22.97 -3.76 24.51
N SER B 226 23.27 -3.93 23.23
CA SER B 226 23.98 -5.11 22.78
C SER B 226 24.53 -4.84 21.40
N ILE B 227 25.20 -5.84 20.81
CA ILE B 227 25.77 -5.68 19.49
C ILE B 227 25.12 -6.64 18.47
N SER B 228 25.15 -6.23 17.20
CA SER B 228 24.58 -7.02 16.12
C SER B 228 25.29 -8.36 15.99
N LEU B 229 24.51 -9.39 15.67
CA LEU B 229 25.00 -10.76 15.54
C LEU B 229 25.74 -11.15 14.25
N ASN B 230 25.31 -10.58 13.13
CA ASN B 230 25.87 -10.91 11.81
C ASN B 230 26.14 -9.65 10.99
N SER B 231 27.37 -9.52 10.46
CA SER B 231 27.74 -8.32 9.72
C SER B 231 26.93 -8.04 8.45
N MET B 232 26.65 -9.08 7.68
CA MET B 232 25.90 -8.91 6.44
C MET B 232 24.49 -8.42 6.74
N ASP B 233 23.86 -9.02 7.75
CA ASP B 233 22.51 -8.65 8.17
C ASP B 233 22.51 -7.22 8.70
N ALA B 234 23.49 -6.92 9.56
CA ALA B 234 23.59 -5.61 10.19
C ALA B 234 23.64 -4.45 9.21
N ILE B 235 24.35 -4.65 8.10
CA ILE B 235 24.51 -3.63 7.08
C ILE B 235 23.37 -3.56 6.05
N SER B 236 22.75 -4.70 5.78
CA SER B 236 21.71 -4.74 4.78
C SER B 236 20.25 -4.65 5.24
N GLU B 237 19.94 -5.05 6.47
CA GLU B 237 18.56 -5.00 6.95
C GLU B 237 18.08 -3.63 7.34
N ARG B 238 16.78 -3.41 7.15
CA ARG B 238 16.16 -2.15 7.53
C ARG B 238 14.85 -2.51 8.25
N ASP B 239 14.88 -3.65 8.93
CA ASP B 239 13.75 -4.14 9.74
C ASP B 239 13.37 -3.02 10.69
N PHE B 240 14.38 -2.42 11.33
CA PHE B 240 14.12 -1.36 12.29
C PHE B 240 13.36 -0.17 11.68
N VAL B 241 13.58 0.10 10.41
CA VAL B 241 12.85 1.17 9.76
C VAL B 241 11.40 0.70 9.55
N VAL B 242 11.23 -0.49 8.96
CA VAL B 242 9.89 -1.03 8.72
C VAL B 242 9.04 -1.06 10.00
N GLU B 243 9.57 -1.72 11.03
CA GLU B 243 8.91 -1.87 12.35
C GLU B 243 8.40 -0.56 12.92
N PHE B 244 9.29 0.44 12.90
CA PHE B 244 8.97 1.76 13.41
C PHE B 244 7.82 2.38 12.59
N LEU B 245 7.87 2.21 11.27
CA LEU B 245 6.81 2.75 10.42
C LEU B 245 5.52 1.96 10.63
N SER B 246 5.63 0.68 11.01
CA SER B 246 4.43 -0.13 11.28
C SER B 246 3.81 0.35 12.59
N PHE B 247 4.66 0.58 13.58
CA PHE B 247 4.20 1.07 14.87
C PHE B 247 3.51 2.41 14.63
N ALA B 248 4.18 3.29 13.87
CA ALA B 248 3.64 4.63 13.57
C ALA B 248 2.32 4.60 12.81
N THR B 249 2.21 3.70 11.83
CA THR B 249 0.99 3.59 11.02
C THR B 249 -0.23 3.14 11.85
N LEU B 250 -0.05 2.12 12.70
CA LEU B 250 -1.17 1.65 13.54
C LEU B 250 -1.54 2.74 14.56
N LEU B 251 -0.56 3.47 15.07
CA LEU B 251 -0.84 4.58 16.01
C LEU B 251 -1.69 5.62 15.28
N MET B 252 -1.32 5.96 14.05
CA MET B 252 -2.08 6.95 13.29
C MET B 252 -3.50 6.45 12.98
N ILE B 253 -3.66 5.14 12.83
CA ILE B 253 -4.99 4.56 12.58
C ILE B 253 -5.87 4.87 13.79
N HIS B 254 -5.32 4.65 14.98
CA HIS B 254 -6.07 4.90 16.21
C HIS B 254 -6.47 6.36 16.28
N LEU B 255 -5.51 7.25 16.01
CA LEU B 255 -5.78 8.69 16.03
C LEU B 255 -6.78 9.11 14.95
N SER B 256 -6.75 8.45 13.79
CA SER B 256 -7.71 8.78 12.71
C SER B 256 -9.12 8.41 13.15
N LYS B 257 -9.22 7.34 13.94
CA LYS B 257 -10.51 6.86 14.45
C LYS B 257 -11.03 7.83 15.50
N MET B 258 -10.13 8.29 16.39
CA MET B 258 -10.51 9.23 17.43
C MET B 258 -10.89 10.57 16.79
N ALA B 259 -10.15 10.95 15.75
CA ALA B 259 -10.44 12.20 15.05
C ALA B 259 -11.85 12.11 14.45
N GLU B 260 -12.14 11.01 13.77
CA GLU B 260 -13.45 10.79 13.17
C GLU B 260 -14.56 10.92 14.23
N ASP B 261 -14.39 10.28 15.37
CA ASP B 261 -15.41 10.36 16.44
C ASP B 261 -15.63 11.82 16.88
N LEU B 262 -14.54 12.50 17.23
CA LEU B 262 -14.60 13.89 17.66
C LEU B 262 -15.14 14.84 16.60
N ILE B 263 -14.75 14.63 15.35
CA ILE B 263 -15.24 15.48 14.28
C ILE B 263 -16.77 15.32 14.24
N ILE B 264 -17.24 14.08 14.31
CA ILE B 264 -18.67 13.78 14.27
C ILE B 264 -19.38 14.39 15.49
N TYR B 265 -18.84 14.13 16.68
CA TYR B 265 -19.44 14.65 17.91
C TYR B 265 -19.48 16.17 17.96
N SER B 266 -18.59 16.84 17.22
CA SER B 266 -18.54 18.30 17.22
C SER B 266 -19.50 18.93 16.21
N THR B 267 -20.15 18.11 15.36
CA THR B 267 -21.10 18.69 14.41
C THR B 267 -22.20 19.37 15.21
N SER B 268 -22.90 20.31 14.58
CA SER B 268 -24.00 20.99 15.27
C SER B 268 -25.14 19.99 15.44
N GLU B 269 -25.22 19.00 14.54
CA GLU B 269 -26.27 18.00 14.61
C GLU B 269 -26.13 17.10 15.85
N PHE B 270 -24.90 16.68 16.17
CA PHE B 270 -24.70 15.88 17.38
C PHE B 270 -24.67 16.85 18.56
N GLY B 271 -23.81 17.86 18.47
CA GLY B 271 -23.71 18.87 19.50
C GLY B 271 -23.12 18.43 20.84
N PHE B 272 -22.34 17.36 20.85
CA PHE B 272 -21.77 16.87 22.11
C PHE B 272 -20.55 17.65 22.61
N LEU B 273 -19.81 18.29 21.73
CA LEU B 273 -18.64 19.00 22.16
C LEU B 273 -18.17 20.10 21.21
N THR B 274 -17.28 20.94 21.72
CA THR B 274 -16.73 22.05 20.97
C THR B 274 -15.24 22.09 21.20
N LEU B 275 -14.48 22.29 20.12
CA LEU B 275 -13.03 22.39 20.24
C LEU B 275 -12.68 23.82 20.64
N SER B 276 -11.50 23.97 21.25
CA SER B 276 -11.05 25.30 21.63
C SER B 276 -10.69 26.06 20.37
N ASP B 277 -10.61 27.39 20.48
CA ASP B 277 -10.26 28.25 19.35
C ASP B 277 -8.89 27.86 18.79
N ALA B 278 -7.97 27.47 19.67
CA ALA B 278 -6.62 27.11 19.25
C ALA B 278 -6.58 25.94 18.27
N PHE B 279 -7.52 25.01 18.41
CA PHE B 279 -7.51 23.86 17.55
C PHE B 279 -8.62 23.77 16.52
N SER B 280 -9.27 24.90 16.25
CA SER B 280 -10.34 24.91 15.27
C SER B 280 -10.24 26.23 14.51
N THR B 281 -11.00 26.35 13.44
CA THR B 281 -11.01 27.59 12.66
C THR B 281 -12.45 28.03 12.53
N GLY B 282 -12.65 29.30 12.21
CA GLY B 282 -14.00 29.81 12.04
C GLY B 282 -14.06 31.03 11.14
N SER B 283 -15.20 31.71 11.19
CA SER B 283 -15.44 32.91 10.41
C SER B 283 -16.27 33.86 11.25
N SER B 284 -16.01 35.17 11.13
CA SER B 284 -16.74 36.19 11.89
C SER B 284 -18.19 36.31 11.41
N LEU B 285 -18.46 35.80 10.21
CA LEU B 285 -19.80 35.83 9.64
C LEU B 285 -20.67 34.77 10.28
N MET B 286 -20.04 33.73 10.83
CA MET B 286 -20.74 32.65 11.49
C MET B 286 -19.94 32.28 12.74
N PRO B 287 -19.95 33.16 13.75
CA PRO B 287 -19.24 32.98 15.02
C PRO B 287 -19.38 31.65 15.78
N GLN B 288 -20.57 31.05 15.75
CA GLN B 288 -20.74 29.80 16.48
C GLN B 288 -20.26 28.57 15.72
N LYS B 289 -19.77 28.77 14.50
CA LYS B 289 -19.31 27.65 13.69
C LYS B 289 -17.80 27.41 13.77
N LYS B 290 -17.42 26.26 14.31
CA LYS B 290 -16.01 25.91 14.43
C LYS B 290 -15.64 24.71 13.59
N ASN B 291 -14.62 24.87 12.75
CA ASN B 291 -14.16 23.80 11.88
C ASN B 291 -13.05 23.05 12.62
N PRO B 292 -13.15 21.72 12.74
CA PRO B 292 -12.11 20.97 13.45
C PRO B 292 -10.86 20.66 12.60
N ASP B 293 -10.19 21.73 12.14
CA ASP B 293 -9.00 21.59 11.30
C ASP B 293 -7.92 20.70 11.89
N SER B 294 -7.73 20.80 13.20
CA SER B 294 -6.74 20.01 13.90
C SER B 294 -6.97 18.51 13.68
N LEU B 295 -8.20 18.07 13.94
CA LEU B 295 -8.58 16.69 13.80
C LEU B 295 -8.50 16.22 12.35
N GLU B 296 -8.77 17.13 11.41
CA GLU B 296 -8.69 16.76 10.00
C GLU B 296 -7.22 16.54 9.62
N LEU B 297 -6.32 17.40 10.11
CA LEU B 297 -4.90 17.26 9.84
C LEU B 297 -4.43 15.91 10.38
N ILE B 298 -4.85 15.60 11.61
CA ILE B 298 -4.50 14.34 12.26
C ILE B 298 -4.95 13.14 11.42
N ARG B 299 -6.22 13.14 11.04
CA ARG B 299 -6.77 12.04 10.26
C ARG B 299 -5.97 11.81 8.97
N SER B 300 -5.63 12.89 8.27
CA SER B 300 -4.90 12.80 7.01
C SER B 300 -3.47 12.24 7.16
N LYS B 301 -2.89 12.43 8.33
CA LYS B 301 -1.54 11.95 8.56
C LYS B 301 -1.47 10.42 8.60
N ALA B 302 -2.62 9.76 8.72
CA ALA B 302 -2.62 8.30 8.69
C ALA B 302 -2.15 7.88 7.31
N GLY B 303 -2.68 8.54 6.27
CA GLY B 303 -2.29 8.23 4.91
C GLY B 303 -0.83 8.55 4.66
N ARG B 304 -0.40 9.72 5.12
CA ARG B 304 0.99 10.17 4.98
C ARG B 304 1.99 9.21 5.62
N VAL B 305 1.69 8.71 6.82
CA VAL B 305 2.58 7.76 7.48
C VAL B 305 2.51 6.39 6.81
N PHE B 306 1.31 5.96 6.48
CA PHE B 306 1.13 4.67 5.81
C PHE B 306 1.93 4.69 4.49
N GLY B 307 1.93 5.83 3.80
CA GLY B 307 2.66 5.98 2.54
C GLY B 307 4.13 5.66 2.73
N ARG B 308 4.69 6.12 3.84
CA ARG B 308 6.09 5.85 4.15
C ARG B 308 6.30 4.37 4.39
N LEU B 309 5.40 3.74 5.13
CA LEU B 309 5.51 2.31 5.38
C LEU B 309 5.48 1.57 4.05
N ALA B 310 4.49 1.90 3.22
CA ALA B 310 4.36 1.27 1.92
C ALA B 310 5.63 1.38 1.06
N SER B 311 6.23 2.58 1.03
CA SER B 311 7.41 2.80 0.22
C SER B 311 8.62 1.97 0.63
N ILE B 312 8.92 1.90 1.92
CA ILE B 312 10.09 1.14 2.34
C ILE B 312 9.88 -0.36 2.13
N LEU B 313 8.65 -0.84 2.35
CA LEU B 313 8.38 -2.26 2.12
C LEU B 313 8.69 -2.58 0.66
N MET B 314 8.26 -1.71 -0.25
CA MET B 314 8.52 -1.93 -1.67
C MET B 314 10.02 -1.80 -2.00
N VAL B 315 10.68 -0.84 -1.38
CA VAL B 315 12.12 -0.67 -1.62
C VAL B 315 12.88 -1.97 -1.25
N LEU B 316 12.56 -2.54 -0.09
CA LEU B 316 13.23 -3.75 0.38
C LEU B 316 12.86 -5.06 -0.35
N LYS B 317 11.63 -5.15 -0.84
CA LYS B 317 11.15 -6.35 -1.50
C LYS B 317 12.02 -6.83 -2.67
N GLY B 318 12.48 -8.08 -2.57
CA GLY B 318 13.28 -8.65 -3.64
C GLY B 318 14.70 -8.14 -3.83
N LEU B 319 15.23 -7.36 -2.88
CA LEU B 319 16.60 -6.88 -3.01
C LEU B 319 17.59 -7.99 -2.68
N PRO B 320 18.72 -8.06 -3.41
CA PRO B 320 19.67 -9.12 -3.07
C PRO B 320 20.62 -8.65 -1.96
N SER B 321 21.38 -9.58 -1.39
CA SER B 321 22.35 -9.21 -0.36
C SER B 321 23.53 -8.62 -1.15
N THR B 322 24.30 -7.69 -0.58
CA THR B 322 24.09 -7.18 0.78
C THR B 322 23.70 -5.70 0.73
N TYR B 323 24.67 -4.80 0.61
CA TYR B 323 24.30 -3.38 0.54
C TYR B 323 23.93 -2.99 -0.90
N ASN B 324 22.90 -2.15 -1.04
CA ASN B 324 22.46 -1.66 -2.36
C ASN B 324 22.06 -0.20 -2.20
N LYS B 325 22.33 0.64 -3.19
CA LYS B 325 21.98 2.06 -3.03
C LYS B 325 20.48 2.26 -2.78
N ASP B 326 19.67 1.26 -3.13
CA ASP B 326 18.22 1.35 -2.90
C ASP B 326 17.93 1.70 -1.44
N LEU B 327 18.77 1.21 -0.53
CA LEU B 327 18.58 1.44 0.92
C LEU B 327 18.63 2.88 1.37
N GLN B 328 19.16 3.75 0.51
CA GLN B 328 19.26 5.18 0.84
C GLN B 328 17.89 5.85 1.06
N GLU B 329 16.83 5.25 0.52
CA GLU B 329 15.48 5.81 0.66
C GLU B 329 14.91 5.77 2.09
N ASP B 330 15.60 5.07 2.99
CA ASP B 330 15.10 4.98 4.35
C ASP B 330 15.05 6.28 5.15
N LYS B 331 16.08 7.11 4.99
CA LYS B 331 16.15 8.31 5.79
C LYS B 331 15.02 9.32 5.68
N GLU B 332 14.61 9.65 4.45
CA GLU B 332 13.54 10.62 4.30
C GLU B 332 12.23 10.14 4.92
N ALA B 333 11.98 8.85 4.83
CA ALA B 333 10.75 8.28 5.37
C ALA B 333 10.80 8.36 6.89
N VAL B 334 11.93 8.00 7.50
CA VAL B 334 12.05 8.06 8.95
C VAL B 334 11.90 9.50 9.49
N PHE B 335 12.57 10.45 8.84
CA PHE B 335 12.50 11.84 9.29
C PHE B 335 11.08 12.35 9.24
N ASP B 336 10.42 12.18 8.09
CA ASP B 336 9.03 12.63 7.93
C ASP B 336 8.14 12.04 9.04
N VAL B 337 8.23 10.72 9.26
CA VAL B 337 7.37 10.08 10.25
C VAL B 337 7.70 10.48 11.68
N VAL B 338 8.98 10.71 11.99
CA VAL B 338 9.31 11.15 13.35
C VAL B 338 8.68 12.53 13.59
N ASP B 339 8.89 13.45 12.65
CA ASP B 339 8.35 14.81 12.79
C ASP B 339 6.82 14.84 12.82
N THR B 340 6.19 13.94 12.05
CA THR B 340 4.73 13.87 12.02
C THR B 340 4.18 13.39 13.36
N LEU B 341 4.73 12.30 13.90
CA LEU B 341 4.22 11.79 15.18
C LEU B 341 4.37 12.80 16.30
N THR B 342 5.52 13.47 16.33
CA THR B 342 5.82 14.46 17.35
C THR B 342 4.78 15.60 17.35
N ALA B 343 4.51 16.13 16.17
CA ALA B 343 3.54 17.20 16.06
C ALA B 343 2.12 16.70 16.29
N VAL B 344 1.78 15.58 15.65
CA VAL B 344 0.46 14.99 15.77
C VAL B 344 0.07 14.64 17.20
N LEU B 345 0.96 13.97 17.93
CA LEU B 345 0.64 13.60 19.30
C LEU B 345 0.38 14.82 20.19
N GLN B 346 1.20 15.86 20.04
CA GLN B 346 1.02 17.06 20.84
C GLN B 346 -0.28 17.79 20.51
N VAL B 347 -0.64 17.87 19.23
CA VAL B 347 -1.90 18.52 18.89
C VAL B 347 -3.05 17.70 19.50
N ALA B 348 -3.01 16.36 19.37
CA ALA B 348 -4.07 15.52 19.93
C ALA B 348 -4.20 15.74 21.45
N THR B 349 -3.08 15.92 22.13
CA THR B 349 -3.11 16.14 23.57
C THR B 349 -3.84 17.45 23.87
N GLY B 350 -3.52 18.47 23.08
CA GLY B 350 -4.17 19.77 23.26
C GLY B 350 -5.67 19.70 23.01
N VAL B 351 -6.05 19.06 21.91
CA VAL B 351 -7.46 18.94 21.56
C VAL B 351 -8.23 18.28 22.69
N ILE B 352 -7.75 17.13 23.16
CA ILE B 352 -8.42 16.42 24.24
C ILE B 352 -8.46 17.19 25.58
N SER B 353 -7.38 17.88 25.92
CA SER B 353 -7.37 18.59 27.20
C SER B 353 -8.20 19.85 27.20
N THR B 354 -8.29 20.53 26.05
CA THR B 354 -9.02 21.79 25.97
C THR B 354 -10.44 21.75 25.41
N LEU B 355 -10.90 20.63 24.86
CA LEU B 355 -12.25 20.63 24.33
C LEU B 355 -13.28 20.76 25.45
N GLN B 356 -14.46 21.25 25.07
CA GLN B 356 -15.55 21.44 26.03
C GLN B 356 -16.74 20.58 25.66
N ILE B 357 -17.20 19.74 26.59
CA ILE B 357 -18.34 18.90 26.31
C ILE B 357 -19.63 19.58 26.78
N SER B 358 -20.73 19.15 26.19
CA SER B 358 -22.04 19.65 26.55
C SER B 358 -22.75 18.51 27.27
N LYS B 359 -22.57 18.48 28.59
CA LYS B 359 -23.20 17.45 29.42
C LYS B 359 -24.71 17.40 29.09
N GLU B 360 -25.30 18.59 28.90
CA GLU B 360 -26.71 18.68 28.59
C GLU B 360 -27.14 18.04 27.28
N ASN B 361 -26.34 18.26 26.23
CA ASN B 361 -26.69 17.68 24.93
C ASN B 361 -26.49 16.16 24.96
N MET B 362 -25.40 15.70 25.56
CA MET B 362 -25.12 14.27 25.66
C MET B 362 -26.27 13.54 26.37
N GLU B 363 -26.76 14.15 27.45
CA GLU B 363 -27.84 13.58 28.25
C GLU B 363 -29.16 13.58 27.51
N LYS B 364 -29.49 14.72 26.90
CA LYS B 364 -30.73 14.85 26.16
C LYS B 364 -30.87 13.84 25.01
N ALA B 365 -29.74 13.35 24.50
CA ALA B 365 -29.76 12.39 23.39
C ALA B 365 -30.15 10.98 23.80
N LEU B 366 -30.22 10.73 25.10
CA LEU B 366 -30.59 9.41 25.61
C LEU B 366 -32.10 9.25 25.48
N THR B 367 -32.55 8.19 24.80
CA THR B 367 -33.97 7.98 24.62
C THR B 367 -34.49 6.71 25.27
N PRO B 368 -35.78 6.73 25.68
CA PRO B 368 -36.43 5.59 26.33
C PRO B 368 -36.33 4.33 25.47
N GLU B 369 -36.41 4.51 24.15
CA GLU B 369 -36.33 3.38 23.24
C GLU B 369 -35.00 2.66 23.40
N MET B 370 -34.03 3.36 24.00
CA MET B 370 -32.71 2.78 24.21
C MET B 370 -32.71 1.86 25.44
N LEU B 371 -33.89 1.58 25.99
CA LEU B 371 -33.99 0.75 27.17
C LEU B 371 -34.78 -0.55 26.98
N ALA B 372 -35.26 -0.77 25.77
CA ALA B 372 -36.03 -1.98 25.48
C ALA B 372 -35.17 -3.21 25.76
N THR B 373 -33.89 -3.14 25.37
CA THR B 373 -32.98 -4.26 25.60
C THR B 373 -32.93 -4.51 27.11
N ASP B 374 -32.79 -3.44 27.89
CA ASP B 374 -32.76 -3.54 29.35
C ASP B 374 -34.02 -4.20 29.92
N LEU B 375 -35.17 -3.95 29.31
CA LEU B 375 -36.42 -4.51 29.77
C LEU B 375 -36.36 -6.04 29.62
N ALA B 376 -35.87 -6.49 28.48
CA ALA B 376 -35.73 -7.91 28.22
C ALA B 376 -34.79 -8.51 29.27
N LEU B 377 -33.69 -7.83 29.54
CA LEU B 377 -32.71 -8.27 30.54
C LEU B 377 -33.35 -8.40 31.91
N TYR B 378 -34.29 -7.50 32.20
CA TYR B 378 -35.01 -7.49 33.48
C TYR B 378 -35.71 -8.83 33.68
N LEU B 379 -36.36 -9.32 32.62
CA LEU B 379 -37.07 -10.59 32.67
C LEU B 379 -36.06 -11.73 32.75
N VAL B 380 -34.91 -11.56 32.10
CA VAL B 380 -33.90 -12.60 32.14
C VAL B 380 -33.44 -12.88 33.56
N ARG B 381 -33.28 -11.82 34.36
CA ARG B 381 -32.84 -11.97 35.75
C ARG B 381 -33.95 -12.54 36.63
N LYS B 382 -35.19 -12.43 36.15
CA LYS B 382 -36.35 -12.96 36.86
C LYS B 382 -36.47 -14.44 36.51
N GLY B 383 -35.60 -14.91 35.64
CA GLY B 383 -35.64 -16.32 35.25
C GLY B 383 -36.36 -16.65 33.96
N VAL B 384 -36.66 -15.63 33.16
CA VAL B 384 -37.34 -15.84 31.89
C VAL B 384 -36.32 -16.14 30.78
N PRO B 385 -36.54 -17.23 30.01
CA PRO B 385 -35.59 -17.56 28.93
C PRO B 385 -35.38 -16.38 28.00
N PHE B 386 -34.14 -16.22 27.56
CA PHE B 386 -33.73 -15.15 26.65
C PHE B 386 -34.70 -14.88 25.50
N ARG B 387 -35.11 -15.93 24.78
CA ARG B 387 -36.02 -15.75 23.64
C ARG B 387 -37.39 -15.18 24.01
N GLN B 388 -37.98 -15.67 25.10
CA GLN B 388 -39.28 -15.18 25.53
C GLN B 388 -39.10 -13.78 26.08
N ALA B 389 -37.99 -13.56 26.76
CA ALA B 389 -37.70 -12.24 27.31
C ALA B 389 -37.67 -11.23 26.17
N HIS B 390 -36.92 -11.56 25.12
CA HIS B 390 -36.80 -10.69 23.96
C HIS B 390 -38.17 -10.42 23.31
N THR B 391 -38.93 -11.50 23.09
CA THR B 391 -40.25 -11.40 22.50
C THR B 391 -41.17 -10.52 23.35
N ALA B 392 -41.13 -10.72 24.66
CA ALA B 392 -41.96 -9.94 25.58
C ALA B 392 -41.63 -8.45 25.47
N SER B 393 -40.35 -8.12 25.44
CA SER B 393 -39.94 -6.73 25.33
C SER B 393 -40.37 -6.16 23.98
N GLY B 394 -40.39 -7.02 22.97
CA GLY B 394 -40.80 -6.60 21.64
C GLY B 394 -42.28 -6.28 21.61
N LYS B 395 -43.09 -7.15 22.22
CA LYS B 395 -44.53 -6.91 22.26
C LYS B 395 -44.82 -5.65 23.04
N ALA B 396 -43.93 -5.32 23.98
CA ALA B 396 -44.10 -4.11 24.79
C ALA B 396 -43.85 -2.85 23.97
N VAL B 397 -42.81 -2.88 23.16
CA VAL B 397 -42.46 -1.74 22.32
C VAL B 397 -43.60 -1.44 21.34
N HIS B 398 -44.12 -2.49 20.73
CA HIS B 398 -45.21 -2.36 19.76
C HIS B 398 -46.49 -1.82 20.40
N LEU B 399 -46.77 -2.27 21.63
CA LEU B 399 -47.96 -1.82 22.36
C LEU B 399 -47.84 -0.35 22.70
N ALA B 400 -46.61 0.09 22.95
CA ALA B 400 -46.35 1.48 23.29
C ALA B 400 -46.56 2.31 22.02
N GLU B 401 -46.06 1.78 20.89
CA GLU B 401 -46.19 2.45 19.60
C GLU B 401 -47.67 2.71 19.31
N THR B 402 -48.46 1.64 19.23
CA THR B 402 -49.89 1.73 18.98
C THR B 402 -50.49 2.82 19.88
N LYS B 403 -50.27 2.69 21.18
CA LYS B 403 -50.79 3.66 22.12
C LYS B 403 -50.20 5.05 21.94
N GLY B 404 -49.23 5.17 21.04
CA GLY B 404 -48.61 6.46 20.79
C GLY B 404 -47.90 7.03 22.01
N ILE B 405 -47.23 6.16 22.75
CA ILE B 405 -46.50 6.58 23.94
C ILE B 405 -45.17 5.86 23.98
N THR B 406 -44.29 6.29 24.88
CA THR B 406 -42.98 5.66 25.01
C THR B 406 -43.07 4.46 25.96
N ILE B 407 -42.21 3.48 25.77
CA ILE B 407 -42.25 2.27 26.60
C ILE B 407 -42.27 2.53 28.10
N ASN B 408 -41.71 3.65 28.53
CA ASN B 408 -41.69 3.94 29.96
C ASN B 408 -43.05 4.41 30.46
N LYS B 409 -43.96 4.67 29.52
CA LYS B 409 -45.30 5.14 29.85
C LYS B 409 -46.29 3.98 30.02
N LEU B 410 -45.86 2.76 29.68
CA LEU B 410 -46.73 1.61 29.83
C LEU B 410 -47.03 1.38 31.31
N SER B 411 -48.26 0.96 31.61
CA SER B 411 -48.66 0.69 32.99
C SER B 411 -48.21 -0.72 33.36
N LEU B 412 -48.08 -0.98 34.67
CA LEU B 412 -47.68 -2.30 35.12
C LEU B 412 -48.67 -3.33 34.59
N GLU B 413 -49.95 -3.00 34.69
CA GLU B 413 -51.00 -3.89 34.20
C GLU B 413 -50.72 -4.25 32.74
N ASP B 414 -50.43 -3.25 31.92
CA ASP B 414 -50.13 -3.51 30.52
C ASP B 414 -48.93 -4.44 30.39
N LEU B 415 -47.93 -4.24 31.25
CA LEU B 415 -46.74 -5.07 31.23
C LEU B 415 -47.04 -6.48 31.71
N LYS B 416 -47.85 -6.60 32.76
CA LYS B 416 -48.18 -7.92 33.28
C LYS B 416 -48.95 -8.75 32.28
N SER B 417 -49.69 -8.10 31.39
CA SER B 417 -50.46 -8.81 30.37
C SER B 417 -49.51 -9.48 29.37
N ILE B 418 -48.35 -8.88 29.16
CA ILE B 418 -47.37 -9.43 28.22
C ILE B 418 -46.61 -10.54 28.93
N SER B 419 -46.21 -10.29 30.17
CA SER B 419 -45.47 -11.29 30.95
C SER B 419 -45.69 -11.12 32.47
N PRO B 420 -46.27 -12.14 33.11
CA PRO B 420 -46.53 -12.08 34.56
C PRO B 420 -45.28 -11.83 35.42
N GLN B 421 -44.09 -11.99 34.85
CA GLN B 421 -42.86 -11.77 35.59
C GLN B 421 -42.61 -10.29 35.87
N PHE B 422 -43.28 -9.42 35.13
CA PHE B 422 -43.11 -7.99 35.35
C PHE B 422 -43.74 -7.63 36.69
N SER B 423 -42.95 -7.06 37.58
CA SER B 423 -43.41 -6.62 38.89
C SER B 423 -43.19 -5.13 38.92
N SER B 424 -43.81 -4.45 39.87
CA SER B 424 -43.67 -3.01 39.98
C SER B 424 -42.20 -2.54 40.02
N ASP B 425 -41.28 -3.43 40.41
CA ASP B 425 -39.86 -3.04 40.47
C ASP B 425 -39.25 -2.83 39.07
N VAL B 426 -40.08 -2.99 38.04
CA VAL B 426 -39.63 -2.82 36.66
C VAL B 426 -39.40 -1.32 36.41
N SER B 427 -39.83 -0.48 37.35
CA SER B 427 -39.64 0.96 37.23
C SER B 427 -38.15 1.33 37.13
N GLN B 428 -37.32 0.59 37.86
CA GLN B 428 -35.86 0.82 37.85
C GLN B 428 -35.20 0.63 36.47
N VAL B 429 -35.84 -0.12 35.58
CA VAL B 429 -35.31 -0.33 34.23
C VAL B 429 -35.26 1.00 33.49
N PHE B 430 -36.27 1.84 33.70
CA PHE B 430 -36.32 3.12 33.00
C PHE B 430 -35.56 4.23 33.70
N ASN B 431 -34.24 4.07 33.71
CA ASN B 431 -33.34 5.02 34.33
C ASN B 431 -32.01 4.79 33.61
N PHE B 432 -31.43 5.85 33.06
CA PHE B 432 -30.19 5.74 32.31
C PHE B 432 -28.95 5.37 33.13
N VAL B 433 -28.91 5.81 34.38
CA VAL B 433 -27.77 5.47 35.24
C VAL B 433 -27.87 4.00 35.62
N ASN B 434 -29.08 3.53 35.94
CA ASN B 434 -29.21 2.12 36.29
C ASN B 434 -28.81 1.32 35.06
N SER B 435 -29.15 1.86 33.88
CA SER B 435 -28.82 1.20 32.61
C SER B 435 -27.31 0.92 32.56
N VAL B 436 -26.51 1.98 32.65
CA VAL B 436 -25.06 1.84 32.59
C VAL B 436 -24.50 1.02 33.76
N GLU B 437 -25.17 1.07 34.91
CA GLU B 437 -24.68 0.35 36.08
C GLU B 437 -24.83 -1.17 36.02
N GLN B 438 -25.43 -1.68 34.95
CA GLN B 438 -25.59 -3.12 34.77
C GLN B 438 -24.24 -3.74 34.44
N TYR B 439 -23.40 -2.94 33.76
CA TYR B 439 -22.10 -3.40 33.27
C TYR B 439 -20.92 -3.36 34.21
N THR B 440 -21.06 -4.11 35.29
CA THR B 440 -20.05 -4.21 36.32
C THR B 440 -18.99 -5.27 35.97
N ALA B 441 -19.29 -6.17 35.05
CA ALA B 441 -18.29 -7.18 34.66
C ALA B 441 -17.07 -6.39 34.19
N LEU B 442 -15.88 -6.86 34.55
CA LEU B 442 -14.66 -6.15 34.19
C LEU B 442 -14.61 -5.64 32.75
N ALA B 443 -14.25 -4.37 32.62
CA ALA B 443 -14.13 -3.69 31.33
C ALA B 443 -15.43 -3.05 30.85
N GLY B 444 -16.52 -3.30 31.58
CA GLY B 444 -17.82 -2.72 31.24
C GLY B 444 -17.89 -1.25 31.59
N THR B 445 -19.01 -0.60 31.27
CA THR B 445 -19.16 0.84 31.50
C THR B 445 -19.70 1.28 32.87
N ALA B 446 -19.97 0.33 33.77
CA ALA B 446 -20.45 0.71 35.10
C ALA B 446 -19.32 1.49 35.77
N LYS B 447 -19.67 2.43 36.64
CA LYS B 447 -18.69 3.27 37.34
C LYS B 447 -17.56 2.49 38.03
N SER B 448 -17.86 1.36 38.64
CA SER B 448 -16.82 0.60 39.31
C SER B 448 -15.82 0.05 38.31
N SER B 449 -16.31 -0.37 37.14
CA SER B 449 -15.44 -0.91 36.11
C SER B 449 -14.60 0.19 35.48
N VAL B 450 -15.17 1.39 35.36
CA VAL B 450 -14.44 2.52 34.79
C VAL B 450 -13.34 2.94 35.76
N THR B 451 -13.65 2.84 37.05
CA THR B 451 -12.69 3.18 38.09
C THR B 451 -11.52 2.22 38.01
N THR B 452 -11.84 0.94 37.84
CA THR B 452 -10.81 -0.09 37.74
C THR B 452 -9.90 0.14 36.53
N GLN B 453 -10.49 0.55 35.40
CA GLN B 453 -9.72 0.81 34.18
C GLN B 453 -8.73 1.97 34.39
N ILE B 454 -9.21 3.05 35.02
CA ILE B 454 -8.39 4.22 35.29
C ILE B 454 -7.16 3.77 36.11
N GLU B 455 -7.40 2.93 37.10
CA GLU B 455 -6.33 2.44 37.94
C GLU B 455 -5.36 1.58 37.13
N GLN B 456 -5.90 0.62 36.38
CA GLN B 456 -5.05 -0.26 35.58
C GLN B 456 -4.18 0.55 34.60
N LEU B 457 -4.78 1.54 33.95
CA LEU B 457 -4.03 2.37 32.99
C LEU B 457 -2.96 3.24 33.66
N ARG B 458 -3.22 3.71 34.87
CA ARG B 458 -2.23 4.51 35.59
C ARG B 458 -1.01 3.62 35.85
N GLU B 459 -1.26 2.38 36.30
CA GLU B 459 -0.16 1.47 36.57
C GLU B 459 0.57 1.09 35.29
N LEU B 460 -0.18 0.90 34.20
CA LEU B 460 0.43 0.57 32.92
C LEU B 460 1.40 1.66 32.49
N MET B 461 0.94 2.91 32.57
CA MET B 461 1.79 4.03 32.18
C MET B 461 3.01 4.05 33.06
N LYS B 462 2.82 3.74 34.34
CA LYS B 462 3.96 3.71 35.27
C LYS B 462 4.98 2.68 34.74
N LYS B 463 4.52 1.46 34.51
CA LYS B 463 5.40 0.40 34.04
C LYS B 463 6.07 0.77 32.71
N GLN B 464 5.30 1.33 31.79
CA GLN B 464 5.83 1.73 30.49
C GLN B 464 6.83 2.89 30.62
N LYS B 465 6.48 3.89 31.44
CA LYS B 465 7.38 5.02 31.65
C LYS B 465 8.70 4.53 32.22
N GLU B 466 8.63 3.63 33.20
CA GLU B 466 9.84 3.07 33.82
C GLU B 466 10.57 2.22 32.79
N GLN B 467 10.26 2.46 31.50
CA GLN B 467 10.84 1.74 30.36
C GLN B 467 12.29 1.30 30.48
N ASP C 20 -1.81 27.77 19.39
CA ASP C 20 -0.82 26.66 19.58
C ASP C 20 0.19 26.65 18.44
N PRO C 21 1.47 26.84 18.74
CA PRO C 21 2.54 26.86 17.73
C PRO C 21 2.73 25.55 16.96
N ILE C 22 2.43 24.43 17.59
CA ILE C 22 2.56 23.15 16.90
C ILE C 22 1.43 23.09 15.88
N MET C 23 0.24 23.53 16.28
CA MET C 23 -0.91 23.51 15.39
C MET C 23 -0.65 24.42 14.20
N GLU C 24 -0.16 25.63 14.46
CA GLU C 24 0.13 26.61 13.41
C GLU C 24 1.08 26.07 12.34
N LYS C 25 2.17 25.46 12.79
CA LYS C 25 3.15 24.92 11.86
C LYS C 25 2.55 23.76 11.06
N LEU C 26 1.82 22.88 11.75
CA LEU C 26 1.21 21.73 11.11
C LEU C 26 0.18 22.16 10.07
N ASN C 27 -0.64 23.15 10.39
CA ASN C 27 -1.66 23.62 9.47
C ASN C 27 -1.09 24.40 8.29
N SER C 28 -0.01 25.13 8.53
CA SER C 28 0.64 25.95 7.51
C SER C 28 1.23 25.13 6.36
N SER C 29 1.00 25.60 5.13
CA SER C 29 1.51 24.91 3.93
C SER C 29 2.49 25.75 3.09
N ILE C 30 2.74 26.99 3.53
CA ILE C 30 3.61 27.91 2.81
C ILE C 30 5.01 27.38 2.49
N ALA C 31 5.57 26.58 3.39
CA ALA C 31 6.91 26.04 3.19
C ALA C 31 7.06 25.31 1.86
N TYR C 32 6.01 24.60 1.44
CA TYR C 32 6.07 23.89 0.18
C TYR C 32 5.14 24.40 -0.93
N ASP C 33 3.98 24.94 -0.57
CA ASP C 33 3.06 25.41 -1.60
C ASP C 33 3.51 26.71 -2.28
N GLN C 34 4.69 27.19 -1.88
CA GLN C 34 5.30 28.38 -2.47
C GLN C 34 5.64 28.06 -3.90
N ARG C 35 5.89 26.79 -4.19
CA ARG C 35 6.25 26.42 -5.55
C ARG C 35 5.13 26.76 -6.51
N LEU C 36 3.94 27.00 -5.98
CA LEU C 36 2.78 27.36 -6.79
C LEU C 36 2.68 28.89 -6.93
N SER C 37 3.72 29.60 -6.52
CA SER C 37 3.72 31.06 -6.58
C SER C 37 3.35 31.65 -7.94
N GLU C 38 4.05 31.24 -9.00
CA GLU C 38 3.77 31.78 -10.33
C GLU C 38 2.41 31.39 -10.88
N VAL C 39 2.00 30.12 -10.77
CA VAL C 39 0.70 29.73 -11.29
C VAL C 39 -0.41 30.39 -10.48
N ASP C 40 -0.11 30.64 -9.21
CA ASP C 40 -1.09 31.30 -8.34
C ASP C 40 -1.35 32.70 -8.87
N ILE C 41 -0.29 33.42 -9.21
CA ILE C 41 -0.42 34.76 -9.76
C ILE C 41 -1.22 34.73 -11.07
N GLN C 42 -0.92 33.76 -11.94
CA GLN C 42 -1.62 33.66 -13.21
C GLN C 42 -3.12 33.45 -13.01
N GLY C 43 -3.49 32.59 -12.06
CA GLY C 43 -4.90 32.38 -11.80
C GLY C 43 -5.56 33.67 -11.31
N SER C 44 -4.81 34.48 -10.55
CA SER C 44 -5.35 35.74 -10.05
C SER C 44 -5.51 36.80 -11.16
N MET C 45 -4.57 36.85 -12.08
CA MET C 45 -4.66 37.80 -13.20
C MET C 45 -5.90 37.43 -14.00
N ALA C 46 -6.07 36.15 -14.28
CA ALA C 46 -7.23 35.69 -15.03
C ALA C 46 -8.53 36.05 -14.29
N TYR C 47 -8.57 35.81 -12.98
CA TYR C 47 -9.77 36.09 -12.20
C TYR C 47 -10.05 37.59 -12.17
N ALA C 48 -9.00 38.38 -12.02
CA ALA C 48 -9.13 39.83 -11.96
C ALA C 48 -9.80 40.34 -13.22
N LYS C 49 -9.35 39.84 -14.37
CA LYS C 49 -9.92 40.26 -15.64
C LYS C 49 -11.39 39.87 -15.75
N ALA C 50 -11.77 38.77 -15.12
CA ALA C 50 -13.17 38.36 -15.17
C ALA C 50 -14.01 39.24 -14.24
N LEU C 51 -13.42 39.69 -13.14
CA LEU C 51 -14.12 40.55 -12.19
C LEU C 51 -14.43 41.90 -12.83
N GLU C 52 -13.53 42.36 -13.69
CA GLU C 52 -13.73 43.62 -14.39
C GLU C 52 -14.84 43.43 -15.42
N LYS C 53 -14.83 42.30 -16.11
CA LYS C 53 -15.86 42.02 -17.11
C LYS C 53 -17.22 41.92 -16.41
N ALA C 54 -17.18 41.53 -15.15
CA ALA C 54 -18.40 41.40 -14.38
C ALA C 54 -18.78 42.72 -13.71
N GLY C 55 -17.90 43.72 -13.82
CA GLY C 55 -18.19 45.02 -13.24
C GLY C 55 -17.81 45.18 -11.77
N ILE C 56 -17.17 44.16 -11.21
CA ILE C 56 -16.77 44.21 -9.82
C ILE C 56 -15.57 45.14 -9.69
N LEU C 57 -14.79 45.23 -10.76
CA LEU C 57 -13.62 46.11 -10.78
C LEU C 57 -13.76 47.09 -11.94
N THR C 58 -13.14 48.27 -11.78
CA THR C 58 -13.15 49.26 -12.85
C THR C 58 -11.95 48.98 -13.75
N LYS C 59 -11.90 49.63 -14.92
CA LYS C 59 -10.76 49.40 -15.80
C LYS C 59 -9.47 49.81 -15.11
N THR C 60 -9.47 50.97 -14.47
CA THR C 60 -8.28 51.43 -13.78
C THR C 60 -7.90 50.46 -12.66
N GLU C 61 -8.88 50.08 -11.86
CA GLU C 61 -8.64 49.13 -10.77
C GLU C 61 -7.96 47.87 -11.32
N LEU C 62 -8.43 47.38 -12.45
CA LEU C 62 -7.85 46.20 -13.08
C LEU C 62 -6.38 46.41 -13.43
N GLU C 63 -6.08 47.54 -14.06
CA GLU C 63 -4.71 47.89 -14.45
C GLU C 63 -3.81 47.84 -13.25
N LYS C 64 -4.24 48.49 -12.17
CA LYS C 64 -3.47 48.53 -10.94
C LYS C 64 -3.22 47.14 -10.39
N ILE C 65 -4.27 46.33 -10.33
CA ILE C 65 -4.14 44.97 -9.82
C ILE C 65 -3.19 44.12 -10.68
N LEU C 66 -3.35 44.15 -12.00
CA LEU C 66 -2.50 43.38 -12.90
C LEU C 66 -1.05 43.83 -12.81
N SER C 67 -0.83 45.13 -12.73
CA SER C 67 0.51 45.66 -12.63
C SER C 67 1.15 45.22 -11.31
N GLY C 68 0.34 45.19 -10.26
CA GLY C 68 0.84 44.77 -8.97
C GLY C 68 1.13 43.27 -8.94
N LEU C 69 0.34 42.50 -9.69
CA LEU C 69 0.52 41.06 -9.75
C LEU C 69 1.79 40.72 -10.55
N GLU C 70 2.07 41.53 -11.57
CA GLU C 70 3.27 41.32 -12.38
C GLU C 70 4.52 41.54 -11.51
N LYS C 71 4.44 42.46 -10.57
CA LYS C 71 5.57 42.73 -9.68
C LYS C 71 5.85 41.55 -8.76
N ILE C 72 4.78 40.91 -8.26
CA ILE C 72 4.92 39.75 -7.37
C ILE C 72 5.62 38.64 -8.16
N SER C 73 5.10 38.38 -9.36
CA SER C 73 5.64 37.37 -10.24
C SER C 73 7.16 37.54 -10.35
N GLU C 74 7.60 38.78 -10.59
CA GLU C 74 9.03 39.06 -10.71
C GLU C 74 9.73 38.80 -9.38
N GLU C 75 9.16 39.29 -8.29
CA GLU C 75 9.77 39.08 -6.98
C GLU C 75 10.00 37.60 -6.71
N TRP C 76 9.05 36.77 -7.09
CA TRP C 76 9.18 35.33 -6.90
C TRP C 76 10.21 34.81 -7.87
N SER C 77 10.10 35.26 -9.11
CA SER C 77 10.98 34.86 -10.20
C SER C 77 12.45 35.15 -9.93
N LYS C 78 12.74 36.27 -9.29
CA LYS C 78 14.12 36.64 -8.99
C LYS C 78 14.58 36.06 -7.67
N GLY C 79 13.67 35.42 -6.96
CA GLY C 79 14.01 34.83 -5.68
C GLY C 79 14.14 35.90 -4.61
N VAL C 80 13.47 37.03 -4.82
CA VAL C 80 13.53 38.14 -3.87
C VAL C 80 12.27 38.29 -3.01
N PHE C 81 11.25 37.47 -3.26
CA PHE C 81 10.02 37.55 -2.48
C PHE C 81 10.28 37.25 -1.01
N VAL C 82 9.77 38.10 -0.14
CA VAL C 82 9.97 37.90 1.28
C VAL C 82 8.75 37.28 1.95
N VAL C 83 8.90 36.06 2.43
CA VAL C 83 7.81 35.39 3.11
C VAL C 83 7.77 35.89 4.56
N LYS C 84 6.57 36.10 5.10
CA LYS C 84 6.40 36.57 6.47
C LYS C 84 5.89 35.46 7.38
N GLN C 85 6.20 35.56 8.66
CA GLN C 85 5.77 34.56 9.63
C GLN C 85 4.24 34.46 9.62
N SER C 86 3.58 35.55 9.23
CA SER C 86 2.12 35.57 9.18
C SER C 86 1.52 34.79 8.00
N ASP C 87 2.30 34.59 6.94
CA ASP C 87 1.84 33.87 5.74
C ASP C 87 1.55 32.38 6.01
N GLU C 88 0.28 32.00 5.95
CA GLU C 88 -0.12 30.60 6.17
C GLU C 88 0.09 29.74 4.93
N ASP C 89 -0.28 30.30 3.77
CA ASP C 89 -0.13 29.61 2.49
C ASP C 89 0.30 30.59 1.40
N ILE C 90 0.54 30.09 0.19
CA ILE C 90 0.97 30.94 -0.92
C ILE C 90 -0.12 31.91 -1.35
N HIS C 91 -1.37 31.52 -1.15
CA HIS C 91 -2.51 32.36 -1.50
C HIS C 91 -2.47 33.61 -0.63
N THR C 92 -2.39 33.39 0.68
CA THR C 92 -2.33 34.45 1.69
C THR C 92 -1.09 35.32 1.48
N ALA C 93 0.03 34.67 1.18
CA ALA C 93 1.26 35.40 0.98
C ALA C 93 1.13 36.38 -0.18
N ASN C 94 0.58 35.91 -1.29
CA ASN C 94 0.44 36.76 -2.48
C ASN C 94 -0.54 37.90 -2.31
N GLU C 95 -1.60 37.68 -1.54
CA GLU C 95 -2.56 38.74 -1.31
C GLU C 95 -1.96 39.78 -0.38
N ARG C 96 -1.12 39.33 0.56
CA ARG C 96 -0.46 40.25 1.48
C ARG C 96 0.43 41.17 0.68
N ARG C 97 1.29 40.59 -0.14
CA ARG C 97 2.22 41.37 -0.95
C ARG C 97 1.52 42.34 -1.91
N LEU C 98 0.43 41.89 -2.53
CA LEU C 98 -0.29 42.77 -3.45
C LEU C 98 -0.75 44.02 -2.72
N LYS C 99 -1.36 43.81 -1.56
CA LYS C 99 -1.86 44.91 -0.75
C LYS C 99 -0.72 45.85 -0.37
N GLU C 100 0.46 45.29 -0.12
CA GLU C 100 1.63 46.10 0.24
C GLU C 100 2.10 46.94 -0.93
N LEU C 101 1.89 46.45 -2.15
CA LEU C 101 2.30 47.18 -3.34
C LEU C 101 1.27 48.14 -3.92
N ILE C 102 -0.02 47.86 -3.75
CA ILE C 102 -1.02 48.74 -4.35
C ILE C 102 -2.12 49.27 -3.43
N GLY C 103 -2.09 48.89 -2.16
CA GLY C 103 -3.10 49.40 -1.27
C GLY C 103 -4.36 48.58 -1.16
N ASP C 104 -5.38 49.19 -0.55
CA ASP C 104 -6.68 48.57 -0.30
C ASP C 104 -7.45 48.04 -1.50
N ILE C 105 -7.11 48.49 -2.70
CA ILE C 105 -7.82 48.02 -3.88
C ILE C 105 -7.52 46.53 -4.11
N ALA C 106 -6.41 46.06 -3.55
CA ALA C 106 -6.02 44.65 -3.71
C ALA C 106 -7.03 43.71 -3.05
N GLY C 107 -7.84 44.25 -2.15
CA GLY C 107 -8.83 43.46 -1.45
C GLY C 107 -10.04 43.03 -2.27
N LYS C 108 -10.26 43.67 -3.42
CA LYS C 108 -11.40 43.31 -4.25
C LYS C 108 -11.11 42.09 -5.12
N LEU C 109 -9.84 41.72 -5.23
CA LEU C 109 -9.46 40.59 -6.05
C LEU C 109 -10.09 39.26 -5.62
N HIS C 110 -10.21 39.03 -4.31
CA HIS C 110 -10.76 37.77 -3.82
C HIS C 110 -12.29 37.67 -3.83
N THR C 111 -12.96 38.73 -4.29
CA THR C 111 -14.43 38.75 -4.35
C THR C 111 -15.02 37.55 -5.10
N GLY C 112 -15.87 36.78 -4.42
CA GLY C 112 -16.49 35.62 -5.04
C GLY C 112 -15.62 34.39 -5.21
N ARG C 113 -14.35 34.51 -4.80
CA ARG C 113 -13.40 33.40 -4.91
C ARG C 113 -13.14 32.80 -3.53
N SER C 114 -12.66 31.56 -3.52
CA SER C 114 -12.34 30.85 -2.29
C SER C 114 -10.96 30.21 -2.42
N ARG C 115 -10.33 29.91 -1.29
CA ARG C 115 -9.04 29.22 -1.38
C ARG C 115 -9.30 27.84 -1.98
N ASN C 116 -10.55 27.37 -1.84
CA ASN C 116 -10.91 26.03 -2.33
C ASN C 116 -10.76 25.86 -3.83
N ASP C 117 -11.39 26.71 -4.64
CA ASP C 117 -11.21 26.55 -6.07
C ASP C 117 -9.88 27.16 -6.55
N GLN C 118 -9.32 28.08 -5.75
CA GLN C 118 -8.04 28.69 -6.10
C GLN C 118 -6.91 27.63 -6.02
N VAL C 119 -6.88 26.87 -4.93
CA VAL C 119 -5.81 25.89 -4.78
C VAL C 119 -5.82 24.76 -5.82
N VAL C 120 -6.99 24.24 -6.20
CA VAL C 120 -6.99 23.18 -7.20
C VAL C 120 -6.67 23.77 -8.58
N THR C 121 -7.02 25.03 -8.80
CA THR C 121 -6.73 25.68 -10.07
C THR C 121 -5.21 25.80 -10.19
N ASP C 122 -4.56 26.17 -9.09
CA ASP C 122 -3.11 26.30 -9.05
C ASP C 122 -2.43 24.96 -9.32
N LEU C 123 -2.85 23.94 -8.57
CA LEU C 123 -2.25 22.62 -8.72
C LEU C 123 -2.40 22.08 -10.12
N LYS C 124 -3.60 22.21 -10.70
CA LYS C 124 -3.79 21.69 -12.06
C LYS C 124 -2.95 22.42 -13.10
N LEU C 125 -2.76 23.73 -12.95
CA LEU C 125 -1.91 24.45 -13.92
C LEU C 125 -0.46 23.96 -13.78
N PHE C 126 -0.04 23.74 -12.54
CA PHE C 126 1.32 23.29 -12.25
C PHE C 126 1.54 21.88 -12.83
N MET C 127 0.57 21.01 -12.63
CA MET C 127 0.65 19.64 -13.13
C MET C 127 0.67 19.56 -14.65
N LYS C 128 -0.14 20.40 -15.30
CA LYS C 128 -0.17 20.41 -16.75
C LYS C 128 1.24 20.79 -17.28
N ASN C 129 1.86 21.81 -16.69
CA ASN C 129 3.19 22.25 -17.08
C ASN C 129 4.21 21.11 -16.83
N SER C 130 4.08 20.47 -15.67
CA SER C 130 4.96 19.37 -15.27
C SER C 130 4.78 18.14 -16.16
N LEU C 131 3.55 17.85 -16.55
CA LEU C 131 3.30 16.69 -17.40
C LEU C 131 3.87 16.87 -18.81
N SER C 132 3.97 18.12 -19.25
CA SER C 132 4.54 18.42 -20.56
C SER C 132 6.05 18.11 -20.52
N ILE C 133 6.69 18.45 -19.40
CA ILE C 133 8.11 18.21 -19.19
C ILE C 133 8.38 16.69 -19.10
N ILE C 134 7.57 15.99 -18.31
CA ILE C 134 7.68 14.53 -18.14
C ILE C 134 7.56 13.83 -19.48
N SER C 135 6.56 14.25 -20.26
CA SER C 135 6.35 13.69 -21.58
C SER C 135 7.63 13.78 -22.43
N THR C 136 8.23 14.97 -22.46
CA THR C 136 9.45 15.15 -23.25
C THR C 136 10.56 14.15 -22.82
N HIS C 137 10.78 14.00 -21.52
CA HIS C 137 11.81 13.07 -21.04
C HIS C 137 11.44 11.61 -21.29
N LEU C 138 10.15 11.30 -21.14
CA LEU C 138 9.68 9.94 -21.36
C LEU C 138 9.84 9.57 -22.84
N LEU C 139 9.42 10.46 -23.74
CA LEU C 139 9.55 10.16 -25.16
C LEU C 139 11.02 10.04 -25.60
N GLN C 140 11.89 10.84 -25.00
CA GLN C 140 13.33 10.76 -25.31
C GLN C 140 13.91 9.40 -24.85
N LEU C 141 13.45 8.88 -23.72
CA LEU C 141 13.91 7.56 -23.24
C LEU C 141 13.50 6.50 -24.28
N ILE C 142 12.23 6.53 -24.67
CA ILE C 142 11.70 5.59 -25.64
C ILE C 142 12.49 5.69 -26.95
N LYS C 143 12.72 6.92 -27.40
CA LYS C 143 13.46 7.14 -28.63
C LYS C 143 14.86 6.54 -28.56
N THR C 144 15.50 6.69 -27.40
CA THR C 144 16.86 6.21 -27.19
C THR C 144 16.92 4.68 -27.27
N LEU C 145 15.93 4.04 -26.66
CA LEU C 145 15.85 2.58 -26.70
C LEU C 145 15.63 2.12 -28.14
N VAL C 146 14.71 2.77 -28.83
CA VAL C 146 14.39 2.41 -30.21
C VAL C 146 15.56 2.62 -31.18
N GLU C 147 16.28 3.73 -31.03
CA GLU C 147 17.42 3.97 -31.90
C GLU C 147 18.50 2.94 -31.66
N ARG C 148 18.75 2.62 -30.39
CA ARG C 148 19.77 1.65 -30.09
C ARG C 148 19.37 0.28 -30.65
N ALA C 149 18.08 -0.04 -30.62
CA ALA C 149 17.61 -1.31 -31.14
C ALA C 149 17.88 -1.35 -32.64
N ALA C 150 17.71 -0.21 -33.32
CA ALA C 150 17.97 -0.14 -34.77
C ALA C 150 19.46 -0.36 -35.09
N ILE C 151 20.34 0.21 -34.28
CA ILE C 151 21.78 0.06 -34.53
C ILE C 151 22.32 -1.35 -34.24
N GLU C 152 21.86 -1.96 -33.14
CA GLU C 152 22.38 -3.25 -32.71
C GLU C 152 21.51 -4.46 -33.06
N ILE C 153 20.76 -4.32 -34.14
CA ILE C 153 19.83 -5.35 -34.61
C ILE C 153 20.46 -6.72 -34.92
N ASP C 154 21.77 -6.77 -35.12
CA ASP C 154 22.40 -8.06 -35.41
C ASP C 154 22.92 -8.82 -34.19
N VAL C 155 22.87 -8.19 -33.03
CA VAL C 155 23.36 -8.79 -31.79
C VAL C 155 22.39 -9.81 -31.20
N ILE C 156 22.91 -10.99 -30.87
CA ILE C 156 22.06 -12.04 -30.30
C ILE C 156 22.60 -12.46 -28.94
N LEU C 157 21.68 -12.78 -28.02
CA LEU C 157 22.07 -13.21 -26.70
C LEU C 157 20.94 -14.11 -26.18
N PRO C 158 21.10 -14.66 -24.99
CA PRO C 158 20.01 -15.51 -24.50
C PRO C 158 18.79 -14.74 -24.00
N GLY C 159 17.62 -15.34 -24.22
CA GLY C 159 16.37 -14.82 -23.73
C GLY C 159 16.15 -15.66 -22.47
N TYR C 160 15.67 -15.04 -21.39
CA TYR C 160 15.49 -15.74 -20.12
C TYR C 160 14.08 -15.86 -19.59
N ASP C 161 13.82 -16.95 -18.87
CA ASP C 161 12.56 -17.16 -18.17
C ASP C 161 12.99 -17.88 -16.88
N HIS C 162 12.49 -17.39 -15.74
CA HIS C 162 12.88 -17.95 -14.45
C HIS C 162 14.38 -17.65 -14.29
N LEU C 163 14.85 -16.62 -15.00
CA LEU C 163 16.25 -16.21 -15.00
C LEU C 163 17.16 -17.38 -15.41
N GLN C 164 16.65 -18.26 -16.26
CA GLN C 164 17.43 -19.38 -16.77
C GLN C 164 17.50 -19.21 -18.28
N LYS C 165 18.65 -19.52 -18.88
CA LYS C 165 18.82 -19.39 -20.33
C LYS C 165 17.83 -20.30 -21.04
N ALA C 166 17.00 -19.71 -21.90
CA ALA C 166 15.99 -20.45 -22.63
C ALA C 166 16.34 -20.65 -24.09
N GLN C 167 16.36 -19.55 -24.85
CA GLN C 167 16.64 -19.62 -26.28
C GLN C 167 17.28 -18.35 -26.79
N PRO C 168 17.85 -18.38 -28.00
CA PRO C 168 18.49 -17.21 -28.59
C PRO C 168 17.42 -16.18 -28.98
N ILE C 169 17.73 -14.91 -28.73
CA ILE C 169 16.84 -13.81 -29.12
C ILE C 169 17.73 -12.66 -29.55
N ARG C 170 17.15 -11.67 -30.20
CA ARG C 170 17.94 -10.52 -30.59
C ARG C 170 17.91 -9.54 -29.42
N TRP C 171 19.08 -8.99 -29.14
CA TRP C 171 19.25 -7.99 -28.10
C TRP C 171 18.23 -6.87 -28.35
N SER C 172 17.98 -6.55 -29.61
CA SER C 172 17.02 -5.50 -29.94
C SER C 172 15.60 -5.86 -29.49
N GLN C 173 15.24 -7.14 -29.57
CA GLN C 173 13.92 -7.58 -29.14
C GLN C 173 13.78 -7.24 -27.66
N PHE C 174 14.86 -7.44 -26.90
CA PHE C 174 14.86 -7.12 -25.47
C PHE C 174 14.68 -5.61 -25.23
N LEU C 175 15.40 -4.79 -25.98
CA LEU C 175 15.29 -3.35 -25.83
C LEU C 175 13.89 -2.86 -26.21
N LEU C 176 13.36 -3.41 -27.30
CA LEU C 176 12.04 -3.04 -27.76
C LEU C 176 10.94 -3.48 -26.79
N SER C 177 11.18 -4.53 -26.01
CA SER C 177 10.15 -4.96 -25.05
C SER C 177 9.97 -3.88 -24.01
N HIS C 178 11.07 -3.23 -23.61
CA HIS C 178 10.98 -2.17 -22.63
C HIS C 178 10.36 -0.91 -23.27
N ALA C 179 10.76 -0.61 -24.50
CA ALA C 179 10.21 0.56 -25.21
C ALA C 179 8.70 0.45 -25.39
N VAL C 180 8.21 -0.74 -25.71
CA VAL C 180 6.78 -0.94 -25.90
C VAL C 180 6.03 -0.62 -24.63
N ALA C 181 6.52 -1.16 -23.51
CA ALA C 181 5.87 -0.90 -22.22
C ALA C 181 5.90 0.59 -21.90
N LEU C 182 7.01 1.26 -22.20
CA LEU C 182 7.11 2.69 -21.91
C LEU C 182 6.13 3.49 -22.78
N THR C 183 5.83 3.00 -23.98
CA THR C 183 4.88 3.74 -24.81
C THR C 183 3.48 3.70 -24.21
N ARG C 184 3.14 2.63 -23.50
CA ARG C 184 1.83 2.54 -22.85
C ARG C 184 1.79 3.57 -21.72
N ASP C 185 2.91 3.76 -21.05
CA ASP C 185 2.99 4.76 -19.99
C ASP C 185 2.73 6.15 -20.57
N SER C 186 3.33 6.42 -21.74
CA SER C 186 3.16 7.69 -22.44
C SER C 186 1.68 7.89 -22.82
N GLU C 187 1.03 6.81 -23.26
CA GLU C 187 -0.38 6.86 -23.63
C GLU C 187 -1.22 7.19 -22.38
N ARG C 188 -0.90 6.57 -21.25
CA ARG C 188 -1.59 6.88 -20.01
C ARG C 188 -1.36 8.32 -19.60
N LEU C 189 -0.13 8.82 -19.78
CA LEU C 189 0.17 10.21 -19.42
C LEU C 189 -0.78 11.16 -20.20
N GLY C 190 -1.00 10.86 -21.47
CA GLY C 190 -1.89 11.69 -22.28
C GLY C 190 -3.31 11.68 -21.78
N GLU C 191 -3.78 10.52 -21.31
CA GLU C 191 -5.12 10.39 -20.78
C GLU C 191 -5.28 11.18 -19.48
N VAL C 192 -4.27 11.10 -18.62
CA VAL C 192 -4.30 11.83 -17.37
C VAL C 192 -4.26 13.33 -17.64
N LYS C 193 -3.40 13.73 -18.58
CA LYS C 193 -3.32 15.15 -18.88
C LYS C 193 -4.65 15.73 -19.34
N LYS C 194 -5.41 14.95 -20.09
CA LYS C 194 -6.70 15.44 -20.59
C LYS C 194 -7.65 15.85 -19.46
N ARG C 195 -7.79 14.99 -18.45
CA ARG C 195 -8.68 15.25 -17.33
C ARG C 195 -8.13 16.35 -16.40
N ILE C 196 -6.81 16.53 -16.44
CA ILE C 196 -6.16 17.56 -15.62
C ILE C 196 -6.42 18.92 -16.27
N ASN C 197 -6.55 18.92 -17.59
CA ASN C 197 -6.75 20.15 -18.38
C ASN C 197 -8.22 20.63 -18.42
N VAL C 198 -8.84 20.61 -17.25
CA VAL C 198 -10.24 21.03 -17.08
C VAL C 198 -10.23 22.08 -15.96
N LEU C 199 -10.74 23.28 -16.28
CA LEU C 199 -10.79 24.41 -15.34
C LEU C 199 -11.71 24.26 -14.12
N PRO C 200 -11.17 24.36 -12.90
CA PRO C 200 -11.99 24.26 -11.69
C PRO C 200 -12.31 25.65 -11.09
N LEU C 201 -11.59 26.69 -11.52
CA LEU C 201 -11.81 28.04 -10.99
C LEU C 201 -13.25 28.47 -11.26
N GLY C 202 -13.89 29.06 -10.26
CA GLY C 202 -15.26 29.49 -10.42
C GLY C 202 -16.23 28.50 -9.79
N SER C 203 -15.70 27.66 -8.90
CA SER C 203 -16.52 26.68 -8.18
C SER C 203 -16.81 27.24 -6.80
N GLY C 204 -16.10 28.31 -6.45
CA GLY C 204 -16.28 28.93 -5.15
C GLY C 204 -15.84 28.01 -4.02
N ALA C 205 -16.44 28.18 -2.84
CA ALA C 205 -16.12 27.37 -1.67
C ALA C 205 -16.70 25.98 -1.83
N LEU C 206 -17.82 25.87 -2.54
CA LEU C 206 -18.42 24.56 -2.76
C LEU C 206 -19.70 24.53 -3.60
N ALA C 207 -20.45 25.63 -3.58
CA ALA C 207 -21.72 25.68 -4.30
C ALA C 207 -21.63 26.38 -5.63
N GLY C 208 -20.44 26.87 -5.96
CA GLY C 208 -20.22 27.59 -7.22
C GLY C 208 -19.78 29.03 -6.96
N ASN C 209 -19.63 29.80 -8.03
CA ASN C 209 -19.28 31.21 -7.92
C ASN C 209 -20.61 31.96 -7.81
N PRO C 210 -20.74 32.85 -6.82
CA PRO C 210 -22.00 33.59 -6.64
C PRO C 210 -22.19 34.86 -7.47
N LEU C 211 -21.20 35.23 -8.26
CA LEU C 211 -21.30 36.48 -9.03
C LEU C 211 -21.54 36.30 -10.50
N ASP C 212 -21.97 35.13 -10.92
CA ASP C 212 -22.22 34.88 -12.34
C ASP C 212 -20.95 35.15 -13.16
N ILE C 213 -19.82 34.78 -12.58
CA ILE C 213 -18.50 34.95 -13.20
C ILE C 213 -18.45 34.23 -14.58
N ASP C 214 -17.73 34.79 -15.55
CA ASP C 214 -17.63 34.17 -16.87
C ASP C 214 -16.56 33.09 -16.88
N ARG C 215 -16.95 31.85 -16.61
CA ARG C 215 -16.00 30.75 -16.54
C ARG C 215 -15.37 30.43 -17.90
N GLU C 216 -16.08 30.74 -18.98
CA GLU C 216 -15.54 30.50 -20.32
C GLU C 216 -14.34 31.42 -20.53
N MET C 217 -14.44 32.64 -20.03
CA MET C 217 -13.36 33.60 -20.15
C MET C 217 -12.17 33.11 -19.33
N LEU C 218 -12.44 32.62 -18.13
CA LEU C 218 -11.36 32.10 -17.29
C LEU C 218 -10.67 30.93 -18.00
N ARG C 219 -11.46 30.04 -18.60
CA ARG C 219 -10.92 28.88 -19.33
C ARG C 219 -9.96 29.33 -20.43
N SER C 220 -10.43 30.26 -21.26
CA SER C 220 -9.64 30.80 -22.37
C SER C 220 -8.35 31.43 -21.86
N GLU C 221 -8.46 32.29 -20.86
CA GLU C 221 -7.30 32.97 -20.30
C GLU C 221 -6.23 32.03 -19.72
N LEU C 222 -6.67 31.04 -18.96
CA LEU C 222 -5.74 30.10 -18.33
C LEU C 222 -5.36 28.95 -19.25
N GLU C 223 -5.96 28.93 -20.43
CA GLU C 223 -5.71 27.92 -21.45
C GLU C 223 -6.09 26.47 -21.09
N PHE C 224 -7.19 26.32 -20.38
CA PHE C 224 -7.70 24.99 -20.04
C PHE C 224 -8.54 24.54 -21.22
N ALA C 225 -8.73 23.22 -21.37
CA ALA C 225 -9.50 22.69 -22.49
C ALA C 225 -11.03 22.79 -22.34
N SER C 226 -11.53 22.71 -21.11
CA SER C 226 -12.96 22.82 -20.84
C SER C 226 -13.12 23.22 -19.39
N ILE C 227 -14.35 23.31 -18.89
CA ILE C 227 -14.53 23.68 -17.50
C ILE C 227 -15.22 22.59 -16.71
N SER C 228 -14.96 22.55 -15.40
CA SER C 228 -15.54 21.53 -14.52
C SER C 228 -17.06 21.55 -14.54
N LEU C 229 -17.66 20.36 -14.46
CA LEU C 229 -19.11 20.21 -14.51
C LEU C 229 -19.91 20.49 -13.22
N ASN C 230 -19.32 20.19 -12.06
CA ASN C 230 -20.02 20.36 -10.78
C ASN C 230 -19.06 20.99 -9.74
N SER C 231 -19.50 22.06 -9.07
CA SER C 231 -18.68 22.79 -8.10
C SER C 231 -18.23 21.99 -6.88
N MET C 232 -19.11 21.18 -6.32
CA MET C 232 -18.75 20.36 -5.16
C MET C 232 -17.66 19.36 -5.57
N ASP C 233 -17.89 18.64 -6.68
CA ASP C 233 -16.90 17.69 -7.17
C ASP C 233 -15.58 18.40 -7.48
N ALA C 234 -15.67 19.51 -8.21
CA ALA C 234 -14.48 20.28 -8.62
C ALA C 234 -13.57 20.67 -7.45
N ILE C 235 -14.21 20.99 -6.33
CA ILE C 235 -13.54 21.42 -5.13
C ILE C 235 -12.97 20.29 -4.26
N SER C 236 -13.71 19.19 -4.18
CA SER C 236 -13.31 18.09 -3.32
C SER C 236 -12.57 16.92 -3.93
N GLU C 237 -12.64 16.74 -5.24
CA GLU C 237 -11.95 15.60 -5.84
C GLU C 237 -10.46 15.81 -6.05
N ARG C 238 -9.72 14.70 -5.96
CA ARG C 238 -8.29 14.70 -6.19
C ARG C 238 -7.99 13.49 -7.08
N ASP C 239 -8.96 13.17 -7.94
CA ASP C 239 -8.86 12.10 -8.92
C ASP C 239 -7.61 12.35 -9.74
N PHE C 240 -7.43 13.61 -10.14
CA PHE C 240 -6.30 14.00 -10.98
C PHE C 240 -4.97 13.72 -10.30
N VAL C 241 -4.93 13.80 -8.96
CA VAL C 241 -3.70 13.50 -8.24
C VAL C 241 -3.49 11.97 -8.21
N VAL C 242 -4.54 11.23 -7.83
CA VAL C 242 -4.44 9.76 -7.78
C VAL C 242 -4.00 9.21 -9.14
N GLU C 243 -4.70 9.65 -10.20
CA GLU C 243 -4.46 9.26 -11.58
C GLU C 243 -3.02 9.45 -11.97
N PHE C 244 -2.53 10.64 -11.66
CA PHE C 244 -1.14 10.96 -11.97
C PHE C 244 -0.21 10.02 -11.21
N LEU C 245 -0.52 9.78 -9.93
CA LEU C 245 0.33 8.90 -9.12
C LEU C 245 0.26 7.44 -9.60
N SER C 246 -0.88 7.03 -10.16
CA SER C 246 -1.01 5.64 -10.67
C SER C 246 -0.15 5.50 -11.93
N PHE C 247 -0.20 6.51 -12.80
CA PHE C 247 0.59 6.52 -14.03
C PHE C 247 2.08 6.46 -13.66
N ALA C 248 2.46 7.30 -12.71
CA ALA C 248 3.85 7.38 -12.26
C ALA C 248 4.37 6.06 -11.69
N THR C 249 3.52 5.43 -10.88
CA THR C 249 3.89 4.18 -10.25
C THR C 249 4.11 3.06 -11.26
N LEU C 250 3.22 2.94 -12.25
CA LEU C 250 3.37 1.87 -13.24
C LEU C 250 4.60 2.13 -14.07
N LEU C 251 4.85 3.39 -14.39
CA LEU C 251 6.06 3.78 -15.12
C LEU C 251 7.28 3.36 -14.29
N MET C 252 7.28 3.65 -12.99
CA MET C 252 8.42 3.23 -12.14
C MET C 252 8.54 1.71 -12.07
N ILE C 253 7.44 0.98 -12.18
CA ILE C 253 7.50 -0.49 -12.14
C ILE C 253 8.27 -0.92 -13.38
N HIS C 254 7.92 -0.34 -14.53
CA HIS C 254 8.60 -0.67 -15.77
C HIS C 254 10.09 -0.36 -15.63
N LEU C 255 10.42 0.79 -15.08
CA LEU C 255 11.83 1.15 -14.92
C LEU C 255 12.54 0.24 -13.94
N SER C 256 11.83 -0.21 -12.91
CA SER C 256 12.41 -1.10 -11.89
C SER C 256 12.78 -2.44 -12.50
N LYS C 257 12.00 -2.87 -13.49
CA LYS C 257 12.24 -4.13 -14.18
C LYS C 257 13.44 -3.97 -15.15
N MET C 258 13.47 -2.89 -15.90
CA MET C 258 14.59 -2.65 -16.80
C MET C 258 15.87 -2.55 -15.96
N ALA C 259 15.78 -1.90 -14.80
CA ALA C 259 16.93 -1.74 -13.91
C ALA C 259 17.46 -3.10 -13.43
N GLU C 260 16.53 -3.95 -12.97
CA GLU C 260 16.85 -5.30 -12.51
C GLU C 260 17.57 -6.06 -13.64
N ASP C 261 17.01 -6.03 -14.86
CA ASP C 261 17.64 -6.70 -16.01
C ASP C 261 19.07 -6.24 -16.25
N LEU C 262 19.26 -4.93 -16.32
CA LEU C 262 20.57 -4.35 -16.60
C LEU C 262 21.60 -4.54 -15.48
N ILE C 263 21.17 -4.52 -14.23
CA ILE C 263 22.08 -4.75 -13.10
C ILE C 263 22.61 -6.21 -13.22
N ILE C 264 21.73 -7.15 -13.49
CA ILE C 264 22.14 -8.56 -13.64
C ILE C 264 23.05 -8.73 -14.86
N TYR C 265 22.69 -8.15 -15.99
CA TYR C 265 23.53 -8.29 -17.18
C TYR C 265 24.90 -7.62 -17.00
N SER C 266 24.99 -6.68 -16.05
CA SER C 266 26.24 -5.96 -15.82
C SER C 266 27.18 -6.68 -14.83
N THR C 267 26.72 -7.77 -14.24
CA THR C 267 27.56 -8.52 -13.29
C THR C 267 28.75 -9.11 -14.04
N SER C 268 29.83 -9.44 -13.33
CA SER C 268 30.96 -10.05 -14.02
C SER C 268 30.53 -11.46 -14.47
N GLU C 269 29.63 -12.07 -13.70
CA GLU C 269 29.10 -13.39 -14.01
C GLU C 269 28.41 -13.46 -15.38
N PHE C 270 27.55 -12.48 -15.64
CA PHE C 270 26.85 -12.43 -16.92
C PHE C 270 27.81 -11.83 -17.97
N GLY C 271 28.38 -10.67 -17.65
CA GLY C 271 29.35 -10.00 -18.51
C GLY C 271 28.82 -9.49 -19.84
N PHE C 272 27.52 -9.22 -19.92
CA PHE C 272 26.93 -8.77 -21.17
C PHE C 272 27.15 -7.30 -21.49
N LEU C 273 27.25 -6.45 -20.48
CA LEU C 273 27.45 -5.02 -20.70
C LEU C 273 28.13 -4.30 -19.55
N THR C 274 28.57 -3.07 -19.81
CA THR C 274 29.23 -2.25 -18.81
C THR C 274 28.65 -0.85 -18.85
N LEU C 275 28.31 -0.31 -17.68
CA LEU C 275 27.77 1.03 -17.60
C LEU C 275 28.94 2.02 -17.74
N SER C 276 28.66 3.23 -18.19
CA SER C 276 29.70 4.24 -18.32
C SER C 276 30.10 4.77 -16.96
N ASP C 277 31.24 5.46 -16.91
CA ASP C 277 31.72 6.02 -15.65
C ASP C 277 30.72 6.98 -15.01
N ALA C 278 30.02 7.76 -15.82
CA ALA C 278 29.07 8.72 -15.26
C ALA C 278 27.89 8.08 -14.50
N PHE C 279 27.52 6.85 -14.86
CA PHE C 279 26.39 6.21 -14.21
C PHE C 279 26.70 5.03 -13.32
N SER C 280 27.94 4.94 -12.88
CA SER C 280 28.34 3.86 -12.02
C SER C 280 29.35 4.38 -11.00
N THR C 281 29.70 3.54 -10.04
CA THR C 281 30.68 3.91 -9.02
C THR C 281 31.76 2.83 -9.00
N GLY C 282 32.94 3.17 -8.52
CA GLY C 282 34.00 2.17 -8.47
C GLY C 282 35.05 2.45 -7.43
N SER C 283 36.08 1.61 -7.39
CA SER C 283 37.18 1.77 -6.44
C SER C 283 38.49 1.69 -7.21
N SER C 284 39.50 2.40 -6.73
CA SER C 284 40.80 2.38 -7.37
C SER C 284 41.50 1.05 -7.09
N LEU C 285 41.05 0.36 -6.04
CA LEU C 285 41.64 -0.93 -5.68
C LEU C 285 41.16 -2.04 -6.58
N MET C 286 39.96 -1.87 -7.15
CA MET C 286 39.38 -2.85 -8.06
C MET C 286 38.83 -2.06 -9.24
N PRO C 287 39.74 -1.51 -10.07
CA PRO C 287 39.40 -0.71 -11.25
C PRO C 287 38.42 -1.32 -12.23
N GLN C 288 38.34 -2.65 -12.27
CA GLN C 288 37.42 -3.32 -13.19
C GLN C 288 35.99 -3.49 -12.65
N LYS C 289 35.82 -3.27 -11.35
CA LYS C 289 34.51 -3.41 -10.72
C LYS C 289 33.69 -2.12 -10.80
N LYS C 290 32.55 -2.19 -11.46
CA LYS C 290 31.67 -1.03 -11.60
C LYS C 290 30.33 -1.32 -10.94
N ASN C 291 29.93 -0.47 -10.01
CA ASN C 291 28.66 -0.65 -9.31
C ASN C 291 27.61 0.20 -10.04
N PRO C 292 26.48 -0.40 -10.39
CA PRO C 292 25.40 0.30 -11.10
C PRO C 292 24.50 1.14 -10.18
N ASP C 293 25.10 2.11 -9.50
CA ASP C 293 24.36 2.98 -8.57
C ASP C 293 23.16 3.62 -9.25
N SER C 294 23.33 4.06 -10.49
CA SER C 294 22.25 4.69 -11.22
C SER C 294 21.00 3.80 -11.29
N LEU C 295 21.19 2.54 -11.68
CA LEU C 295 20.07 1.61 -11.79
C LEU C 295 19.45 1.28 -10.44
N GLU C 296 20.26 1.23 -9.39
CA GLU C 296 19.74 0.94 -8.04
C GLU C 296 18.90 2.13 -7.56
N LEU C 297 19.37 3.35 -7.84
CA LEU C 297 18.61 4.54 -7.48
C LEU C 297 17.23 4.48 -8.17
N ILE C 298 17.23 4.19 -9.47
CA ILE C 298 15.98 4.08 -10.25
C ILE C 298 15.04 3.04 -9.68
N ARG C 299 15.58 1.84 -9.44
CA ARG C 299 14.77 0.75 -8.89
C ARG C 299 14.10 1.16 -7.58
N SER C 300 14.85 1.79 -6.70
CA SER C 300 14.33 2.23 -5.40
C SER C 300 13.21 3.26 -5.48
N LYS C 301 13.19 4.05 -6.54
CA LYS C 301 12.17 5.07 -6.68
C LYS C 301 10.79 4.49 -6.94
N ALA C 302 10.73 3.22 -7.35
CA ALA C 302 9.43 2.61 -7.58
C ALA C 302 8.70 2.62 -6.22
N GLY C 303 9.44 2.31 -5.16
CA GLY C 303 8.84 2.33 -3.84
C GLY C 303 8.53 3.75 -3.39
N ARG C 304 9.43 4.69 -3.67
CA ARG C 304 9.20 6.07 -3.26
C ARG C 304 7.93 6.60 -3.92
N VAL C 305 7.77 6.32 -5.21
CA VAL C 305 6.60 6.79 -5.90
C VAL C 305 5.34 6.05 -5.48
N PHE C 306 5.40 4.72 -5.38
CA PHE C 306 4.26 3.92 -4.93
C PHE C 306 3.77 4.43 -3.57
N GLY C 307 4.70 4.74 -2.68
CA GLY C 307 4.29 5.24 -1.37
C GLY C 307 3.44 6.49 -1.47
N ARG C 308 3.74 7.34 -2.43
CA ARG C 308 2.95 8.57 -2.58
C ARG C 308 1.54 8.22 -3.05
N LEU C 309 1.43 7.24 -3.95
CA LEU C 309 0.13 6.79 -4.45
C LEU C 309 -0.65 6.22 -3.28
N ALA C 310 0.02 5.38 -2.49
CA ALA C 310 -0.62 4.74 -1.35
C ALA C 310 -1.16 5.77 -0.37
N SER C 311 -0.35 6.78 -0.06
CA SER C 311 -0.80 7.79 0.90
C SER C 311 -2.01 8.56 0.43
N ILE C 312 -2.03 9.04 -0.81
CA ILE C 312 -3.17 9.82 -1.25
C ILE C 312 -4.44 8.98 -1.28
N LEU C 313 -4.33 7.72 -1.69
CA LEU C 313 -5.51 6.86 -1.71
C LEU C 313 -6.07 6.73 -0.29
N MET C 314 -5.20 6.58 0.71
CA MET C 314 -5.69 6.47 2.10
C MET C 314 -6.25 7.81 2.61
N VAL C 315 -5.63 8.92 2.22
CA VAL C 315 -6.12 10.24 2.63
C VAL C 315 -7.58 10.44 2.14
N LEU C 316 -7.83 10.09 0.87
CA LEU C 316 -9.16 10.25 0.27
C LEU C 316 -10.24 9.28 0.73
N LYS C 317 -9.82 8.08 1.13
CA LYS C 317 -10.76 7.04 1.56
C LYS C 317 -11.67 7.42 2.73
N GLY C 318 -12.97 7.29 2.49
CA GLY C 318 -13.98 7.57 3.51
C GLY C 318 -14.21 9.02 3.92
N LEU C 319 -13.64 9.96 3.20
CA LEU C 319 -13.81 11.38 3.50
C LEU C 319 -15.19 11.87 3.05
N PRO C 320 -15.84 12.71 3.87
CA PRO C 320 -17.16 13.21 3.50
C PRO C 320 -17.02 14.41 2.56
N SER C 321 -18.10 14.74 1.85
CA SER C 321 -18.10 15.91 0.99
C SER C 321 -18.17 17.05 2.00
N THR C 322 -17.64 18.23 1.68
CA THR C 322 -16.98 18.53 0.41
C THR C 322 -15.48 18.75 0.68
N TYR C 323 -15.10 19.98 1.02
CA TYR C 323 -13.69 20.25 1.33
C TYR C 323 -13.40 19.91 2.80
N ASN C 324 -12.21 19.35 3.05
CA ASN C 324 -11.76 19.01 4.40
C ASN C 324 -10.26 19.31 4.37
N LYS C 325 -9.64 19.56 5.51
CA LYS C 325 -8.22 19.87 5.54
C LYS C 325 -7.35 18.70 5.10
N ASP C 326 -7.89 17.48 5.18
CA ASP C 326 -7.15 16.30 4.76
C ASP C 326 -6.57 16.45 3.35
N LEU C 327 -7.29 17.14 2.47
CA LEU C 327 -6.84 17.31 1.08
C LEU C 327 -5.50 18.04 0.85
N GLN C 328 -5.04 18.76 1.87
CA GLN C 328 -3.79 19.50 1.79
C GLN C 328 -2.55 18.60 1.56
N GLU C 329 -2.70 17.31 1.83
CA GLU C 329 -1.60 16.35 1.64
C GLU C 329 -1.28 16.05 0.17
N ASP C 330 -2.09 16.57 -0.75
CA ASP C 330 -1.82 16.31 -2.15
C ASP C 330 -0.53 16.90 -2.68
N LYS C 331 -0.31 18.17 -2.33
CA LYS C 331 0.86 18.94 -2.79
C LYS C 331 2.22 18.30 -2.67
N GLU C 332 2.58 17.90 -1.46
CA GLU C 332 3.88 17.29 -1.25
C GLU C 332 4.09 16.01 -2.06
N ALA C 333 3.03 15.20 -2.19
CA ALA C 333 3.12 13.98 -2.97
C ALA C 333 3.36 14.27 -4.46
N VAL C 334 2.56 15.19 -5.01
CA VAL C 334 2.71 15.58 -6.43
C VAL C 334 4.10 16.14 -6.73
N PHE C 335 4.57 17.07 -5.91
CA PHE C 335 5.90 17.66 -6.15
C PHE C 335 7.00 16.61 -6.16
N ASP C 336 6.99 15.74 -5.16
CA ASP C 336 8.01 14.71 -5.04
C ASP C 336 8.03 13.81 -6.26
N VAL C 337 6.85 13.32 -6.65
CA VAL C 337 6.78 12.44 -7.81
C VAL C 337 7.20 13.14 -9.11
N VAL C 338 6.78 14.40 -9.30
CA VAL C 338 7.19 15.15 -10.48
C VAL C 338 8.73 15.22 -10.56
N ASP C 339 9.37 15.61 -9.47
CA ASP C 339 10.83 15.72 -9.48
C ASP C 339 11.48 14.36 -9.63
N THR C 340 10.92 13.34 -8.99
CA THR C 340 11.45 12.00 -9.09
C THR C 340 11.43 11.53 -10.54
N LEU C 341 10.27 11.62 -11.19
CA LEU C 341 10.13 11.20 -12.59
C LEU C 341 11.08 11.96 -13.50
N THR C 342 11.15 13.28 -13.32
CA THR C 342 12.02 14.08 -14.15
C THR C 342 13.49 13.65 -14.04
N ALA C 343 13.96 13.40 -12.83
CA ALA C 343 15.35 13.00 -12.63
C ALA C 343 15.59 11.58 -13.17
N VAL C 344 14.73 10.66 -12.74
CA VAL C 344 14.85 9.27 -13.13
C VAL C 344 14.81 9.02 -14.64
N LEU C 345 13.92 9.69 -15.35
CA LEU C 345 13.86 9.46 -16.79
C LEU C 345 15.15 9.90 -17.50
N GLN C 346 15.73 11.01 -17.09
CA GLN C 346 16.96 11.48 -17.74
C GLN C 346 18.13 10.56 -17.45
N VAL C 347 18.19 10.06 -16.22
CA VAL C 347 19.27 9.14 -15.86
C VAL C 347 19.12 7.84 -16.64
N ALA C 348 17.88 7.37 -16.80
CA ALA C 348 17.63 6.14 -17.54
C ALA C 348 18.10 6.34 -18.98
N THR C 349 17.72 7.48 -19.58
CA THR C 349 18.14 7.78 -20.93
C THR C 349 19.64 7.73 -21.07
N GLY C 350 20.33 8.38 -20.12
CA GLY C 350 21.78 8.43 -20.15
C GLY C 350 22.38 7.03 -20.07
N VAL C 351 21.87 6.24 -19.15
CA VAL C 351 22.34 4.86 -18.96
C VAL C 351 22.23 4.05 -20.25
N ILE C 352 21.05 4.09 -20.88
CA ILE C 352 20.84 3.34 -22.11
C ILE C 352 21.69 3.84 -23.27
N SER C 353 21.81 5.16 -23.42
CA SER C 353 22.59 5.66 -24.54
C SER C 353 24.11 5.51 -24.34
N THR C 354 24.58 5.41 -23.11
CA THR C 354 26.02 5.32 -22.92
C THR C 354 26.59 3.98 -22.49
N LEU C 355 25.77 2.99 -22.20
CA LEU C 355 26.35 1.71 -21.77
C LEU C 355 27.07 1.01 -22.93
N GLN C 356 28.01 0.12 -22.60
CA GLN C 356 28.74 -0.60 -23.62
C GLN C 356 28.39 -2.08 -23.51
N ILE C 357 28.00 -2.69 -24.63
CA ILE C 357 27.68 -4.10 -24.62
C ILE C 357 28.87 -4.91 -25.08
N SER C 358 28.89 -6.19 -24.72
CA SER C 358 29.93 -7.09 -25.17
C SER C 358 29.24 -8.09 -26.10
N LYS C 359 29.28 -7.82 -27.41
CA LYS C 359 28.65 -8.74 -28.37
C LYS C 359 29.33 -10.10 -28.22
N GLU C 360 30.62 -10.07 -27.94
CA GLU C 360 31.42 -11.27 -27.77
C GLU C 360 30.83 -12.14 -26.66
N ASN C 361 30.70 -11.60 -25.46
CA ASN C 361 30.14 -12.37 -24.35
C ASN C 361 28.67 -12.77 -24.56
N MET C 362 27.90 -11.90 -25.19
CA MET C 362 26.48 -12.21 -25.45
C MET C 362 26.33 -13.44 -26.35
N GLU C 363 27.15 -13.51 -27.40
CA GLU C 363 27.10 -14.63 -28.32
C GLU C 363 27.66 -15.88 -27.66
N LYS C 364 28.73 -15.71 -26.90
CA LYS C 364 29.38 -16.82 -26.21
C LYS C 364 28.40 -17.55 -25.26
N ALA C 365 27.42 -16.81 -24.74
CA ALA C 365 26.45 -17.39 -23.82
C ALA C 365 25.44 -18.31 -24.52
N LEU C 366 25.39 -18.24 -25.84
CA LEU C 366 24.46 -19.09 -26.60
C LEU C 366 24.99 -20.52 -26.60
N THR C 367 24.16 -21.49 -26.24
CA THR C 367 24.61 -22.88 -26.18
C THR C 367 23.80 -23.82 -27.06
N PRO C 368 24.40 -24.94 -27.50
CA PRO C 368 23.72 -25.92 -28.35
C PRO C 368 22.48 -26.49 -27.68
N GLU C 369 22.57 -26.66 -26.36
CA GLU C 369 21.47 -27.19 -25.56
C GLU C 369 20.20 -26.35 -25.71
N MET C 370 20.36 -25.06 -26.02
CA MET C 370 19.24 -24.15 -26.20
C MET C 370 18.50 -24.38 -27.52
N LEU C 371 19.02 -25.29 -28.35
CA LEU C 371 18.43 -25.56 -29.66
C LEU C 371 17.66 -26.88 -29.78
N ALA C 372 17.44 -27.56 -28.66
CA ALA C 372 16.70 -28.83 -28.64
C ALA C 372 15.25 -28.56 -29.04
N THR C 373 14.71 -27.41 -28.64
CA THR C 373 13.36 -27.03 -29.03
C THR C 373 13.33 -26.86 -30.55
N ASP C 374 14.34 -26.22 -31.11
CA ASP C 374 14.41 -26.04 -32.55
C ASP C 374 14.51 -27.38 -33.28
N LEU C 375 15.19 -28.35 -32.67
CA LEU C 375 15.33 -29.68 -33.29
C LEU C 375 13.93 -30.30 -33.38
N ALA C 376 13.12 -30.13 -32.34
CA ALA C 376 11.77 -30.67 -32.37
C ALA C 376 10.94 -29.98 -33.48
N LEU C 377 11.07 -28.66 -33.61
CA LEU C 377 10.32 -27.92 -34.62
C LEU C 377 10.73 -28.36 -36.02
N TYR C 378 11.98 -28.78 -36.16
CA TYR C 378 12.48 -29.28 -37.45
C TYR C 378 11.60 -30.50 -37.86
N LEU C 379 11.32 -31.39 -36.91
CA LEU C 379 10.49 -32.56 -37.17
C LEU C 379 9.05 -32.13 -37.42
N VAL C 380 8.56 -31.18 -36.61
CA VAL C 380 7.20 -30.68 -36.78
C VAL C 380 6.99 -30.16 -38.21
N ARG C 381 7.96 -29.42 -38.74
CA ARG C 381 7.82 -28.88 -40.10
C ARG C 381 7.81 -29.97 -41.19
N LYS C 382 8.18 -31.20 -40.82
CA LYS C 382 8.20 -32.31 -41.76
C LYS C 382 6.96 -33.19 -41.54
N GLY C 383 6.03 -32.72 -40.74
CA GLY C 383 4.80 -33.48 -40.53
C GLY C 383 4.75 -34.41 -39.33
N VAL C 384 5.80 -34.42 -38.50
CA VAL C 384 5.80 -35.27 -37.32
C VAL C 384 4.95 -34.57 -36.25
N PRO C 385 4.02 -35.31 -35.62
CA PRO C 385 3.21 -34.66 -34.59
C PRO C 385 4.05 -34.04 -33.51
N PHE C 386 3.53 -32.98 -32.92
CA PHE C 386 4.18 -32.27 -31.84
C PHE C 386 4.75 -33.19 -30.71
N ARG C 387 3.93 -34.11 -30.20
CA ARG C 387 4.36 -35.00 -29.12
C ARG C 387 5.54 -35.90 -29.47
N GLN C 388 5.46 -36.56 -30.63
CA GLN C 388 6.52 -37.44 -31.06
C GLN C 388 7.81 -36.67 -31.41
N ALA C 389 7.68 -35.44 -31.92
CA ALA C 389 8.86 -34.63 -32.25
C ALA C 389 9.56 -34.21 -30.97
N HIS C 390 8.77 -33.98 -29.92
CA HIS C 390 9.31 -33.56 -28.62
C HIS C 390 10.07 -34.74 -28.04
N THR C 391 9.45 -35.92 -28.12
CA THR C 391 10.04 -37.14 -27.62
C THR C 391 11.36 -37.44 -28.34
N ALA C 392 11.37 -37.31 -29.66
CA ALA C 392 12.57 -37.57 -30.45
C ALA C 392 13.71 -36.63 -30.07
N SER C 393 13.39 -35.34 -29.91
CA SER C 393 14.41 -34.36 -29.56
C SER C 393 14.97 -34.69 -28.18
N GLY C 394 14.08 -35.11 -27.27
CA GLY C 394 14.50 -35.47 -25.93
C GLY C 394 15.46 -36.65 -25.98
N LYS C 395 15.21 -37.58 -26.91
CA LYS C 395 16.06 -38.75 -27.05
C LYS C 395 17.44 -38.36 -27.59
N ALA C 396 17.48 -37.41 -28.53
CA ALA C 396 18.76 -36.97 -29.08
C ALA C 396 19.56 -36.30 -27.98
N VAL C 397 18.89 -35.48 -27.16
CA VAL C 397 19.54 -34.78 -26.05
C VAL C 397 20.13 -35.80 -25.09
N HIS C 398 19.36 -36.84 -24.77
CA HIS C 398 19.82 -37.86 -23.85
C HIS C 398 20.95 -38.68 -24.46
N LEU C 399 20.80 -39.04 -25.73
CA LEU C 399 21.83 -39.80 -26.41
C LEU C 399 23.14 -39.00 -26.44
N ALA C 400 23.05 -37.70 -26.69
CA ALA C 400 24.25 -36.88 -26.73
C ALA C 400 24.88 -36.83 -25.33
N GLU C 401 24.04 -36.78 -24.31
CA GLU C 401 24.54 -36.73 -22.93
C GLU C 401 25.31 -38.00 -22.59
N THR C 402 24.80 -39.15 -23.03
CA THR C 402 25.48 -40.41 -22.72
C THR C 402 26.80 -40.52 -23.45
N LYS C 403 26.86 -39.98 -24.66
CA LYS C 403 28.08 -40.01 -25.45
C LYS C 403 29.07 -38.94 -25.01
N GLY C 404 28.61 -38.01 -24.17
CA GLY C 404 29.48 -36.94 -23.70
C GLY C 404 29.75 -35.85 -24.72
N ILE C 405 28.83 -35.67 -25.68
CA ILE C 405 28.96 -34.64 -26.70
C ILE C 405 27.73 -33.72 -26.67
N THR C 406 27.74 -32.69 -27.52
CA THR C 406 26.60 -31.78 -27.59
C THR C 406 25.74 -32.20 -28.77
N ILE C 407 24.45 -31.90 -28.72
CA ILE C 407 23.54 -32.33 -29.79
C ILE C 407 23.96 -31.91 -31.19
N ASN C 408 24.61 -30.76 -31.34
CA ASN C 408 25.04 -30.32 -32.67
C ASN C 408 26.18 -31.20 -33.21
N LYS C 409 26.71 -32.08 -32.36
CA LYS C 409 27.79 -32.97 -32.75
C LYS C 409 27.31 -34.39 -33.05
N LEU C 410 26.04 -34.67 -32.80
CA LEU C 410 25.50 -35.99 -33.10
C LEU C 410 25.63 -36.24 -34.59
N SER C 411 26.09 -37.44 -34.96
CA SER C 411 26.24 -37.78 -36.38
C SER C 411 24.84 -37.96 -36.98
N LEU C 412 24.74 -37.88 -38.31
CA LEU C 412 23.43 -38.05 -38.94
C LEU C 412 22.96 -39.46 -38.62
N GLU C 413 23.89 -40.40 -38.57
CA GLU C 413 23.54 -41.78 -38.27
C GLU C 413 22.91 -41.81 -36.87
N ASP C 414 23.52 -41.11 -35.92
CA ASP C 414 23.00 -41.05 -34.55
C ASP C 414 21.54 -40.58 -34.59
N LEU C 415 21.31 -39.47 -35.27
CA LEU C 415 19.97 -38.90 -35.36
C LEU C 415 18.93 -39.81 -36.00
N LYS C 416 19.32 -40.50 -37.07
CA LYS C 416 18.39 -41.40 -37.74
C LYS C 416 18.08 -42.65 -36.93
N SER C 417 18.90 -42.92 -35.92
CA SER C 417 18.65 -44.08 -35.06
C SER C 417 17.45 -43.71 -34.18
N ILE C 418 17.22 -42.41 -34.01
CA ILE C 418 16.10 -41.91 -33.22
C ILE C 418 14.91 -41.58 -34.14
N SER C 419 15.20 -41.04 -35.33
CA SER C 419 14.14 -40.73 -36.28
C SER C 419 14.65 -40.67 -37.73
N PRO C 420 14.05 -41.49 -38.62
CA PRO C 420 14.43 -41.52 -40.03
C PRO C 420 14.14 -40.16 -40.66
N GLN C 421 13.27 -39.40 -40.00
CA GLN C 421 12.88 -38.07 -40.47
C GLN C 421 14.00 -37.03 -40.36
N PHE C 422 15.04 -37.33 -39.59
CA PHE C 422 16.16 -36.42 -39.49
C PHE C 422 16.98 -36.57 -40.76
N SER C 423 17.06 -35.50 -41.55
CA SER C 423 17.83 -35.54 -42.80
C SER C 423 19.09 -34.73 -42.63
N SER C 424 19.92 -34.68 -43.67
CA SER C 424 21.19 -33.95 -43.60
C SER C 424 21.00 -32.44 -43.42
N ASP C 425 19.83 -31.93 -43.79
CA ASP C 425 19.56 -30.50 -43.65
C ASP C 425 19.32 -30.13 -42.17
N VAL C 426 19.36 -31.14 -41.29
CA VAL C 426 19.15 -30.90 -39.88
C VAL C 426 20.30 -30.04 -39.35
N SER C 427 21.39 -29.99 -40.10
CA SER C 427 22.54 -29.19 -39.69
C SER C 427 22.16 -27.71 -39.60
N GLN C 428 21.15 -27.28 -40.36
CA GLN C 428 20.69 -25.88 -40.35
C GLN C 428 20.07 -25.45 -39.02
N VAL C 429 19.66 -26.42 -38.22
CA VAL C 429 19.06 -26.19 -36.91
C VAL C 429 20.12 -25.62 -35.94
N PHE C 430 21.34 -26.14 -36.05
CA PHE C 430 22.43 -25.74 -35.15
C PHE C 430 23.15 -24.49 -35.64
N ASN C 431 22.41 -23.38 -35.60
CA ASN C 431 22.87 -22.07 -36.04
C ASN C 431 21.96 -21.08 -35.29
N PHE C 432 22.56 -20.22 -34.46
CA PHE C 432 21.79 -19.29 -33.67
C PHE C 432 21.03 -18.24 -34.47
N VAL C 433 21.57 -17.82 -35.61
CA VAL C 433 20.87 -16.86 -36.44
C VAL C 433 19.64 -17.58 -37.00
N ASN C 434 19.81 -18.81 -37.45
CA ASN C 434 18.68 -19.54 -38.02
C ASN C 434 17.61 -19.69 -36.95
N SER C 435 18.04 -19.93 -35.71
CA SER C 435 17.11 -20.08 -34.61
C SER C 435 16.20 -18.86 -34.44
N VAL C 436 16.80 -17.66 -34.33
CA VAL C 436 16.00 -16.47 -34.15
C VAL C 436 15.17 -16.14 -35.38
N GLU C 437 15.68 -16.46 -36.57
CA GLU C 437 14.94 -16.17 -37.79
C GLU C 437 13.65 -16.98 -37.98
N GLN C 438 13.39 -17.93 -37.10
CA GLN C 438 12.14 -18.70 -37.16
C GLN C 438 10.96 -17.81 -36.77
N TYR C 439 11.25 -16.78 -35.96
CA TYR C 439 10.20 -15.92 -35.42
C TYR C 439 9.75 -14.72 -36.24
N THR C 440 9.20 -15.04 -37.41
CA THR C 440 8.70 -14.05 -38.36
C THR C 440 7.27 -13.60 -38.09
N ALA C 441 6.49 -14.40 -37.35
CA ALA C 441 5.12 -13.97 -37.04
C ALA C 441 5.27 -12.63 -36.31
N LEU C 442 4.36 -11.71 -36.59
CA LEU C 442 4.40 -10.38 -36.00
C LEU C 442 4.71 -10.34 -34.51
N ALA C 443 5.68 -9.49 -34.17
CA ALA C 443 6.15 -9.26 -32.80
C ALA C 443 7.23 -10.21 -32.34
N GLY C 444 7.57 -11.17 -33.17
CA GLY C 444 8.61 -12.14 -32.83
C GLY C 444 10.01 -11.56 -32.97
N THR C 445 11.04 -12.34 -32.63
CA THR C 445 12.42 -11.84 -32.70
C THR C 445 13.16 -11.93 -34.04
N ALA C 446 12.50 -12.40 -35.09
CA ALA C 446 13.16 -12.48 -36.39
C ALA C 446 13.49 -11.05 -36.79
N LYS C 447 14.54 -10.86 -37.57
CA LYS C 447 14.94 -9.52 -37.98
C LYS C 447 13.83 -8.70 -38.67
N SER C 448 13.04 -9.35 -39.53
CA SER C 448 11.97 -8.65 -40.24
C SER C 448 10.93 -8.14 -39.25
N SER C 449 10.68 -8.91 -38.21
CA SER C 449 9.71 -8.56 -37.20
C SER C 449 10.22 -7.40 -36.32
N VAL C 450 11.51 -7.43 -36.00
CA VAL C 450 12.11 -6.37 -35.19
C VAL C 450 12.06 -5.08 -36.00
N THR C 451 12.37 -5.21 -37.29
CA THR C 451 12.36 -4.06 -38.18
C THR C 451 10.97 -3.45 -38.19
N THR C 452 9.96 -4.30 -38.29
CA THR C 452 8.57 -3.82 -38.27
C THR C 452 8.25 -3.14 -36.94
N GLN C 453 8.65 -3.73 -35.83
CA GLN C 453 8.39 -3.11 -34.53
C GLN C 453 8.99 -1.68 -34.45
N ILE C 454 10.23 -1.51 -34.94
CA ILE C 454 10.87 -0.21 -34.91
C ILE C 454 10.08 0.83 -35.73
N GLU C 455 9.48 0.38 -36.83
CA GLU C 455 8.68 1.28 -37.66
C GLU C 455 7.41 1.69 -36.91
N GLN C 456 6.80 0.73 -36.22
CA GLN C 456 5.56 0.98 -35.49
C GLN C 456 5.76 1.92 -34.30
N LEU C 457 6.89 1.78 -33.63
CA LEU C 457 7.22 2.59 -32.47
C LEU C 457 7.56 4.01 -32.91
N ARG C 458 8.30 4.12 -34.00
CA ARG C 458 8.64 5.43 -34.54
C ARG C 458 7.31 6.14 -34.85
N GLU C 459 6.35 5.43 -35.44
CA GLU C 459 5.06 6.06 -35.74
C GLU C 459 4.33 6.39 -34.43
N LEU C 460 4.39 5.48 -33.46
CA LEU C 460 3.74 5.74 -32.18
C LEU C 460 4.33 6.97 -31.48
N MET C 461 5.66 7.08 -31.47
CA MET C 461 6.30 8.22 -30.83
C MET C 461 5.83 9.51 -31.48
N LYS C 462 5.76 9.50 -32.80
CA LYS C 462 5.30 10.66 -33.56
C LYS C 462 3.90 11.10 -33.13
N LYS C 463 2.95 10.17 -33.10
CA LYS C 463 1.60 10.59 -32.71
C LYS C 463 1.44 10.95 -31.25
N GLN C 464 2.32 10.48 -30.38
CA GLN C 464 2.21 10.85 -28.97
C GLN C 464 2.79 12.25 -28.77
N LYS C 465 3.91 12.51 -29.44
CA LYS C 465 4.56 13.81 -29.38
C LYS C 465 3.55 14.80 -29.97
N GLU C 466 2.96 14.40 -31.10
CA GLU C 466 1.97 15.21 -31.80
C GLU C 466 0.82 15.61 -30.87
N GLN C 467 0.21 14.63 -30.22
CA GLN C 467 -0.88 14.88 -29.29
C GLN C 467 -0.41 15.83 -28.18
N ALA C 468 0.86 16.21 -28.26
CA ALA C 468 1.49 17.12 -27.29
C ALA C 468 1.79 16.38 -25.99
N THR D 19 -33.55 -9.20 1.73
CA THR D 19 -34.62 -8.76 0.80
C THR D 19 -34.02 -8.62 -0.60
N ASP D 20 -32.74 -8.21 -0.66
CA ASP D 20 -32.04 -8.08 -1.94
C ASP D 20 -30.98 -9.17 -1.99
N PRO D 21 -31.10 -10.08 -2.97
CA PRO D 21 -30.15 -11.19 -3.14
C PRO D 21 -28.66 -10.83 -3.20
N ILE D 22 -28.32 -9.76 -3.91
CA ILE D 22 -26.91 -9.36 -4.01
C ILE D 22 -26.44 -8.85 -2.64
N MET D 23 -27.28 -8.06 -1.99
CA MET D 23 -26.97 -7.56 -0.66
C MET D 23 -26.74 -8.75 0.28
N GLU D 24 -27.66 -9.71 0.24
CA GLU D 24 -27.59 -10.88 1.13
C GLU D 24 -26.31 -11.68 0.95
N LYS D 25 -25.94 -11.91 -0.30
CA LYS D 25 -24.74 -12.66 -0.61
C LYS D 25 -23.52 -11.85 -0.16
N LEU D 26 -23.56 -10.55 -0.39
CA LEU D 26 -22.42 -9.70 0.00
C LEU D 26 -22.25 -9.61 1.52
N ASN D 27 -23.35 -9.43 2.24
CA ASN D 27 -23.32 -9.31 3.70
C ASN D 27 -22.97 -10.62 4.41
N SER D 28 -23.45 -11.74 3.88
CA SER D 28 -23.20 -13.06 4.45
C SER D 28 -21.73 -13.43 4.49
N SER D 29 -21.29 -14.02 5.60
CA SER D 29 -19.89 -14.41 5.73
C SER D 29 -19.67 -15.92 5.93
N ILE D 30 -20.76 -16.69 5.98
CA ILE D 30 -20.69 -18.14 6.20
C ILE D 30 -19.75 -18.90 5.29
N ALA D 31 -19.64 -18.44 4.05
CA ALA D 31 -18.76 -19.08 3.06
C ALA D 31 -17.32 -19.17 3.57
N TYR D 32 -16.86 -18.17 4.30
CA TYR D 32 -15.50 -18.21 4.82
C TYR D 32 -15.35 -18.30 6.34
N ASP D 33 -16.18 -17.57 7.09
CA ASP D 33 -16.06 -17.58 8.56
C ASP D 33 -16.41 -18.94 9.16
N GLN D 34 -16.84 -19.82 8.28
CA GLN D 34 -17.19 -21.19 8.58
C GLN D 34 -15.93 -21.90 9.12
N ARG D 35 -14.77 -21.40 8.72
CA ARG D 35 -13.51 -21.97 9.19
C ARG D 35 -13.34 -21.81 10.71
N LEU D 36 -14.17 -20.96 11.30
CA LEU D 36 -14.11 -20.72 12.75
C LEU D 36 -15.04 -21.66 13.52
N SER D 37 -15.62 -22.63 12.82
CA SER D 37 -16.55 -23.58 13.43
C SER D 37 -16.15 -24.17 14.79
N GLU D 38 -14.97 -24.78 14.87
CA GLU D 38 -14.52 -25.38 16.13
C GLU D 38 -14.21 -24.41 17.28
N VAL D 39 -13.54 -23.30 17.00
CA VAL D 39 -13.24 -22.35 18.08
C VAL D 39 -14.52 -21.66 18.53
N ASP D 40 -15.48 -21.52 17.62
CA ASP D 40 -16.77 -20.90 17.95
C ASP D 40 -17.50 -21.80 18.96
N ILE D 41 -17.38 -23.11 18.77
CA ILE D 41 -18.02 -24.08 19.68
C ILE D 41 -17.31 -24.05 21.03
N GLN D 42 -15.98 -23.97 21.02
CA GLN D 42 -15.23 -23.93 22.28
C GLN D 42 -15.60 -22.67 23.07
N GLY D 43 -15.83 -21.58 22.34
CA GLY D 43 -16.19 -20.32 22.99
C GLY D 43 -17.57 -20.40 23.62
N SER D 44 -18.46 -21.18 23.00
CA SER D 44 -19.82 -21.34 23.52
C SER D 44 -19.83 -22.25 24.74
N MET D 45 -18.95 -23.25 24.77
CA MET D 45 -18.90 -24.14 25.92
C MET D 45 -18.42 -23.35 27.14
N ALA D 46 -17.39 -22.54 26.95
CA ALA D 46 -16.87 -21.74 28.05
C ALA D 46 -17.94 -20.75 28.50
N TYR D 47 -18.66 -20.16 27.56
CA TYR D 47 -19.69 -19.20 27.93
C TYR D 47 -20.86 -19.89 28.66
N ALA D 48 -21.25 -21.07 28.20
CA ALA D 48 -22.35 -21.82 28.82
C ALA D 48 -22.02 -22.07 30.28
N LYS D 49 -20.80 -22.53 30.54
CA LYS D 49 -20.35 -22.78 31.91
C LYS D 49 -20.46 -21.51 32.75
N ALA D 50 -20.08 -20.37 32.17
CA ALA D 50 -20.15 -19.10 32.87
C ALA D 50 -21.60 -18.74 33.18
N LEU D 51 -22.49 -18.99 32.22
CA LEU D 51 -23.91 -18.70 32.42
C LEU D 51 -24.45 -19.51 33.60
N GLU D 52 -24.03 -20.78 33.67
CA GLU D 52 -24.46 -21.66 34.74
C GLU D 52 -24.02 -21.09 36.09
N LYS D 53 -22.81 -20.53 36.13
CA LYS D 53 -22.31 -19.94 37.36
C LYS D 53 -23.14 -18.71 37.71
N ALA D 54 -23.61 -17.99 36.69
CA ALA D 54 -24.42 -16.80 36.91
C ALA D 54 -25.88 -17.14 37.26
N GLY D 55 -26.21 -18.42 37.26
CA GLY D 55 -27.57 -18.82 37.59
C GLY D 55 -28.55 -18.68 36.42
N ILE D 56 -28.02 -18.48 35.22
CA ILE D 56 -28.84 -18.33 34.01
C ILE D 56 -29.19 -19.72 33.47
N LEU D 57 -28.33 -20.69 33.74
CA LEU D 57 -28.55 -22.06 33.29
C LEU D 57 -28.49 -22.99 34.48
N THR D 58 -29.28 -24.05 34.45
CA THR D 58 -29.28 -25.03 35.52
C THR D 58 -28.13 -25.97 35.21
N LYS D 59 -27.72 -26.78 36.17
CA LYS D 59 -26.62 -27.70 35.94
C LYS D 59 -27.05 -28.74 34.91
N THR D 60 -28.32 -29.13 34.96
CA THR D 60 -28.86 -30.13 34.03
C THR D 60 -28.89 -29.53 32.62
N GLU D 61 -29.32 -28.28 32.53
CA GLU D 61 -29.38 -27.59 31.25
C GLU D 61 -27.97 -27.47 30.63
N LEU D 62 -26.98 -27.26 31.49
CA LEU D 62 -25.60 -27.13 31.04
C LEU D 62 -25.07 -28.42 30.39
N GLU D 63 -25.35 -29.56 31.00
CA GLU D 63 -24.87 -30.82 30.44
C GLU D 63 -25.48 -31.03 29.05
N LYS D 64 -26.75 -30.68 28.90
CA LYS D 64 -27.44 -30.85 27.62
C LYS D 64 -26.77 -29.96 26.56
N ILE D 65 -26.60 -28.69 26.90
CA ILE D 65 -25.97 -27.73 26.00
C ILE D 65 -24.58 -28.18 25.61
N LEU D 66 -23.77 -28.56 26.60
CA LEU D 66 -22.41 -29.00 26.33
C LEU D 66 -22.42 -30.26 25.47
N SER D 67 -23.35 -31.18 25.76
CA SER D 67 -23.44 -32.40 24.98
C SER D 67 -23.82 -32.07 23.54
N GLY D 68 -24.70 -31.08 23.39
CA GLY D 68 -25.13 -30.67 22.07
C GLY D 68 -24.01 -30.04 21.28
N LEU D 69 -23.25 -29.16 21.93
CA LEU D 69 -22.11 -28.49 21.28
C LEU D 69 -21.08 -29.52 20.80
N GLU D 70 -20.84 -30.56 21.60
CA GLU D 70 -19.89 -31.61 21.24
C GLU D 70 -20.30 -32.35 19.98
N LYS D 71 -21.61 -32.54 19.77
CA LYS D 71 -22.07 -33.23 18.58
C LYS D 71 -21.81 -32.32 17.37
N ILE D 72 -22.00 -31.03 17.58
CA ILE D 72 -21.76 -30.06 16.51
C ILE D 72 -20.27 -30.04 16.18
N SER D 73 -19.44 -30.12 17.22
CA SER D 73 -18.00 -30.13 17.02
C SER D 73 -17.62 -31.33 16.13
N GLU D 74 -18.22 -32.48 16.39
CA GLU D 74 -17.94 -33.67 15.60
C GLU D 74 -18.43 -33.62 14.16
N GLU D 75 -19.60 -33.06 13.92
CA GLU D 75 -20.12 -32.97 12.55
C GLU D 75 -19.15 -32.17 11.68
N TRP D 76 -18.61 -31.10 12.24
CA TRP D 76 -17.66 -30.26 11.52
C TRP D 76 -16.38 -31.07 11.32
N SER D 77 -15.89 -31.66 12.41
CA SER D 77 -14.68 -32.45 12.35
C SER D 77 -14.76 -33.55 11.28
N LYS D 78 -15.87 -34.30 11.27
CA LYS D 78 -16.04 -35.37 10.29
C LYS D 78 -16.44 -34.82 8.92
N GLY D 79 -16.66 -33.51 8.85
CA GLY D 79 -17.03 -32.88 7.59
C GLY D 79 -18.44 -33.18 7.14
N VAL D 80 -19.31 -33.50 8.09
CA VAL D 80 -20.69 -33.83 7.78
C VAL D 80 -21.68 -32.72 8.13
N PHE D 81 -21.20 -31.61 8.67
CA PHE D 81 -22.11 -30.52 9.01
C PHE D 81 -22.75 -29.90 7.77
N VAL D 82 -24.07 -29.88 7.73
CA VAL D 82 -24.79 -29.34 6.58
C VAL D 82 -25.21 -27.89 6.78
N VAL D 83 -24.65 -27.00 5.97
CA VAL D 83 -24.97 -25.57 6.05
C VAL D 83 -26.28 -25.29 5.32
N LYS D 84 -27.11 -24.42 5.91
CA LYS D 84 -28.40 -24.07 5.32
C LYS D 84 -28.42 -22.64 4.75
N GLN D 85 -29.27 -22.45 3.74
CA GLN D 85 -29.41 -21.17 3.05
C GLN D 85 -29.68 -20.00 3.99
N SER D 86 -30.27 -20.29 5.15
CA SER D 86 -30.57 -19.24 6.12
C SER D 86 -29.35 -18.89 6.96
N ASP D 87 -28.34 -19.76 6.98
CA ASP D 87 -27.12 -19.51 7.76
C ASP D 87 -26.35 -18.27 7.27
N GLU D 88 -26.52 -17.14 7.97
CA GLU D 88 -25.83 -15.91 7.57
C GLU D 88 -24.34 -15.96 7.92
N ASP D 89 -24.00 -16.71 8.97
CA ASP D 89 -22.62 -16.85 9.43
C ASP D 89 -22.45 -18.12 10.27
N ILE D 90 -21.22 -18.44 10.65
CA ILE D 90 -20.93 -19.63 11.45
C ILE D 90 -21.61 -19.61 12.84
N HIS D 91 -21.81 -18.41 13.37
CA HIS D 91 -22.45 -18.24 14.67
C HIS D 91 -23.90 -18.72 14.55
N THR D 92 -24.58 -18.24 13.50
CA THR D 92 -25.97 -18.59 13.25
C THR D 92 -26.09 -20.06 12.89
N ALA D 93 -25.13 -20.56 12.12
CA ALA D 93 -25.12 -21.96 11.71
C ALA D 93 -25.08 -22.88 12.93
N ASN D 94 -24.12 -22.63 13.82
CA ASN D 94 -23.96 -23.43 15.01
C ASN D 94 -25.14 -23.36 15.98
N GLU D 95 -25.74 -22.18 16.12
CA GLU D 95 -26.89 -22.05 17.00
C GLU D 95 -28.10 -22.79 16.41
N ARG D 96 -28.29 -22.65 15.11
CA ARG D 96 -29.37 -23.32 14.41
C ARG D 96 -29.30 -24.81 14.69
N ARG D 97 -28.14 -25.40 14.40
CA ARG D 97 -27.93 -26.82 14.60
C ARG D 97 -28.18 -27.24 16.04
N LEU D 98 -27.76 -26.41 17.00
CA LEU D 98 -27.93 -26.72 18.42
C LEU D 98 -29.41 -26.85 18.78
N LYS D 99 -30.23 -25.96 18.23
CA LYS D 99 -31.67 -25.95 18.48
C LYS D 99 -32.29 -27.20 17.85
N GLU D 100 -31.68 -27.66 16.76
CA GLU D 100 -32.15 -28.86 16.07
C GLU D 100 -31.78 -30.10 16.88
N LEU D 101 -30.69 -30.02 17.64
CA LEU D 101 -30.21 -31.15 18.44
C LEU D 101 -30.81 -31.33 19.81
N ILE D 102 -30.94 -30.24 20.58
CA ILE D 102 -31.46 -30.34 21.94
C ILE D 102 -32.74 -29.57 22.26
N GLY D 103 -33.21 -28.73 21.35
CA GLY D 103 -34.44 -27.99 21.61
C GLY D 103 -34.30 -26.57 22.12
N ASP D 104 -35.43 -26.02 22.58
CA ASP D 104 -35.53 -24.65 23.09
C ASP D 104 -34.47 -24.19 24.09
N ILE D 105 -33.95 -25.11 24.89
CA ILE D 105 -32.91 -24.77 25.86
C ILE D 105 -31.66 -24.22 25.15
N ALA D 106 -31.57 -24.49 23.86
CA ALA D 106 -30.44 -24.01 23.07
C ALA D 106 -30.43 -22.47 23.08
N GLY D 107 -31.63 -21.88 23.10
CA GLY D 107 -31.78 -20.43 23.07
C GLY D 107 -31.16 -19.64 24.20
N LYS D 108 -30.97 -20.27 25.35
CA LYS D 108 -30.38 -19.59 26.50
C LYS D 108 -28.88 -19.30 26.34
N LEU D 109 -28.22 -20.02 25.46
CA LEU D 109 -26.79 -19.85 25.25
C LEU D 109 -26.34 -18.44 24.91
N HIS D 110 -27.06 -17.75 24.04
CA HIS D 110 -26.66 -16.39 23.66
C HIS D 110 -27.04 -15.28 24.64
N THR D 111 -27.63 -15.65 25.77
CA THR D 111 -28.02 -14.65 26.77
C THR D 111 -26.83 -13.79 27.22
N GLY D 112 -26.99 -12.47 27.09
CA GLY D 112 -25.93 -11.56 27.47
C GLY D 112 -24.77 -11.49 26.49
N ARG D 113 -24.73 -12.39 25.51
CA ARG D 113 -23.65 -12.41 24.52
C ARG D 113 -24.05 -11.69 23.23
N SER D 114 -23.05 -11.27 22.47
CA SER D 114 -23.27 -10.57 21.23
C SER D 114 -22.41 -11.18 20.13
N ARG D 115 -22.83 -11.05 18.88
CA ARG D 115 -22.01 -11.57 17.78
C ARG D 115 -20.70 -10.77 17.78
N ASN D 116 -20.74 -9.55 18.32
CA ASN D 116 -19.58 -8.67 18.36
C ASN D 116 -18.44 -9.22 19.23
N ASP D 117 -18.72 -9.60 20.46
CA ASP D 117 -17.64 -10.11 21.29
C ASP D 117 -17.39 -11.59 21.01
N GLN D 118 -18.40 -12.26 20.43
CA GLN D 118 -18.27 -13.66 20.08
C GLN D 118 -17.30 -13.81 18.90
N VAL D 119 -17.42 -12.93 17.91
CA VAL D 119 -16.57 -13.06 16.74
C VAL D 119 -15.10 -12.78 16.98
N VAL D 120 -14.78 -11.79 17.77
CA VAL D 120 -13.38 -11.51 18.03
C VAL D 120 -12.78 -12.60 18.91
N THR D 121 -13.60 -13.22 19.76
CA THR D 121 -13.09 -14.30 20.60
C THR D 121 -12.67 -15.44 19.67
N ASP D 122 -13.56 -15.79 18.75
CA ASP D 122 -13.30 -16.87 17.79
C ASP D 122 -12.03 -16.59 16.99
N LEU D 123 -11.91 -15.39 16.44
CA LEU D 123 -10.75 -15.07 15.61
C LEU D 123 -9.43 -15.12 16.40
N LYS D 124 -9.42 -14.62 17.64
CA LYS D 124 -8.18 -14.67 18.42
C LYS D 124 -7.80 -16.10 18.80
N LEU D 125 -8.80 -16.94 19.10
CA LEU D 125 -8.50 -18.33 19.46
C LEU D 125 -7.89 -19.00 18.25
N PHE D 126 -8.49 -18.75 17.08
CA PHE D 126 -8.00 -19.31 15.82
C PHE D 126 -6.56 -18.84 15.52
N MET D 127 -6.32 -17.54 15.68
CA MET D 127 -4.99 -16.98 15.42
C MET D 127 -3.96 -17.48 16.43
N LYS D 128 -4.37 -17.66 17.67
CA LYS D 128 -3.44 -18.15 18.69
C LYS D 128 -2.99 -19.54 18.29
N ASN D 129 -3.93 -20.35 17.83
CA ASN D 129 -3.63 -21.70 17.39
C ASN D 129 -2.78 -21.67 16.11
N SER D 130 -3.15 -20.81 15.17
CA SER D 130 -2.41 -20.70 13.91
C SER D 130 -1.00 -20.16 14.15
N LEU D 131 -0.86 -19.19 15.03
CA LEU D 131 0.46 -18.64 15.29
C LEU D 131 1.39 -19.67 15.91
N SER D 132 0.80 -20.60 16.66
CA SER D 132 1.59 -21.65 17.29
C SER D 132 2.15 -22.55 16.17
N ILE D 133 1.32 -22.83 15.17
CA ILE D 133 1.74 -23.65 14.04
C ILE D 133 2.79 -22.94 13.17
N ILE D 134 2.60 -21.64 12.95
CA ILE D 134 3.54 -20.86 12.15
C ILE D 134 4.91 -20.79 12.85
N SER D 135 4.89 -20.64 14.16
CA SER D 135 6.12 -20.59 14.95
C SER D 135 6.97 -21.85 14.70
N THR D 136 6.33 -23.01 14.81
CA THR D 136 7.01 -24.28 14.60
C THR D 136 7.69 -24.30 13.22
N HIS D 137 6.98 -23.85 12.19
CA HIS D 137 7.53 -23.85 10.83
C HIS D 137 8.68 -22.85 10.67
N LEU D 138 8.49 -21.67 11.25
CA LEU D 138 9.50 -20.62 11.18
C LEU D 138 10.77 -21.09 11.92
N LEU D 139 10.60 -21.65 13.12
CA LEU D 139 11.75 -22.13 13.87
C LEU D 139 12.46 -23.28 13.14
N GLN D 140 11.71 -24.06 12.37
CA GLN D 140 12.31 -25.16 11.62
C GLN D 140 13.14 -24.63 10.45
N LEU D 141 12.67 -23.56 9.82
CA LEU D 141 13.40 -22.92 8.70
C LEU D 141 14.71 -22.38 9.27
N ILE D 142 14.62 -21.66 10.38
CA ILE D 142 15.80 -21.09 11.01
C ILE D 142 16.82 -22.19 11.38
N LYS D 143 16.34 -23.27 11.99
CA LYS D 143 17.23 -24.36 12.37
C LYS D 143 17.93 -24.96 11.16
N THR D 144 17.20 -25.05 10.05
CA THR D 144 17.75 -25.62 8.83
C THR D 144 18.92 -24.78 8.30
N LEU D 145 18.77 -23.46 8.39
CA LEU D 145 19.84 -22.59 7.94
C LEU D 145 21.05 -22.70 8.89
N VAL D 146 20.79 -22.67 10.20
CA VAL D 146 21.86 -22.75 11.21
C VAL D 146 22.62 -24.08 11.09
N GLU D 147 21.90 -25.19 11.04
CA GLU D 147 22.57 -26.48 10.93
C GLU D 147 23.35 -26.62 9.62
N ARG D 148 22.82 -26.11 8.51
CA ARG D 148 23.57 -26.21 7.26
C ARG D 148 24.82 -25.35 7.34
N ALA D 149 24.70 -24.18 7.95
CA ALA D 149 25.85 -23.29 8.11
C ALA D 149 26.96 -24.02 8.88
N ALA D 150 26.58 -24.75 9.92
CA ALA D 150 27.57 -25.46 10.72
C ALA D 150 28.32 -26.50 9.89
N ILE D 151 27.59 -27.28 9.11
CA ILE D 151 28.20 -28.32 8.29
C ILE D 151 29.11 -27.74 7.20
N GLU D 152 28.64 -26.69 6.54
CA GLU D 152 29.37 -26.08 5.44
C GLU D 152 30.22 -24.88 5.80
N ILE D 153 30.65 -24.82 7.06
CA ILE D 153 31.46 -23.74 7.59
C ILE D 153 32.80 -23.46 6.87
N ASP D 154 33.36 -24.44 6.17
CA ASP D 154 34.63 -24.22 5.48
C ASP D 154 34.49 -23.65 4.08
N VAL D 155 33.26 -23.59 3.58
CA VAL D 155 33.00 -23.08 2.23
C VAL D 155 33.18 -21.57 2.12
N ILE D 156 33.88 -21.13 1.08
CA ILE D 156 34.13 -19.71 0.86
C ILE D 156 33.68 -19.29 -0.55
N LEU D 157 33.01 -18.14 -0.64
CA LEU D 157 32.57 -17.63 -1.93
C LEU D 157 32.59 -16.10 -1.90
N PRO D 158 32.26 -15.45 -3.02
CA PRO D 158 32.28 -13.99 -3.02
C PRO D 158 31.12 -13.37 -2.23
N GLY D 159 31.42 -12.28 -1.52
CA GLY D 159 30.41 -11.52 -0.80
C GLY D 159 30.02 -10.44 -1.83
N TYR D 160 28.74 -10.05 -1.92
CA TYR D 160 28.34 -9.05 -2.91
C TYR D 160 27.72 -7.77 -2.39
N ASP D 161 27.99 -6.68 -3.10
CA ASP D 161 27.38 -5.38 -2.82
C ASP D 161 27.11 -4.77 -4.21
N HIS D 162 25.89 -4.26 -4.43
CA HIS D 162 25.51 -3.73 -5.75
C HIS D 162 25.60 -4.91 -6.75
N LEU D 163 25.49 -6.13 -6.24
CA LEU D 163 25.59 -7.37 -7.04
C LEU D 163 26.92 -7.49 -7.81
N GLN D 164 27.98 -6.92 -7.22
CA GLN D 164 29.32 -6.98 -7.79
C GLN D 164 30.21 -7.70 -6.77
N LYS D 165 31.12 -8.54 -7.23
CA LYS D 165 32.00 -9.28 -6.33
C LYS D 165 32.84 -8.30 -5.52
N ALA D 166 32.76 -8.38 -4.21
CA ALA D 166 33.49 -7.47 -3.35
C ALA D 166 34.68 -8.10 -2.61
N GLN D 167 34.39 -9.13 -1.82
CA GLN D 167 35.44 -9.79 -1.04
C GLN D 167 35.01 -11.20 -0.62
N PRO D 168 35.99 -12.05 -0.28
CA PRO D 168 35.65 -13.41 0.13
C PRO D 168 34.88 -13.41 1.45
N ILE D 169 33.90 -14.30 1.58
CA ILE D 169 33.14 -14.45 2.82
C ILE D 169 32.85 -15.95 2.95
N ARG D 170 32.52 -16.41 4.14
CA ARG D 170 32.15 -17.82 4.29
C ARG D 170 30.69 -17.96 3.85
N TRP D 171 30.40 -19.03 3.14
CA TRP D 171 29.05 -19.31 2.67
C TRP D 171 28.14 -19.36 3.90
N SER D 172 28.67 -19.82 5.04
CA SER D 172 27.89 -19.88 6.27
C SER D 172 27.54 -18.49 6.81
N GLN D 173 28.37 -17.50 6.52
CA GLN D 173 28.07 -16.14 6.97
C GLN D 173 26.82 -15.71 6.21
N PHE D 174 26.73 -16.09 4.95
CA PHE D 174 25.56 -15.76 4.11
C PHE D 174 24.32 -16.43 4.66
N LEU D 175 24.41 -17.74 4.92
CA LEU D 175 23.26 -18.46 5.46
C LEU D 175 22.82 -17.86 6.79
N LEU D 176 23.77 -17.56 7.66
CA LEU D 176 23.41 -17.00 8.97
C LEU D 176 22.80 -15.58 8.92
N SER D 177 23.15 -14.79 7.91
CA SER D 177 22.57 -13.44 7.79
C SER D 177 21.04 -13.56 7.66
N HIS D 178 20.59 -14.54 6.86
CA HIS D 178 19.16 -14.75 6.67
C HIS D 178 18.56 -15.33 7.96
N ALA D 179 19.29 -16.24 8.59
CA ALA D 179 18.84 -16.84 9.85
C ALA D 179 18.61 -15.78 10.93
N VAL D 180 19.52 -14.80 11.02
CA VAL D 180 19.38 -13.74 12.02
C VAL D 180 18.14 -12.87 11.79
N ALA D 181 17.88 -12.50 10.54
CA ALA D 181 16.70 -11.69 10.25
C ALA D 181 15.43 -12.46 10.62
N LEU D 182 15.37 -13.74 10.26
CA LEU D 182 14.21 -14.58 10.54
C LEU D 182 14.01 -14.73 12.05
N THR D 183 15.09 -14.64 12.80
CA THR D 183 15.00 -14.74 14.25
C THR D 183 14.26 -13.54 14.80
N ARG D 184 14.46 -12.38 14.18
CA ARG D 184 13.73 -11.18 14.62
C ARG D 184 12.24 -11.35 14.26
N ASP D 185 11.96 -12.05 13.16
CA ASP D 185 10.56 -12.29 12.78
C ASP D 185 9.91 -13.17 13.85
N SER D 186 10.66 -14.15 14.32
CA SER D 186 10.16 -15.07 15.34
C SER D 186 9.88 -14.30 16.62
N GLU D 187 10.77 -13.37 16.94
CA GLU D 187 10.61 -12.54 18.11
C GLU D 187 9.33 -11.68 18.02
N ARG D 188 9.08 -11.11 16.83
CA ARG D 188 7.88 -10.31 16.64
C ARG D 188 6.62 -11.17 16.73
N LEU D 189 6.70 -12.38 16.21
CA LEU D 189 5.56 -13.31 16.26
C LEU D 189 5.20 -13.49 17.73
N GLY D 190 6.23 -13.67 18.56
CA GLY D 190 6.00 -13.84 19.99
C GLY D 190 5.30 -12.65 20.61
N GLU D 191 5.73 -11.44 20.27
CA GLU D 191 5.10 -10.23 20.80
C GLU D 191 3.64 -10.09 20.34
N VAL D 192 3.38 -10.42 19.09
CA VAL D 192 2.02 -10.36 18.53
C VAL D 192 1.10 -11.37 19.24
N LYS D 193 1.63 -12.57 19.47
CA LYS D 193 0.88 -13.63 20.14
C LYS D 193 0.46 -13.20 21.54
N LYS D 194 1.33 -12.49 22.23
CA LYS D 194 1.04 -12.04 23.60
C LYS D 194 -0.21 -11.17 23.66
N ARG D 195 -0.36 -10.24 22.72
CA ARG D 195 -1.54 -9.38 22.73
C ARG D 195 -2.80 -10.06 22.19
N ILE D 196 -2.62 -11.11 21.40
CA ILE D 196 -3.74 -11.86 20.86
C ILE D 196 -4.30 -12.75 21.96
N ASN D 197 -3.42 -13.12 22.89
CA ASN D 197 -3.75 -14.00 24.02
C ASN D 197 -4.45 -13.30 25.17
N VAL D 198 -5.34 -12.37 24.82
CA VAL D 198 -6.14 -11.61 25.77
C VAL D 198 -7.59 -11.85 25.36
N LEU D 199 -8.41 -12.19 26.35
CA LEU D 199 -9.83 -12.50 26.14
C LEU D 199 -10.77 -11.30 25.96
N PRO D 200 -11.50 -11.25 24.83
CA PRO D 200 -12.44 -10.17 24.56
C PRO D 200 -13.89 -10.58 24.93
N LEU D 201 -14.11 -11.89 25.04
CA LEU D 201 -15.42 -12.43 25.40
C LEU D 201 -15.90 -11.81 26.70
N GLY D 202 -17.15 -11.33 26.72
CA GLY D 202 -17.70 -10.72 27.91
C GLY D 202 -17.74 -9.20 27.76
N SER D 203 -17.59 -8.73 26.53
CA SER D 203 -17.62 -7.31 26.25
C SER D 203 -19.01 -6.90 25.75
N GLY D 204 -19.84 -7.89 25.41
CA GLY D 204 -21.18 -7.59 24.91
C GLY D 204 -21.13 -6.95 23.53
N ALA D 205 -22.14 -6.14 23.21
CA ALA D 205 -22.22 -5.46 21.91
C ALA D 205 -21.27 -4.28 21.86
N LEU D 206 -21.10 -3.61 23.00
CA LEU D 206 -20.17 -2.49 23.08
C LEU D 206 -19.92 -1.98 24.47
N ALA D 207 -20.93 -2.04 25.34
CA ALA D 207 -20.79 -1.52 26.71
C ALA D 207 -20.41 -2.51 27.82
N GLY D 208 -20.26 -3.79 27.47
CA GLY D 208 -19.90 -4.79 28.45
C GLY D 208 -20.93 -5.90 28.56
N ASN D 209 -20.65 -6.92 29.37
CA ASN D 209 -21.59 -8.02 29.58
C ASN D 209 -22.55 -7.49 30.66
N PRO D 210 -23.86 -7.56 30.41
CA PRO D 210 -24.85 -7.05 31.38
C PRO D 210 -25.28 -7.99 32.51
N LEU D 211 -24.71 -9.18 32.58
CA LEU D 211 -25.11 -10.13 33.62
C LEU D 211 -24.07 -10.44 34.67
N ASP D 212 -23.06 -9.58 34.77
CA ASP D 212 -22.00 -9.74 35.75
C ASP D 212 -21.34 -11.11 35.54
N ILE D 213 -21.20 -11.48 34.28
CA ILE D 213 -20.57 -12.74 33.90
C ILE D 213 -19.17 -12.80 34.52
N ASP D 214 -18.71 -14.01 34.86
CA ASP D 214 -17.39 -14.18 35.46
C ASP D 214 -16.36 -14.28 34.34
N ARG D 215 -15.78 -13.15 33.96
CA ARG D 215 -14.81 -13.12 32.87
C ARG D 215 -13.54 -13.92 33.20
N GLU D 216 -13.15 -13.95 34.48
CA GLU D 216 -11.95 -14.70 34.88
C GLU D 216 -12.18 -16.17 34.58
N MET D 217 -13.40 -16.64 34.80
CA MET D 217 -13.76 -18.04 34.53
C MET D 217 -13.65 -18.31 33.02
N LEU D 218 -14.11 -17.34 32.24
CA LEU D 218 -14.04 -17.43 30.79
C LEU D 218 -12.58 -17.51 30.35
N ARG D 219 -11.75 -16.66 30.94
CA ARG D 219 -10.32 -16.65 30.62
C ARG D 219 -9.70 -18.03 30.87
N SER D 220 -9.93 -18.55 32.08
CA SER D 220 -9.42 -19.85 32.47
C SER D 220 -9.84 -20.94 31.51
N GLU D 221 -11.15 -21.09 31.31
CA GLU D 221 -11.68 -22.11 30.41
C GLU D 221 -11.09 -22.09 29.00
N LEU D 222 -10.96 -20.89 28.42
CA LEU D 222 -10.43 -20.76 27.07
C LEU D 222 -8.90 -20.66 27.04
N GLU D 223 -8.29 -20.57 28.22
CA GLU D 223 -6.84 -20.48 28.34
C GLU D 223 -6.16 -19.21 27.80
N PHE D 224 -6.79 -18.05 27.97
CA PHE D 224 -6.14 -16.81 27.55
C PHE D 224 -5.27 -16.39 28.72
N ALA D 225 -4.33 -15.48 28.48
CA ALA D 225 -3.43 -15.02 29.54
C ALA D 225 -4.05 -13.96 30.44
N SER D 226 -4.92 -13.15 29.87
CA SER D 226 -5.57 -12.08 30.64
C SER D 226 -6.87 -11.70 29.94
N ILE D 227 -7.53 -10.67 30.46
CA ILE D 227 -8.79 -10.25 29.85
C ILE D 227 -8.75 -8.81 29.41
N SER D 228 -9.48 -8.52 28.34
CA SER D 228 -9.55 -7.18 27.77
C SER D 228 -9.93 -6.12 28.81
N LEU D 229 -9.28 -4.97 28.73
CA LEU D 229 -9.52 -3.86 29.66
C LEU D 229 -10.74 -2.99 29.43
N ASN D 230 -11.18 -2.86 28.19
CA ASN D 230 -12.31 -1.98 27.90
C ASN D 230 -13.21 -2.60 26.82
N SER D 231 -14.52 -2.69 27.09
CA SER D 231 -15.47 -3.30 26.18
C SER D 231 -15.57 -2.67 24.80
N MET D 232 -15.53 -1.34 24.74
CA MET D 232 -15.62 -0.68 23.45
C MET D 232 -14.41 -0.99 22.57
N ASP D 233 -13.22 -0.90 23.16
CA ASP D 233 -11.99 -1.22 22.43
C ASP D 233 -11.95 -2.68 21.99
N ALA D 234 -12.28 -3.58 22.92
CA ALA D 234 -12.24 -5.01 22.65
C ALA D 234 -13.13 -5.44 21.49
N ILE D 235 -14.22 -4.72 21.30
CA ILE D 235 -15.16 -5.02 20.22
C ILE D 235 -14.80 -4.39 18.87
N SER D 236 -14.21 -3.20 18.92
CA SER D 236 -13.90 -2.49 17.69
C SER D 236 -12.47 -2.59 17.15
N GLU D 237 -11.48 -2.79 18.02
CA GLU D 237 -10.11 -2.84 17.53
C GLU D 237 -9.73 -4.10 16.75
N ARG D 238 -8.90 -3.89 15.74
CA ARG D 238 -8.39 -4.98 14.95
C ARG D 238 -6.86 -4.85 14.88
N ASP D 239 -6.29 -4.33 15.97
CA ASP D 239 -4.82 -4.17 16.10
C ASP D 239 -4.14 -5.51 15.89
N PHE D 240 -4.72 -6.54 16.50
CA PHE D 240 -4.16 -7.88 16.46
C PHE D 240 -4.10 -8.42 15.04
N VAL D 241 -5.05 -8.01 14.21
CA VAL D 241 -5.08 -8.43 12.81
C VAL D 241 -3.94 -7.64 12.11
N VAL D 242 -3.93 -6.33 12.31
CA VAL D 242 -2.90 -5.48 11.71
C VAL D 242 -1.46 -5.96 12.04
N GLU D 243 -1.20 -6.16 13.33
CA GLU D 243 0.12 -6.61 13.85
C GLU D 243 0.56 -7.92 13.23
N PHE D 244 -0.37 -8.86 13.18
CA PHE D 244 -0.09 -10.16 12.59
C PHE D 244 0.32 -9.93 11.12
N LEU D 245 -0.45 -9.09 10.44
CA LEU D 245 -0.17 -8.80 9.03
C LEU D 245 1.16 -8.08 8.82
N SER D 246 1.53 -7.20 9.74
CA SER D 246 2.82 -6.48 9.67
C SER D 246 3.95 -7.49 9.89
N PHE D 247 3.76 -8.39 10.85
CA PHE D 247 4.75 -9.41 11.13
C PHE D 247 4.93 -10.30 9.91
N ALA D 248 3.81 -10.71 9.33
CA ALA D 248 3.85 -11.60 8.17
C ALA D 248 4.49 -10.93 6.97
N THR D 249 4.21 -9.65 6.78
CA THR D 249 4.78 -8.91 5.65
C THR D 249 6.32 -8.78 5.76
N LEU D 250 6.84 -8.47 6.96
CA LEU D 250 8.29 -8.30 7.10
C LEU D 250 8.96 -9.65 6.89
N LEU D 251 8.33 -10.72 7.41
CA LEU D 251 8.84 -12.08 7.24
C LEU D 251 8.92 -12.37 5.74
N MET D 252 7.85 -12.07 5.01
CA MET D 252 7.87 -12.31 3.57
C MET D 252 8.97 -11.45 2.90
N ILE D 253 9.21 -10.25 3.41
CA ILE D 253 10.25 -9.41 2.81
C ILE D 253 11.58 -10.14 2.90
N HIS D 254 11.85 -10.71 4.08
CA HIS D 254 13.09 -11.45 4.31
C HIS D 254 13.18 -12.60 3.36
N LEU D 255 12.09 -13.36 3.25
CA LEU D 255 12.07 -14.49 2.35
C LEU D 255 12.21 -14.07 0.87
N SER D 256 11.69 -12.91 0.49
CA SER D 256 11.81 -12.45 -0.91
C SER D 256 13.28 -12.13 -1.23
N LYS D 257 14.02 -11.68 -0.23
CA LYS D 257 15.42 -11.36 -0.39
C LYS D 257 16.23 -12.64 -0.50
N MET D 258 15.96 -13.59 0.39
CA MET D 258 16.66 -14.87 0.31
C MET D 258 16.35 -15.53 -1.02
N ALA D 259 15.09 -15.43 -1.44
CA ALA D 259 14.65 -16.02 -2.72
C ALA D 259 15.44 -15.39 -3.88
N GLU D 260 15.52 -14.06 -3.90
CA GLU D 260 16.26 -13.33 -4.95
C GLU D 260 17.71 -13.85 -4.98
N ASP D 261 18.37 -13.90 -3.82
CA ASP D 261 19.75 -14.38 -3.73
C ASP D 261 19.93 -15.76 -4.36
N LEU D 262 19.13 -16.71 -3.87
CA LEU D 262 19.18 -18.09 -4.33
C LEU D 262 18.85 -18.22 -5.81
N ILE D 263 17.94 -17.41 -6.30
CA ILE D 263 17.60 -17.47 -7.71
C ILE D 263 18.82 -17.07 -8.53
N ILE D 264 19.45 -15.96 -8.15
CA ILE D 264 20.64 -15.48 -8.87
C ILE D 264 21.79 -16.50 -8.76
N TYR D 265 22.05 -17.01 -7.56
CA TYR D 265 23.11 -17.99 -7.38
C TYR D 265 22.89 -19.28 -8.17
N SER D 266 21.63 -19.60 -8.47
CA SER D 266 21.31 -20.82 -9.19
C SER D 266 21.37 -20.68 -10.71
N THR D 267 21.61 -19.47 -11.20
CA THR D 267 21.70 -19.26 -12.66
C THR D 267 22.94 -20.01 -13.14
N SER D 268 23.00 -20.34 -14.41
CA SER D 268 24.19 -21.03 -14.90
C SER D 268 25.34 -20.03 -14.90
N GLU D 269 25.03 -18.74 -15.02
CA GLU D 269 26.09 -17.73 -15.01
C GLU D 269 26.86 -17.74 -13.70
N PHE D 270 26.14 -17.75 -12.58
CA PHE D 270 26.75 -17.79 -11.27
C PHE D 270 27.22 -19.22 -11.00
N GLY D 271 26.34 -20.20 -11.21
CA GLY D 271 26.67 -21.62 -11.02
C GLY D 271 27.04 -22.06 -9.63
N PHE D 272 26.55 -21.34 -8.62
CA PHE D 272 26.86 -21.65 -7.22
C PHE D 272 26.08 -22.79 -6.57
N LEU D 273 24.85 -23.02 -7.04
CA LEU D 273 24.02 -24.06 -6.45
C LEU D 273 22.92 -24.51 -7.39
N THR D 274 22.36 -25.67 -7.10
CA THR D 274 21.29 -26.28 -7.90
C THR D 274 20.17 -26.72 -6.95
N LEU D 275 18.93 -26.32 -7.25
CA LEU D 275 17.79 -26.72 -6.42
C LEU D 275 17.45 -28.17 -6.75
N SER D 276 16.84 -28.88 -5.81
CA SER D 276 16.44 -30.27 -6.08
C SER D 276 15.27 -30.27 -7.04
N ASP D 277 15.00 -31.45 -7.61
CA ASP D 277 13.90 -31.63 -8.56
C ASP D 277 12.54 -31.31 -7.95
N ALA D 278 12.38 -31.66 -6.68
CA ALA D 278 11.12 -31.41 -6.00
C ALA D 278 10.75 -29.93 -5.94
N PHE D 279 11.76 -29.07 -5.88
CA PHE D 279 11.50 -27.65 -5.78
C PHE D 279 11.80 -26.81 -6.99
N SER D 280 11.92 -27.47 -8.13
CA SER D 280 12.17 -26.78 -9.39
C SER D 280 11.37 -27.46 -10.50
N THR D 281 11.31 -26.82 -11.66
CA THR D 281 10.62 -27.39 -12.81
C THR D 281 11.56 -27.35 -14.00
N GLY D 282 11.24 -28.14 -15.02
CA GLY D 282 12.09 -28.17 -16.19
C GLY D 282 11.50 -28.96 -17.34
N SER D 283 12.24 -29.04 -18.43
CA SER D 283 11.82 -29.74 -19.62
C SER D 283 12.80 -30.86 -19.98
N SER D 284 12.29 -31.93 -20.59
CA SER D 284 13.14 -33.04 -21.01
C SER D 284 14.06 -32.56 -22.13
N LEU D 285 13.71 -31.45 -22.79
CA LEU D 285 14.55 -30.95 -23.88
C LEU D 285 15.80 -30.26 -23.33
N MET D 286 15.72 -29.75 -22.11
CA MET D 286 16.85 -29.08 -21.46
C MET D 286 16.91 -29.57 -20.04
N PRO D 287 17.28 -30.85 -19.84
CA PRO D 287 17.38 -31.46 -18.52
C PRO D 287 18.26 -30.74 -17.50
N GLN D 288 19.24 -29.97 -17.98
CA GLN D 288 20.14 -29.24 -17.07
C GLN D 288 19.54 -27.91 -16.57
N LYS D 289 18.57 -27.39 -17.31
CA LYS D 289 17.90 -26.14 -16.95
C LYS D 289 16.87 -26.40 -15.85
N LYS D 290 17.14 -25.88 -14.65
CA LYS D 290 16.22 -26.03 -13.53
C LYS D 290 15.60 -24.68 -13.17
N ASN D 291 14.29 -24.55 -13.37
CA ASN D 291 13.58 -23.31 -13.06
C ASN D 291 13.17 -23.30 -11.59
N PRO D 292 13.57 -22.26 -10.84
CA PRO D 292 13.28 -22.12 -9.42
C PRO D 292 11.88 -21.68 -9.04
N ASP D 293 10.87 -22.34 -9.60
CA ASP D 293 9.46 -22.02 -9.30
C ASP D 293 9.24 -21.77 -7.82
N SER D 294 9.75 -22.69 -7.01
CA SER D 294 9.59 -22.58 -5.55
C SER D 294 9.99 -21.22 -5.01
N LEU D 295 11.14 -20.72 -5.42
CA LEU D 295 11.61 -19.43 -4.93
C LEU D 295 10.81 -18.29 -5.54
N GLU D 296 10.36 -18.47 -6.79
CA GLU D 296 9.57 -17.40 -7.40
C GLU D 296 8.19 -17.33 -6.72
N LEU D 297 7.65 -18.48 -6.35
CA LEU D 297 6.35 -18.48 -5.67
C LEU D 297 6.51 -17.75 -4.36
N ILE D 298 7.59 -18.07 -3.63
CA ILE D 298 7.87 -17.44 -2.35
C ILE D 298 8.04 -15.92 -2.49
N ARG D 299 8.85 -15.51 -3.45
CA ARG D 299 9.06 -14.08 -3.66
C ARG D 299 7.76 -13.33 -3.95
N SER D 300 6.90 -13.91 -4.78
CA SER D 300 5.64 -13.24 -5.13
C SER D 300 4.69 -13.12 -3.95
N LYS D 301 4.79 -14.03 -2.99
CA LYS D 301 3.89 -13.99 -1.84
C LYS D 301 4.14 -12.80 -0.95
N ALA D 302 5.30 -12.15 -1.10
CA ALA D 302 5.57 -10.95 -0.33
C ALA D 302 4.49 -9.95 -0.76
N GLY D 303 4.22 -9.88 -2.06
CA GLY D 303 3.21 -8.98 -2.56
C GLY D 303 1.81 -9.39 -2.10
N ARG D 304 1.51 -10.67 -2.16
CA ARG D 304 0.20 -11.17 -1.74
C ARG D 304 -0.07 -10.85 -0.26
N VAL D 305 0.94 -11.03 0.60
CA VAL D 305 0.77 -10.75 2.02
C VAL D 305 0.71 -9.25 2.30
N PHE D 306 1.55 -8.48 1.64
CA PHE D 306 1.53 -7.03 1.82
C PHE D 306 0.16 -6.46 1.40
N GLY D 307 -0.45 -7.07 0.39
CA GLY D 307 -1.76 -6.61 -0.06
C GLY D 307 -2.77 -6.70 1.07
N ARG D 308 -2.72 -7.78 1.83
CA ARG D 308 -3.66 -7.96 2.94
C ARG D 308 -3.44 -6.91 4.03
N LEU D 309 -2.19 -6.60 4.36
CA LEU D 309 -1.88 -5.59 5.37
C LEU D 309 -2.45 -4.26 4.90
N ALA D 310 -2.19 -3.94 3.63
CA ALA D 310 -2.66 -2.70 3.02
C ALA D 310 -4.19 -2.59 3.09
N SER D 311 -4.89 -3.68 2.78
CA SER D 311 -6.35 -3.64 2.80
C SER D 311 -6.92 -3.40 4.20
N ILE D 312 -6.40 -4.08 5.22
CA ILE D 312 -6.94 -3.92 6.56
C ILE D 312 -6.65 -2.53 7.12
N LEU D 313 -5.47 -1.99 6.81
CA LEU D 313 -5.14 -0.65 7.28
C LEU D 313 -6.13 0.33 6.66
N MET D 314 -6.47 0.13 5.38
CA MET D 314 -7.41 1.04 4.73
C MET D 314 -8.81 0.85 5.28
N VAL D 315 -9.19 -0.38 5.59
CA VAL D 315 -10.51 -0.62 6.14
C VAL D 315 -10.69 0.12 7.48
N LEU D 316 -9.66 0.03 8.33
CA LEU D 316 -9.69 0.64 9.65
C LEU D 316 -9.57 2.15 9.72
N LYS D 317 -8.86 2.76 8.78
CA LYS D 317 -8.64 4.21 8.82
C LYS D 317 -9.90 5.04 8.81
N GLY D 318 -9.95 6.00 9.73
CA GLY D 318 -11.11 6.87 9.82
C GLY D 318 -12.46 6.24 10.19
N LEU D 319 -12.47 5.02 10.69
CA LEU D 319 -13.74 4.43 11.10
C LEU D 319 -14.13 4.99 12.46
N PRO D 320 -15.43 5.26 12.68
CA PRO D 320 -15.86 5.79 13.99
C PRO D 320 -16.08 4.59 14.92
N SER D 321 -16.23 4.85 16.23
CA SER D 321 -16.48 3.78 17.20
C SER D 321 -18.00 3.51 17.15
N THR D 322 -18.46 2.29 17.46
CA THR D 322 -17.65 1.16 17.89
C THR D 322 -17.61 0.10 16.79
N TYR D 323 -18.59 -0.80 16.76
CA TYR D 323 -18.62 -1.83 15.71
C TYR D 323 -19.24 -1.29 14.43
N ASN D 324 -18.67 -1.70 13.31
CA ASN D 324 -19.16 -1.33 11.98
C ASN D 324 -18.98 -2.58 11.12
N LYS D 325 -19.86 -2.76 10.14
CA LYS D 325 -19.77 -3.93 9.28
C LYS D 325 -18.46 -3.99 8.49
N ASP D 326 -17.75 -2.86 8.41
CA ASP D 326 -16.49 -2.80 7.67
C ASP D 326 -15.51 -3.83 8.21
N LEU D 327 -15.55 -4.04 9.52
CA LEU D 327 -14.63 -4.97 10.19
C LEU D 327 -14.69 -6.42 9.72
N GLN D 328 -15.76 -6.78 9.02
CA GLN D 328 -15.89 -8.15 8.53
C GLN D 328 -14.79 -8.53 7.53
N GLU D 329 -14.12 -7.54 6.96
CA GLU D 329 -13.05 -7.82 6.00
C GLU D 329 -11.83 -8.48 6.64
N ASP D 330 -11.79 -8.53 7.96
CA ASP D 330 -10.62 -9.10 8.61
C ASP D 330 -10.38 -10.60 8.40
N LYS D 331 -11.44 -11.39 8.43
CA LYS D 331 -11.28 -12.84 8.32
C LYS D 331 -10.59 -13.36 7.07
N GLU D 332 -11.04 -12.94 5.90
CA GLU D 332 -10.42 -13.43 4.67
C GLU D 332 -8.93 -13.07 4.59
N ALA D 333 -8.56 -11.90 5.10
CA ALA D 333 -7.15 -11.50 5.07
C ALA D 333 -6.35 -12.39 6.01
N VAL D 334 -6.87 -12.65 7.20
CA VAL D 334 -6.16 -13.50 8.15
C VAL D 334 -5.97 -14.93 7.64
N PHE D 335 -7.05 -15.55 7.12
CA PHE D 335 -6.98 -16.92 6.62
C PHE D 335 -5.98 -17.06 5.48
N ASP D 336 -5.99 -16.09 4.57
CA ASP D 336 -5.07 -16.12 3.45
C ASP D 336 -3.60 -16.12 3.93
N VAL D 337 -3.26 -15.14 4.78
CA VAL D 337 -1.90 -15.00 5.28
C VAL D 337 -1.47 -16.21 6.12
N VAL D 338 -2.39 -16.75 6.93
CA VAL D 338 -2.07 -17.94 7.71
C VAL D 338 -1.68 -19.10 6.78
N ASP D 339 -2.50 -19.38 5.77
CA ASP D 339 -2.19 -20.49 4.85
C ASP D 339 -0.98 -20.20 3.98
N THR D 340 -0.79 -18.95 3.60
CA THR D 340 0.36 -18.58 2.78
C THR D 340 1.67 -18.82 3.56
N LEU D 341 1.75 -18.31 4.78
CA LEU D 341 2.96 -18.47 5.59
C LEU D 341 3.26 -19.95 5.88
N THR D 342 2.21 -20.72 6.19
CA THR D 342 2.37 -22.13 6.52
C THR D 342 2.98 -22.90 5.34
N ALA D 343 2.48 -22.60 4.14
CA ALA D 343 2.97 -23.23 2.93
C ALA D 343 4.38 -22.72 2.55
N VAL D 344 4.58 -21.41 2.55
CA VAL D 344 5.88 -20.83 2.18
C VAL D 344 7.06 -21.24 3.09
N LEU D 345 6.84 -21.23 4.40
CA LEU D 345 7.91 -21.61 5.31
C LEU D 345 8.36 -23.05 5.05
N GLN D 346 7.41 -23.95 4.86
CA GLN D 346 7.77 -25.33 4.60
C GLN D 346 8.47 -25.50 3.25
N VAL D 347 8.07 -24.76 2.23
CA VAL D 347 8.73 -24.88 0.94
C VAL D 347 10.14 -24.33 1.08
N ALA D 348 10.27 -23.23 1.82
CA ALA D 348 11.56 -22.61 2.08
C ALA D 348 12.49 -23.60 2.81
N THR D 349 11.95 -24.29 3.81
CA THR D 349 12.72 -25.27 4.55
C THR D 349 13.20 -26.36 3.59
N GLY D 350 12.30 -26.81 2.71
CA GLY D 350 12.67 -27.82 1.74
C GLY D 350 13.76 -27.38 0.78
N VAL D 351 13.64 -26.15 0.26
CA VAL D 351 14.65 -25.63 -0.65
C VAL D 351 16.03 -25.56 0.00
N ILE D 352 16.12 -24.94 1.18
CA ILE D 352 17.40 -24.81 1.87
C ILE D 352 18.04 -26.15 2.22
N SER D 353 17.25 -27.07 2.77
CA SER D 353 17.79 -28.35 3.18
C SER D 353 18.14 -29.26 2.02
N THR D 354 17.45 -29.13 0.88
CA THR D 354 17.78 -30.04 -0.20
C THR D 354 18.61 -29.49 -1.34
N LEU D 355 18.91 -28.20 -1.35
CA LEU D 355 19.70 -27.68 -2.45
C LEU D 355 21.13 -28.20 -2.35
N GLN D 356 21.80 -28.27 -3.48
CA GLN D 356 23.18 -28.73 -3.55
C GLN D 356 24.07 -27.56 -3.97
N ILE D 357 25.15 -27.31 -3.23
CA ILE D 357 26.04 -26.22 -3.63
C ILE D 357 27.20 -26.77 -4.44
N SER D 358 27.84 -25.89 -5.19
CA SER D 358 29.01 -26.23 -5.98
C SER D 358 30.17 -25.58 -5.28
N LYS D 359 30.84 -26.33 -4.40
CA LYS D 359 31.99 -25.79 -3.68
C LYS D 359 33.04 -25.38 -4.72
N GLU D 360 33.13 -26.16 -5.78
CA GLU D 360 34.09 -25.89 -6.85
C GLU D 360 33.85 -24.53 -7.54
N ASN D 361 32.61 -24.24 -7.89
CA ASN D 361 32.34 -22.96 -8.55
C ASN D 361 32.44 -21.77 -7.60
N MET D 362 32.03 -21.96 -6.35
CA MET D 362 32.12 -20.87 -5.38
C MET D 362 33.60 -20.51 -5.19
N GLU D 363 34.46 -21.52 -5.12
CA GLU D 363 35.89 -21.27 -4.96
C GLU D 363 36.51 -20.64 -6.21
N LYS D 364 36.10 -21.10 -7.38
CA LYS D 364 36.64 -20.55 -8.61
C LYS D 364 36.25 -19.08 -8.83
N ALA D 365 35.22 -18.63 -8.11
CA ALA D 365 34.78 -17.25 -8.26
C ALA D 365 35.65 -16.27 -7.46
N LEU D 366 36.43 -16.81 -6.52
CA LEU D 366 37.33 -16.01 -5.71
C LEU D 366 38.52 -15.61 -6.58
N THR D 367 38.79 -14.32 -6.67
CA THR D 367 39.91 -13.86 -7.49
C THR D 367 40.91 -13.02 -6.70
N PRO D 368 42.17 -12.94 -7.18
CA PRO D 368 43.19 -12.16 -6.49
C PRO D 368 42.83 -10.68 -6.44
N GLU D 369 42.08 -10.21 -7.43
CA GLU D 369 41.68 -8.81 -7.47
C GLU D 369 40.89 -8.42 -6.22
N MET D 370 40.23 -9.42 -5.63
CA MET D 370 39.42 -9.19 -4.42
C MET D 370 40.26 -9.05 -3.16
N LEU D 371 41.57 -9.19 -3.27
CA LEU D 371 42.44 -9.10 -2.09
C LEU D 371 43.26 -7.81 -2.00
N ALA D 372 43.00 -6.84 -2.89
CA ALA D 372 43.75 -5.59 -2.83
C ALA D 372 43.45 -4.81 -1.54
N THR D 373 42.23 -4.92 -1.04
CA THR D 373 41.89 -4.26 0.21
C THR D 373 42.67 -4.91 1.35
N ASP D 374 42.80 -6.23 1.31
CA ASP D 374 43.55 -6.96 2.33
C ASP D 374 45.03 -6.55 2.28
N LEU D 375 45.51 -6.25 1.07
CA LEU D 375 46.91 -5.85 0.91
C LEU D 375 47.11 -4.52 1.63
N ALA D 376 46.11 -3.64 1.57
CA ALA D 376 46.19 -2.36 2.26
C ALA D 376 46.14 -2.59 3.79
N LEU D 377 45.28 -3.51 4.23
CA LEU D 377 45.16 -3.82 5.65
C LEU D 377 46.47 -4.41 6.21
N TYR D 378 47.20 -5.14 5.37
CA TYR D 378 48.48 -5.73 5.76
C TYR D 378 49.43 -4.60 6.20
N LEU D 379 49.42 -3.50 5.46
CA LEU D 379 50.27 -2.37 5.77
C LEU D 379 49.75 -1.61 7.00
N VAL D 380 48.43 -1.47 7.11
CA VAL D 380 47.85 -0.78 8.25
C VAL D 380 48.25 -1.44 9.57
N ARG D 381 48.37 -2.77 9.57
CA ARG D 381 48.74 -3.50 10.79
C ARG D 381 50.25 -3.36 11.10
N LYS D 382 51.01 -2.81 10.16
CA LYS D 382 52.44 -2.59 10.38
C LYS D 382 52.68 -1.11 10.62
N GLY D 383 51.60 -0.37 10.84
CA GLY D 383 51.70 1.04 11.12
C GLY D 383 51.52 2.02 9.98
N VAL D 384 51.32 1.54 8.76
CA VAL D 384 51.15 2.46 7.67
C VAL D 384 49.77 3.11 7.79
N PRO D 385 49.71 4.45 7.74
CA PRO D 385 48.42 5.14 7.84
C PRO D 385 47.46 4.72 6.72
N PHE D 386 46.20 4.50 7.10
CA PHE D 386 45.15 4.11 6.17
C PHE D 386 45.30 4.65 4.75
N ARG D 387 45.31 5.97 4.61
CA ARG D 387 45.41 6.60 3.29
C ARG D 387 46.63 6.19 2.48
N GLN D 388 47.78 6.12 3.13
CA GLN D 388 49.01 5.74 2.43
C GLN D 388 48.99 4.25 2.04
N ALA D 389 48.43 3.41 2.92
CA ALA D 389 48.36 1.97 2.64
C ALA D 389 47.45 1.75 1.44
N HIS D 390 46.36 2.51 1.39
CA HIS D 390 45.40 2.41 0.31
C HIS D 390 46.08 2.79 -1.00
N THR D 391 46.89 3.85 -0.94
CA THR D 391 47.59 4.34 -2.11
C THR D 391 48.62 3.32 -2.54
N ALA D 392 49.27 2.70 -1.56
CA ALA D 392 50.28 1.69 -1.84
C ALA D 392 49.64 0.49 -2.55
N SER D 393 48.52 0.03 -2.03
CA SER D 393 47.83 -1.11 -2.60
C SER D 393 47.41 -0.77 -4.03
N GLY D 394 46.96 0.47 -4.25
CA GLY D 394 46.55 0.90 -5.58
C GLY D 394 47.70 0.83 -6.57
N LYS D 395 48.89 1.17 -6.09
CA LYS D 395 50.10 1.14 -6.90
C LYS D 395 50.44 -0.29 -7.32
N ALA D 396 50.24 -1.23 -6.39
CA ALA D 396 50.53 -2.64 -6.66
C ALA D 396 49.59 -3.13 -7.75
N VAL D 397 48.33 -2.72 -7.64
CA VAL D 397 47.32 -3.08 -8.62
C VAL D 397 47.73 -2.60 -10.01
N HIS D 398 48.17 -1.35 -10.10
CA HIS D 398 48.58 -0.80 -11.40
C HIS D 398 49.85 -1.48 -11.91
N LEU D 399 50.80 -1.72 -11.02
CA LEU D 399 52.05 -2.39 -11.41
C LEU D 399 51.72 -3.77 -12.00
N ALA D 400 50.90 -4.55 -11.30
CA ALA D 400 50.53 -5.87 -11.80
C ALA D 400 49.96 -5.75 -13.22
N GLU D 401 49.05 -4.79 -13.39
CA GLU D 401 48.43 -4.55 -14.69
C GLU D 401 49.49 -4.32 -15.76
N THR D 402 50.43 -3.43 -15.49
CA THR D 402 51.47 -3.11 -16.47
C THR D 402 52.37 -4.33 -16.75
N LYS D 403 52.65 -5.11 -15.70
CA LYS D 403 53.53 -6.27 -15.83
C LYS D 403 52.82 -7.48 -16.47
N GLY D 404 51.51 -7.37 -16.67
CA GLY D 404 50.73 -8.44 -17.28
C GLY D 404 50.33 -9.59 -16.36
N ILE D 405 50.45 -9.40 -15.04
CA ILE D 405 50.12 -10.44 -14.09
C ILE D 405 49.02 -9.99 -13.12
N THR D 406 48.79 -10.77 -12.07
CA THR D 406 47.80 -10.45 -11.03
C THR D 406 48.62 -10.07 -9.79
N ILE D 407 48.03 -9.34 -8.84
CA ILE D 407 48.80 -8.88 -7.68
C ILE D 407 49.45 -9.94 -6.78
N ASN D 408 48.86 -11.14 -6.76
CA ASN D 408 49.40 -12.23 -5.97
C ASN D 408 50.67 -12.80 -6.65
N LYS D 409 50.98 -12.31 -7.84
CA LYS D 409 52.16 -12.75 -8.61
C LYS D 409 53.34 -11.75 -8.58
N LEU D 410 53.09 -10.53 -8.10
CA LEU D 410 54.15 -9.53 -8.00
C LEU D 410 55.24 -10.10 -7.09
N SER D 411 56.50 -9.85 -7.42
CA SER D 411 57.59 -10.34 -6.58
C SER D 411 57.77 -9.42 -5.36
N LEU D 412 58.52 -9.87 -4.37
CA LEU D 412 58.78 -9.09 -3.17
C LEU D 412 59.50 -7.80 -3.59
N GLU D 413 60.36 -7.93 -4.58
CA GLU D 413 61.11 -6.79 -5.10
C GLU D 413 60.10 -5.80 -5.70
N ASP D 414 59.09 -6.33 -6.39
CA ASP D 414 58.05 -5.48 -6.96
C ASP D 414 57.36 -4.69 -5.86
N LEU D 415 56.90 -5.40 -4.83
CA LEU D 415 56.19 -4.77 -3.73
C LEU D 415 57.03 -3.81 -2.92
N LYS D 416 58.30 -4.16 -2.70
CA LYS D 416 59.15 -3.29 -1.92
C LYS D 416 59.36 -1.96 -2.62
N SER D 417 59.22 -1.96 -3.94
CA SER D 417 59.39 -0.73 -4.71
C SER D 417 58.20 0.18 -4.47
N ILE D 418 57.13 -0.37 -3.89
CA ILE D 418 55.93 0.42 -3.60
C ILE D 418 56.00 0.93 -2.16
N SER D 419 56.38 0.05 -1.24
CA SER D 419 56.51 0.38 0.17
C SER D 419 57.53 -0.55 0.83
N PRO D 420 58.46 0.01 1.61
CA PRO D 420 59.46 -0.82 2.28
C PRO D 420 58.84 -1.65 3.41
N GLN D 421 57.58 -1.36 3.73
CA GLN D 421 56.88 -2.08 4.78
C GLN D 421 56.40 -3.46 4.36
N PHE D 422 56.51 -3.78 3.07
CA PHE D 422 56.12 -5.08 2.57
C PHE D 422 57.26 -6.06 2.85
N SER D 423 56.97 -7.15 3.56
CA SER D 423 57.98 -8.16 3.88
C SER D 423 57.61 -9.46 3.21
N SER D 424 58.47 -10.47 3.33
CA SER D 424 58.20 -11.73 2.68
C SER D 424 56.87 -12.34 3.14
N ASP D 425 56.48 -12.07 4.39
CA ASP D 425 55.22 -12.63 4.90
C ASP D 425 53.96 -12.11 4.19
N VAL D 426 54.13 -11.09 3.35
CA VAL D 426 52.98 -10.53 2.60
C VAL D 426 52.33 -11.61 1.73
N SER D 427 53.05 -12.69 1.45
CA SER D 427 52.49 -13.74 0.61
C SER D 427 51.27 -14.35 1.29
N GLN D 428 51.20 -14.21 2.62
CA GLN D 428 50.07 -14.75 3.38
C GLN D 428 48.78 -13.97 3.10
N VAL D 429 48.91 -12.80 2.49
CA VAL D 429 47.74 -11.98 2.14
C VAL D 429 46.95 -12.68 1.04
N PHE D 430 47.67 -13.32 0.12
CA PHE D 430 47.06 -14.02 -1.00
C PHE D 430 46.65 -15.46 -0.69
N ASN D 431 45.60 -15.54 0.11
CA ASN D 431 45.06 -16.81 0.56
C ASN D 431 43.65 -16.46 0.99
N PHE D 432 42.65 -17.06 0.36
CA PHE D 432 41.26 -16.73 0.67
C PHE D 432 40.82 -17.10 2.08
N VAL D 433 41.41 -18.14 2.64
CA VAL D 433 41.06 -18.50 4.01
C VAL D 433 41.63 -17.44 4.95
N ASN D 434 42.85 -17.00 4.72
CA ASN D 434 43.44 -15.97 5.58
C ASN D 434 42.61 -14.69 5.48
N SER D 435 42.06 -14.44 4.29
CA SER D 435 41.22 -13.27 4.08
C SER D 435 40.00 -13.25 5.02
N VAL D 436 39.19 -14.31 5.01
CA VAL D 436 38.00 -14.33 5.86
C VAL D 436 38.34 -14.43 7.34
N GLU D 437 39.52 -14.96 7.64
CA GLU D 437 39.93 -15.07 9.03
C GLU D 437 40.35 -13.74 9.68
N GLN D 438 40.40 -12.65 8.90
CA GLN D 438 40.72 -11.36 9.52
C GLN D 438 39.54 -10.87 10.36
N TYR D 439 38.35 -11.37 10.01
CA TYR D 439 37.13 -10.91 10.66
C TYR D 439 36.68 -11.63 11.91
N THR D 440 37.53 -11.56 12.93
CA THR D 440 37.30 -12.18 14.22
C THR D 440 36.44 -11.31 15.13
N ALA D 441 36.38 -10.00 14.87
CA ALA D 441 35.54 -9.13 15.71
C ALA D 441 34.12 -9.71 15.65
N LEU D 442 33.41 -9.72 16.78
CA LEU D 442 32.06 -10.30 16.83
C LEU D 442 31.17 -9.90 15.66
N ALA D 443 30.50 -10.90 15.09
CA ALA D 443 29.62 -10.67 13.95
C ALA D 443 30.28 -10.85 12.59
N GLY D 444 31.62 -10.87 12.55
CA GLY D 444 32.34 -11.04 11.30
C GLY D 444 32.35 -12.45 10.72
N THR D 445 33.01 -12.63 9.57
CA THR D 445 33.01 -13.91 8.88
C THR D 445 34.10 -14.94 9.25
N ALA D 446 34.99 -14.59 10.17
CA ALA D 446 36.02 -15.56 10.56
C ALA D 446 35.32 -16.79 11.13
N LYS D 447 35.97 -17.95 11.02
CA LYS D 447 35.39 -19.19 11.52
C LYS D 447 34.91 -19.11 12.97
N SER D 448 35.71 -18.51 13.85
CA SER D 448 35.33 -18.42 15.27
C SER D 448 34.08 -17.57 15.47
N SER D 449 33.91 -16.56 14.63
CA SER D 449 32.74 -15.71 14.74
C SER D 449 31.49 -16.43 14.23
N VAL D 450 31.67 -17.19 13.14
CA VAL D 450 30.57 -17.95 12.59
C VAL D 450 30.14 -18.99 13.62
N THR D 451 31.11 -19.65 14.26
CA THR D 451 30.80 -20.64 15.28
C THR D 451 30.01 -20.02 16.43
N THR D 452 30.44 -18.83 16.86
CA THR D 452 29.77 -18.09 17.93
C THR D 452 28.31 -17.76 17.56
N GLN D 453 28.11 -17.27 16.34
CA GLN D 453 26.78 -16.95 15.84
C GLN D 453 25.87 -18.18 15.90
N ILE D 454 26.37 -19.32 15.45
CA ILE D 454 25.58 -20.55 15.47
C ILE D 454 25.11 -20.87 16.89
N GLU D 455 26.01 -20.75 17.86
CA GLU D 455 25.62 -21.02 19.23
C GLU D 455 24.65 -19.97 19.76
N GLN D 456 24.81 -18.72 19.34
CA GLN D 456 23.89 -17.67 19.78
C GLN D 456 22.49 -17.90 19.21
N LEU D 457 22.43 -18.39 17.98
CA LEU D 457 21.16 -18.66 17.31
C LEU D 457 20.48 -19.92 17.88
N ARG D 458 21.28 -20.93 18.22
CA ARG D 458 20.71 -22.13 18.81
C ARG D 458 20.04 -21.76 20.15
N GLU D 459 20.67 -20.84 20.88
CA GLU D 459 20.14 -20.38 22.15
C GLU D 459 18.86 -19.57 21.95
N LEU D 460 18.86 -18.69 20.95
CA LEU D 460 17.68 -17.88 20.67
C LEU D 460 16.52 -18.76 20.26
N MET D 461 16.78 -19.76 19.42
CA MET D 461 15.71 -20.67 19.01
C MET D 461 15.15 -21.41 20.24
N LYS D 462 16.03 -21.86 21.12
CA LYS D 462 15.60 -22.57 22.32
C LYS D 462 14.71 -21.66 23.17
N LYS D 463 15.18 -20.45 23.43
CA LYS D 463 14.42 -19.48 24.22
C LYS D 463 13.05 -19.20 23.58
N GLN D 464 13.05 -18.96 22.28
CA GLN D 464 11.81 -18.65 21.57
C GLN D 464 10.90 -19.87 21.49
N LYS D 465 11.49 -21.05 21.30
CA LYS D 465 10.69 -22.26 21.20
C LYS D 465 10.01 -22.51 22.53
N GLU D 466 10.69 -22.13 23.62
CA GLU D 466 10.11 -22.30 24.95
C GLU D 466 8.98 -21.29 25.03
N GLN D 467 9.07 -20.27 24.19
CA GLN D 467 8.09 -19.18 24.07
C GLN D 467 8.32 -18.10 25.12
O51 AS1 E . -0.82 -18.10 -14.03
O52 AS1 E . 1.15 -17.62 -14.89
C5 AS1 E . 0.25 -18.43 -14.59
C4 AS1 E . 0.44 -19.91 -14.93
N4 AS1 E . -0.60 -20.74 -14.23
C3 AS1 E . 0.35 -20.12 -16.44
C2 AS1 E . 1.66 -19.92 -17.20
C1 AS1 E . 2.76 -20.90 -16.78
N2 AS1 E . 3.75 -21.02 -17.85
C AS1 E . 4.55 -22.06 -18.07
N3 AS1 E . 4.52 -23.13 -17.28
N1 AS1 E . 5.33 -22.02 -19.14
CA AS1 E . 6.78 -22.14 -19.27
CG AS1 E . 7.66 -22.59 -18.08
OG2 AS1 E . 8.37 -23.61 -18.19
OG1 AS1 E . 7.64 -21.88 -17.07
CB AS1 E . 7.09 -23.01 -20.51
CD AS1 E . 5.99 -22.97 -21.59
OD1 AS1 E . 4.85 -23.42 -21.32
OD2 AS1 E . 6.29 -22.53 -22.73
O51 AS1 F . 21.91 6.30 2.82
O52 AS1 F . 22.57 4.34 2.10
C5 AS1 F . 22.76 5.56 2.29
C4 AS1 F . 24.11 6.18 1.87
N4 AS1 F . 24.05 7.66 1.78
C3 AS1 F . 25.22 5.77 2.84
C2 AS1 F . 25.88 4.41 2.52
C1 AS1 F . 26.70 4.44 1.23
N2 AS1 F . 27.77 3.45 1.30
C AS1 F . 28.83 3.39 0.49
N3 AS1 F . 29.00 4.26 -0.50
N1 AS1 F . 29.74 2.43 0.74
CA AS1 F . 30.20 1.37 -0.16
CG AS1 F . 29.93 1.50 -1.65
OG2 AS1 F . 30.83 1.93 -2.42
OG1 AS1 F . 28.81 1.14 -2.06
CB AS1 F . 31.71 1.10 0.08
CD AS1 F . 32.18 1.38 1.51
OD1 AS1 F . 31.99 2.53 1.99
OD2 AS1 F . 32.77 0.46 2.14
O51 AS1 G . -3.81 22.73 0.40
O52 AS1 G . -5.94 22.38 0.80
C5 AS1 G . -4.90 23.08 0.86
C4 AS1 G . -4.96 24.45 1.54
N4 AS1 G . -3.56 24.95 1.81
C3 AS1 G . -5.69 25.47 0.66
C2 AS1 G . -7.23 25.42 0.76
C1 AS1 G . -7.73 25.88 2.14
N2 AS1 G . -9.07 26.45 2.02
C AS1 G . -9.70 27.15 2.96
N3 AS1 G . -9.12 27.40 4.14
N1 AS1 G . -10.91 27.63 2.69
CA AS1 G . -12.17 27.35 3.38
CG AS1 G . -12.10 26.97 4.87
OG2 AS1 G . -11.75 25.80 5.13
OG1 AS1 G . -12.40 27.80 5.75
CB AS1 G . -13.15 28.55 3.19
CD AS1 G . -12.91 29.36 1.91
OD1 AS1 G . -13.86 29.47 1.09
OD2 AS1 G . -11.78 29.88 1.73
O51 AS1 H . -17.14 -10.67 10.83
O52 AS1 H . -17.79 -8.73 11.68
C5 AS1 H . -18.01 -9.90 11.27
C4 AS1 H . -19.46 -10.42 11.32
N4 AS1 H . -19.68 -11.52 10.34
C3 AS1 H . -19.79 -10.90 12.75
C2 AS1 H . -20.17 -9.77 13.73
C1 AS1 H . -21.48 -9.06 13.35
N2 AS1 H . -22.13 -8.54 14.55
C AS1 H . -23.41 -8.15 14.62
N3 AS1 H . -24.20 -8.24 13.56
N1 AS1 H . -23.86 -7.72 15.80
CA AS1 H . -24.45 -6.41 16.09
CG AS1 H . -25.22 -5.72 14.96
OG2 AS1 H . -24.54 -5.23 14.04
OG1 AS1 H . -26.48 -5.66 14.99
CB AS1 H . -25.35 -6.47 17.38
CD AS1 H . -25.14 -7.71 18.27
OD1 AS1 H . -25.02 -7.51 19.50
OD2 AS1 H . -25.13 -8.86 17.77
#